data_5IUE
#
_entry.id   5IUE
#
_cell.length_a   102.453
_cell.length_b   115.324
_cell.length_c   168.361
_cell.angle_alpha   90.00
_cell.angle_beta   90.00
_cell.angle_gamma   90.00
#
_symmetry.space_group_name_H-M   'P 21 21 21'
#
loop_
_entity.id
_entity.type
_entity.pdbx_description
1 polymer 'cDNA FLJ39643 fis, clone SMINT2004023, highly similar to HLA class I histocompatibility antigen, alphachain F'
2 polymer Beta-2-microglobulin
3 polymer 'Peptide LEU-ILE-LEU-ARG-TRP-GLU-GLN-ASP'
4 non-polymer 2-acetamido-2-deoxy-beta-D-glucopyranose
5 water water
#
loop_
_entity_poly.entity_id
_entity_poly.type
_entity_poly.pdbx_seq_one_letter_code
_entity_poly.pdbx_strand_id
1 'polypeptide(L)'
;GSHSLRYFSTAVSRPGRGEPRYIAVEYVDDTQFLRFDSDAAIPRMEPREPWVEQEGPQYWEWTTGYAKANAQTDRVALRN
LLRRYNQSEAGSHTLQGMNGCDMGPDGRLLRGYHQHAYDGKDYISLNEDLRSWTAADTVAQITQRFYEAEEYAEEFRTYL
EGECLELLRRYLENGKETLQRADPPKAHVAHHPISDHEATLRCWALGFYPAEITLTWQRDGEEQTQDTELVETRPAGDGT
FQKWAAVVVPSGEEQRYTCHVQHEGLPQPLILRWEQSPQPTIPI
;
A,E,G,I
2 'polypeptide(L)'
;MLLVNQSHQGFNKEHTSKMVSAIVLYVLLAAAAHSAFAADLHHHHHHHHGSGGLEVLFQGPEFGGSADPIQRTPKIQVYS
RHPAENGKSNFLNCYVSGFHPSDIEVDLLKNGERIEKVEHSDLSFSKDWSFYLLYYTEFTPTEKDEYACRVNHVTLSQPK
IVKWDRDMGGGGSGGSGSGGGS
;
B,F,H,J
3 'polypeptide(L)' LILRWEQD K,L,M,N
#
# COMPACT_ATOMS: atom_id res chain seq x y z
N SER A 2 -0.97 -25.21 6.04
CA SER A 2 -1.99 -24.35 5.46
C SER A 2 -1.56 -23.87 4.07
N HIS A 3 -0.33 -23.38 3.97
CA HIS A 3 0.23 -22.94 2.69
C HIS A 3 1.66 -23.45 2.56
N SER A 4 2.17 -23.40 1.34
CA SER A 4 3.50 -23.91 1.04
C SER A 4 4.17 -23.02 -0.01
N LEU A 5 5.49 -22.87 0.13
CA LEU A 5 6.34 -22.21 -0.85
C LEU A 5 7.38 -23.21 -1.33
N ARG A 6 7.55 -23.34 -2.64
CA ARG A 6 8.42 -24.38 -3.18
C ARG A 6 9.28 -23.82 -4.31
N TYR A 7 10.50 -24.35 -4.39
CA TYR A 7 11.42 -24.10 -5.48
C TYR A 7 11.77 -25.44 -6.12
N PHE A 8 11.54 -25.55 -7.43
CA PHE A 8 11.85 -26.77 -8.16
C PHE A 8 12.89 -26.46 -9.23
N SER A 9 13.86 -27.36 -9.39
CA SER A 9 14.92 -27.18 -10.36
C SER A 9 15.21 -28.50 -11.06
N THR A 10 15.54 -28.41 -12.34
CA THR A 10 15.89 -29.57 -13.15
C THR A 10 17.12 -29.25 -13.98
N ALA A 11 18.17 -30.06 -13.82
CA ALA A 11 19.41 -29.89 -14.57
C ALA A 11 19.60 -31.12 -15.44
N VAL A 12 19.64 -30.92 -16.76
CA VAL A 12 19.71 -32.01 -17.72
C VAL A 12 20.90 -31.78 -18.64
N SER A 13 21.84 -32.72 -18.63
CA SER A 13 23.00 -32.63 -19.51
C SER A 13 22.66 -33.14 -20.91
N ARG A 14 23.27 -32.53 -21.92
CA ARG A 14 23.08 -32.89 -23.32
C ARG A 14 24.44 -33.16 -23.95
N PRO A 15 24.91 -34.40 -23.89
CA PRO A 15 26.26 -34.72 -24.40
C PRO A 15 26.42 -34.45 -25.88
N GLY A 16 27.38 -33.59 -26.22
CA GLY A 16 27.61 -33.15 -27.58
C GLY A 16 26.72 -32.04 -28.09
N ARG A 17 25.55 -31.83 -27.48
CA ARG A 17 24.62 -30.81 -27.93
C ARG A 17 24.75 -29.50 -27.16
N GLY A 18 25.77 -29.37 -26.33
CA GLY A 18 26.02 -28.17 -25.55
C GLY A 18 25.78 -28.38 -24.07
N GLU A 19 25.93 -27.28 -23.33
CA GLU A 19 25.99 -27.32 -21.89
C GLU A 19 24.63 -27.65 -21.28
N PRO A 20 24.61 -28.16 -20.04
CA PRO A 20 23.35 -28.61 -19.44
C PRO A 20 22.32 -27.48 -19.31
N ARG A 21 21.06 -27.84 -19.50
CA ARG A 21 19.95 -26.92 -19.37
C ARG A 21 19.44 -26.91 -17.95
N TYR A 22 19.14 -25.72 -17.44
CA TYR A 22 18.67 -25.54 -16.07
C TYR A 22 17.31 -24.84 -16.12
N ILE A 23 16.28 -25.55 -15.67
CA ILE A 23 14.92 -25.02 -15.61
C ILE A 23 14.48 -25.01 -14.15
N ALA A 24 14.10 -23.84 -13.65
CA ALA A 24 13.66 -23.70 -12.28
C ALA A 24 12.33 -22.97 -12.24
N VAL A 25 11.44 -23.41 -11.34
CA VAL A 25 10.13 -22.79 -11.15
C VAL A 25 9.85 -22.70 -9.66
N GLU A 26 9.02 -21.72 -9.28
CA GLU A 26 8.61 -21.54 -7.89
C GLU A 26 7.09 -21.55 -7.79
N TYR A 27 6.59 -22.19 -6.74
CA TYR A 27 5.16 -22.34 -6.50
C TYR A 27 4.80 -21.78 -5.14
N VAL A 28 3.63 -21.13 -5.07
CA VAL A 28 2.89 -20.97 -3.82
C VAL A 28 1.71 -21.92 -3.93
N ASP A 29 1.72 -22.96 -3.09
CA ASP A 29 0.76 -24.06 -3.21
C ASP A 29 0.77 -24.62 -4.63
N ASP A 30 -0.38 -24.60 -5.29
CA ASP A 30 -0.53 -25.13 -6.63
C ASP A 30 -0.42 -24.06 -7.73
N THR A 31 -0.06 -22.83 -7.36
CA THR A 31 0.08 -21.73 -8.32
C THR A 31 1.56 -21.46 -8.56
N GLN A 32 1.98 -21.53 -9.82
CA GLN A 32 3.37 -21.25 -10.20
C GLN A 32 3.52 -19.79 -10.57
N PHE A 33 4.27 -19.04 -9.74
CA PHE A 33 4.49 -17.62 -9.98
C PHE A 33 5.86 -17.26 -10.55
N LEU A 34 6.78 -18.22 -10.70
CA LEU A 34 8.13 -17.90 -11.15
C LEU A 34 8.68 -18.99 -12.04
N ARG A 35 9.59 -18.59 -12.93
CA ARG A 35 10.30 -19.54 -13.78
C ARG A 35 11.67 -18.98 -14.15
N PHE A 36 12.60 -19.89 -14.42
CA PHE A 36 13.92 -19.55 -14.96
C PHE A 36 14.34 -20.63 -15.94
N ASP A 37 14.79 -20.21 -17.12
CA ASP A 37 15.27 -21.14 -18.15
C ASP A 37 16.59 -20.63 -18.69
N SER A 38 17.64 -21.45 -18.53
CA SER A 38 18.96 -21.10 -19.03
C SER A 38 19.04 -21.05 -20.55
N ASP A 39 18.05 -21.63 -21.25
CA ASP A 39 18.03 -21.61 -22.71
C ASP A 39 17.41 -20.35 -23.29
N ALA A 40 16.75 -19.53 -22.47
CA ALA A 40 16.18 -18.29 -22.97
C ALA A 40 17.29 -17.34 -23.44
N ALA A 41 16.95 -16.48 -24.41
CA ALA A 41 17.91 -15.47 -24.85
C ALA A 41 18.32 -14.55 -23.70
N ILE A 42 17.42 -14.31 -22.75
CA ILE A 42 17.67 -13.43 -21.62
C ILE A 42 17.42 -14.26 -20.36
N PRO A 43 18.37 -15.14 -19.97
CA PRO A 43 18.12 -16.04 -18.85
C PRO A 43 17.98 -15.33 -17.51
N ARG A 44 16.81 -14.75 -17.28
CA ARG A 44 16.48 -14.10 -16.01
C ARG A 44 15.27 -14.79 -15.40
N MET A 45 15.09 -14.59 -14.09
CA MET A 45 13.87 -15.03 -13.44
C MET A 45 12.70 -14.22 -13.95
N GLU A 46 11.62 -14.90 -14.33
CA GLU A 46 10.51 -14.20 -14.97
C GLU A 46 9.21 -14.47 -14.23
N PRO A 47 8.35 -13.47 -14.11
CA PRO A 47 7.06 -13.68 -13.43
C PRO A 47 6.12 -14.53 -14.28
N ARG A 48 5.54 -15.55 -13.65
CA ARG A 48 4.48 -16.34 -14.25
C ARG A 48 3.10 -15.98 -13.77
N GLU A 49 2.97 -15.01 -12.87
CA GLU A 49 1.69 -14.61 -12.32
C GLU A 49 1.67 -13.10 -12.13
N PRO A 50 0.52 -12.46 -12.30
CA PRO A 50 0.49 -10.98 -12.23
C PRO A 50 0.88 -10.40 -10.89
N TRP A 51 0.54 -11.05 -9.77
CA TRP A 51 0.75 -10.41 -8.47
C TRP A 51 2.22 -10.33 -8.07
N VAL A 52 3.10 -11.10 -8.71
CA VAL A 52 4.53 -10.98 -8.43
C VAL A 52 5.23 -10.03 -9.40
N GLU A 53 4.53 -9.52 -10.40
CA GLU A 53 5.12 -8.58 -11.35
C GLU A 53 5.43 -7.22 -10.72
N GLN A 54 4.78 -6.89 -9.60
CA GLN A 54 4.95 -5.60 -8.96
C GLN A 54 6.28 -5.46 -8.21
N GLU A 55 7.03 -6.56 -8.05
CA GLU A 55 8.24 -6.52 -7.25
C GLU A 55 9.30 -5.62 -7.88
N GLY A 56 10.05 -4.91 -7.04
CA GLY A 56 10.99 -3.95 -7.50
C GLY A 56 12.22 -4.57 -8.15
N PRO A 57 13.15 -3.72 -8.57
CA PRO A 57 14.35 -4.24 -9.28
C PRO A 57 15.22 -5.13 -8.42
N GLN A 58 15.33 -4.82 -7.12
CA GLN A 58 16.17 -5.64 -6.25
C GLN A 58 15.64 -7.05 -6.11
N TYR A 59 14.32 -7.23 -6.14
CA TYR A 59 13.76 -8.57 -6.09
C TYR A 59 14.18 -9.39 -7.29
N TRP A 60 14.13 -8.79 -8.48
CA TRP A 60 14.43 -9.54 -9.70
C TRP A 60 15.93 -9.79 -9.84
N GLU A 61 16.76 -8.86 -9.37
CA GLU A 61 18.19 -9.15 -9.31
C GLU A 61 18.47 -10.23 -8.28
N TRP A 62 17.71 -10.24 -7.19
CA TRP A 62 17.88 -11.26 -6.16
C TRP A 62 17.43 -12.62 -6.66
N THR A 63 16.25 -12.70 -7.28
CA THR A 63 15.75 -13.98 -7.77
C THR A 63 16.59 -14.50 -8.93
N THR A 64 16.84 -13.64 -9.93
CA THR A 64 17.75 -14.03 -11.00
C THR A 64 19.13 -14.38 -10.46
N GLY A 65 19.54 -13.73 -9.37
CA GLY A 65 20.81 -14.01 -8.73
C GLY A 65 20.96 -15.45 -8.29
N TYR A 66 20.03 -15.95 -7.48
CA TYR A 66 20.18 -17.32 -6.98
C TYR A 66 19.77 -18.37 -7.99
N ALA A 67 18.97 -18.01 -9.00
CA ALA A 67 18.70 -18.95 -10.09
C ALA A 67 19.96 -19.23 -10.89
N LYS A 68 20.68 -18.18 -11.30
CA LYS A 68 21.92 -18.36 -12.03
C LYS A 68 22.96 -19.07 -11.19
N ALA A 69 23.01 -18.77 -9.89
CA ALA A 69 23.99 -19.42 -9.02
C ALA A 69 23.69 -20.90 -8.87
N ASN A 70 22.42 -21.27 -8.73
CA ASN A 70 22.06 -22.68 -8.65
C ASN A 70 22.32 -23.40 -9.97
N ALA A 71 22.07 -22.72 -11.10
CA ALA A 71 22.37 -23.30 -12.40
C ALA A 71 23.86 -23.63 -12.50
N GLN A 72 24.71 -22.70 -12.06
CA GLN A 72 26.14 -22.96 -11.99
C GLN A 72 26.46 -24.10 -11.05
N THR A 73 25.82 -24.11 -9.87
CA THR A 73 26.09 -25.15 -8.89
C THR A 73 25.74 -26.54 -9.41
N ASP A 74 24.60 -26.67 -10.08
CA ASP A 74 24.16 -27.98 -10.55
C ASP A 74 24.92 -28.42 -11.79
N ARG A 75 25.45 -27.48 -12.58
CA ARG A 75 26.30 -27.88 -13.71
C ARG A 75 27.60 -28.49 -13.22
N VAL A 76 28.21 -27.90 -12.19
CA VAL A 76 29.40 -28.49 -11.59
C VAL A 76 29.06 -29.80 -10.90
N ALA A 77 27.88 -29.87 -10.27
CA ALA A 77 27.45 -31.09 -9.62
C ALA A 77 27.23 -32.22 -10.63
N LEU A 78 26.68 -31.90 -11.80
CA LEU A 78 26.45 -32.93 -12.80
C LEU A 78 27.75 -33.56 -13.28
N ARG A 79 28.80 -32.76 -13.48
CA ARG A 79 30.07 -33.35 -13.90
C ARG A 79 30.76 -34.08 -12.74
N ASN A 80 30.56 -33.62 -11.51
CA ASN A 80 31.14 -34.33 -10.37
C ASN A 80 30.43 -35.64 -10.12
N LEU A 81 29.10 -35.66 -10.23
CA LEU A 81 28.35 -36.89 -10.03
C LEU A 81 28.67 -37.90 -11.12
N LEU A 82 28.90 -37.43 -12.36
CA LEU A 82 29.26 -38.34 -13.43
C LEU A 82 30.57 -39.08 -13.12
N ARG A 83 31.54 -38.37 -12.51
CA ARG A 83 32.81 -39.01 -12.18
C ARG A 83 32.63 -39.99 -11.04
N ARG A 84 31.96 -39.56 -9.97
CA ARG A 84 31.84 -40.37 -8.75
C ARG A 84 31.05 -41.65 -8.98
N TYR A 85 30.17 -41.68 -9.97
CA TYR A 85 29.41 -42.87 -10.30
C TYR A 85 30.06 -43.69 -11.42
N ASN A 86 31.23 -43.25 -11.92
CA ASN A 86 31.97 -43.97 -12.94
C ASN A 86 31.11 -44.20 -14.18
N GLN A 87 30.51 -43.12 -14.67
CA GLN A 87 29.55 -43.18 -15.77
C GLN A 87 30.14 -42.56 -17.03
N SER A 88 29.66 -43.04 -18.18
CA SER A 88 30.15 -42.56 -19.46
C SER A 88 29.72 -41.11 -19.68
N GLU A 89 30.60 -40.34 -20.33
CA GLU A 89 30.29 -38.96 -20.67
C GLU A 89 29.38 -38.85 -21.90
N ALA A 90 29.09 -39.96 -22.58
CA ALA A 90 28.17 -39.94 -23.71
C ALA A 90 26.71 -39.90 -23.28
N GLY A 91 26.40 -40.31 -22.05
CA GLY A 91 25.03 -40.39 -21.60
C GLY A 91 24.51 -39.12 -20.96
N SER A 92 23.21 -38.91 -21.07
CA SER A 92 22.55 -37.76 -20.46
C SER A 92 22.08 -38.11 -19.05
N HIS A 93 22.17 -37.14 -18.15
CA HIS A 93 21.80 -37.37 -16.76
C HIS A 93 21.02 -36.17 -16.23
N THR A 94 20.26 -36.43 -15.17
CA THR A 94 19.33 -35.45 -14.61
C THR A 94 19.64 -35.22 -13.14
N LEU A 95 19.67 -33.96 -12.74
CA LEU A 95 19.80 -33.56 -11.34
C LEU A 95 18.62 -32.66 -10.99
N GLN A 96 17.76 -33.14 -10.09
CA GLN A 96 16.59 -32.39 -9.64
C GLN A 96 16.77 -32.01 -8.18
N GLY A 97 16.13 -30.91 -7.80
CA GLY A 97 16.15 -30.49 -6.40
C GLY A 97 14.91 -29.71 -6.04
N MET A 98 14.58 -29.74 -4.75
CA MET A 98 13.38 -29.09 -4.24
C MET A 98 13.66 -28.55 -2.85
N ASN A 99 13.20 -27.34 -2.58
CA ASN A 99 13.30 -26.78 -1.24
C ASN A 99 12.14 -25.83 -1.01
N GLY A 100 11.84 -25.59 0.25
CA GLY A 100 10.78 -24.68 0.63
C GLY A 100 10.20 -25.06 1.98
N CYS A 101 9.16 -24.30 2.37
CA CYS A 101 8.58 -24.41 3.70
C CYS A 101 7.09 -24.61 3.62
N ASP A 102 6.56 -25.30 4.63
CA ASP A 102 5.13 -25.40 4.88
C ASP A 102 4.80 -24.56 6.11
N MET A 103 3.88 -23.61 5.95
CA MET A 103 3.50 -22.71 7.02
C MET A 103 2.10 -23.06 7.50
N GLY A 104 1.93 -23.13 8.82
CA GLY A 104 0.64 -23.43 9.40
C GLY A 104 -0.21 -22.20 9.53
N PRO A 105 -1.46 -22.40 9.97
CA PRO A 105 -2.38 -21.26 10.11
C PRO A 105 -1.90 -20.23 11.10
N ASP A 106 -1.08 -20.61 12.07
CA ASP A 106 -0.52 -19.68 13.04
C ASP A 106 0.71 -18.94 12.53
N GLY A 107 1.15 -19.22 11.30
CA GLY A 107 2.29 -18.55 10.72
C GLY A 107 3.64 -19.18 11.01
N ARG A 108 3.68 -20.37 11.60
CA ARG A 108 4.93 -21.01 11.98
C ARG A 108 5.25 -22.13 11.00
N LEU A 109 6.44 -22.72 11.17
CA LEU A 109 6.93 -23.72 10.25
C LEU A 109 6.35 -25.09 10.59
N LEU A 110 5.59 -25.65 9.64
CA LEU A 110 5.14 -27.03 9.79
C LEU A 110 6.23 -28.01 9.36
N ARG A 111 6.82 -27.80 8.20
CA ARG A 111 7.88 -28.66 7.70
C ARG A 111 8.79 -27.86 6.77
N GLY A 112 10.10 -28.14 6.84
CA GLY A 112 11.03 -27.67 5.84
C GLY A 112 11.42 -28.80 4.89
N TYR A 113 11.99 -28.41 3.74
CA TYR A 113 12.45 -29.37 2.75
C TYR A 113 13.72 -28.86 2.10
N HIS A 114 14.75 -29.72 2.07
CA HIS A 114 15.90 -29.51 1.21
C HIS A 114 16.28 -30.90 0.67
N GLN A 115 16.17 -31.11 -0.63
CA GLN A 115 16.43 -32.45 -1.13
C GLN A 115 16.79 -32.42 -2.61
N HIS A 116 17.52 -33.45 -3.05
CA HIS A 116 17.95 -33.61 -4.43
C HIS A 116 17.67 -35.04 -4.89
N ALA A 117 17.62 -35.21 -6.21
CA ALA A 117 17.50 -36.51 -6.84
C ALA A 117 18.38 -36.57 -8.06
N TYR A 118 19.09 -37.69 -8.24
CA TYR A 118 19.94 -37.90 -9.41
C TYR A 118 19.33 -39.00 -10.27
N ASP A 119 19.09 -38.67 -11.55
CA ASP A 119 18.46 -39.59 -12.50
C ASP A 119 17.16 -40.17 -11.95
N GLY A 120 16.35 -39.31 -11.33
CA GLY A 120 15.05 -39.71 -10.82
C GLY A 120 15.05 -40.53 -9.56
N LYS A 121 16.21 -40.75 -8.95
CA LYS A 121 16.31 -41.49 -7.70
C LYS A 121 16.75 -40.56 -6.59
N ASP A 122 16.18 -40.76 -5.40
CA ASP A 122 16.56 -39.96 -4.24
C ASP A 122 18.07 -39.98 -4.02
N TYR A 123 18.63 -38.81 -3.78
CA TYR A 123 20.07 -38.64 -3.58
C TYR A 123 20.40 -38.23 -2.16
N ILE A 124 19.98 -37.04 -1.73
CA ILE A 124 20.19 -36.59 -0.36
C ILE A 124 19.01 -35.70 0.03
N SER A 125 18.65 -35.73 1.31
CA SER A 125 17.51 -34.97 1.78
C SER A 125 17.72 -34.52 3.22
N LEU A 126 17.22 -33.34 3.53
CA LEU A 126 17.23 -32.82 4.90
C LEU A 126 16.15 -33.50 5.72
N ASN A 127 16.51 -33.98 6.90
CA ASN A 127 15.58 -34.70 7.74
C ASN A 127 14.60 -33.75 8.43
N GLU A 128 13.64 -34.32 9.16
CA GLU A 128 12.57 -33.52 9.75
C GLU A 128 13.08 -32.60 10.86
N ASP A 129 14.08 -33.05 11.63
CA ASP A 129 14.65 -32.17 12.66
C ASP A 129 15.38 -30.98 12.06
N LEU A 130 15.69 -31.04 10.77
CA LEU A 130 16.40 -30.01 10.01
C LEU A 130 17.81 -29.79 10.54
N ARG A 131 18.32 -30.71 11.35
CA ARG A 131 19.70 -30.70 11.79
C ARG A 131 20.56 -31.78 11.16
N SER A 132 19.99 -32.66 10.32
CA SER A 132 20.72 -33.82 9.84
C SER A 132 20.22 -34.20 8.45
N TRP A 133 21.01 -35.04 7.78
CA TRP A 133 20.78 -35.42 6.40
C TRP A 133 20.65 -36.93 6.27
N THR A 134 19.98 -37.36 5.21
CA THR A 134 19.89 -38.76 4.81
C THR A 134 20.51 -38.90 3.42
N ALA A 135 21.65 -39.60 3.35
CA ALA A 135 22.29 -39.88 2.08
C ALA A 135 21.81 -41.23 1.56
N ALA A 136 21.46 -41.27 0.27
CA ALA A 136 20.85 -42.47 -0.28
C ALA A 136 21.87 -43.58 -0.49
N ASP A 137 23.08 -43.23 -0.92
CA ASP A 137 24.10 -44.20 -1.23
C ASP A 137 25.45 -43.69 -0.74
N THR A 138 26.50 -44.47 -1.03
CA THR A 138 27.85 -44.11 -0.58
C THR A 138 28.33 -42.83 -1.23
N VAL A 139 28.00 -42.63 -2.50
CA VAL A 139 28.43 -41.42 -3.22
C VAL A 139 27.84 -40.17 -2.55
N ALA A 140 26.58 -40.25 -2.12
CA ALA A 140 25.94 -39.10 -1.50
C ALA A 140 26.57 -38.71 -0.16
N GLN A 141 27.25 -39.67 0.51
CA GLN A 141 27.94 -39.32 1.74
C GLN A 141 29.03 -38.27 1.54
N ILE A 142 29.54 -38.13 0.31
CA ILE A 142 30.47 -37.03 0.02
C ILE A 142 29.75 -35.70 0.18
N THR A 143 28.54 -35.59 -0.37
CA THR A 143 27.76 -34.37 -0.22
C THR A 143 27.36 -34.13 1.23
N GLN A 144 27.01 -35.19 1.95
CA GLN A 144 26.65 -35.05 3.36
C GLN A 144 27.82 -34.51 4.18
N ARG A 145 29.00 -35.08 3.99
CA ARG A 145 30.17 -34.60 4.73
C ARG A 145 30.51 -33.16 4.37
N PHE A 146 30.29 -32.77 3.11
CA PHE A 146 30.44 -31.37 2.74
C PHE A 146 29.41 -30.50 3.46
N TYR A 147 28.16 -30.95 3.51
CA TYR A 147 27.13 -30.21 4.22
C TYR A 147 27.48 -30.03 5.69
N GLU A 148 27.97 -31.09 6.33
CA GLU A 148 28.28 -31.03 7.76
C GLU A 148 29.48 -30.13 8.03
N ALA A 149 30.48 -30.15 7.15
CA ALA A 149 31.65 -29.29 7.33
C ALA A 149 31.26 -27.82 7.23
N GLU A 150 30.36 -27.48 6.30
CA GLU A 150 29.85 -26.13 6.18
C GLU A 150 28.80 -25.78 7.23
N GLU A 151 28.37 -26.74 8.05
CA GLU A 151 27.22 -26.57 8.93
C GLU A 151 26.03 -26.03 8.15
N TYR A 152 25.78 -26.66 7.01
CA TYR A 152 24.81 -26.15 6.05
C TYR A 152 23.37 -26.38 6.52
N ALA A 153 23.13 -27.42 7.32
CA ALA A 153 21.79 -27.66 7.86
C ALA A 153 21.34 -26.49 8.72
N GLU A 154 22.24 -25.95 9.55
CA GLU A 154 21.89 -24.81 10.39
C GLU A 154 21.62 -23.56 9.55
N GLU A 155 22.42 -23.33 8.51
CA GLU A 155 22.22 -22.16 7.66
C GLU A 155 20.84 -22.20 6.99
N PHE A 156 20.47 -23.35 6.42
CA PHE A 156 19.20 -23.44 5.72
C PHE A 156 18.02 -23.51 6.69
N ARG A 157 18.23 -24.04 7.90
CA ARG A 157 17.17 -24.03 8.90
C ARG A 157 16.80 -22.59 9.26
N THR A 158 17.80 -21.70 9.32
CA THR A 158 17.52 -20.29 9.57
C THR A 158 16.71 -19.67 8.44
N TYR A 159 17.02 -20.04 7.19
CA TYR A 159 16.20 -19.56 6.07
C TYR A 159 14.79 -20.09 6.16
N LEU A 160 14.64 -21.39 6.45
CA LEU A 160 13.31 -21.98 6.55
C LEU A 160 12.50 -21.32 7.65
N GLU A 161 13.11 -21.07 8.80
CA GLU A 161 12.36 -20.48 9.91
C GLU A 161 12.16 -18.98 9.72
N GLY A 162 13.23 -18.24 9.46
CA GLY A 162 13.08 -16.81 9.26
C GLY A 162 12.51 -16.30 7.95
N GLU A 163 13.23 -16.48 6.85
CA GLU A 163 12.87 -15.77 5.62
C GLU A 163 11.82 -16.52 4.80
N CYS A 164 11.90 -17.85 4.75
CA CYS A 164 10.97 -18.62 3.93
C CYS A 164 9.52 -18.31 4.32
N LEU A 165 9.25 -18.26 5.63
CA LEU A 165 7.92 -17.88 6.09
C LEU A 165 7.60 -16.43 5.73
N GLU A 166 8.58 -15.54 5.86
CA GLU A 166 8.34 -14.13 5.54
C GLU A 166 8.06 -13.94 4.06
N LEU A 167 8.76 -14.67 3.19
CA LEU A 167 8.49 -14.60 1.76
C LEU A 167 7.09 -15.12 1.46
N LEU A 168 6.69 -16.22 2.11
CA LEU A 168 5.38 -16.80 1.86
C LEU A 168 4.26 -15.84 2.29
N ARG A 169 4.43 -15.19 3.44
CA ARG A 169 3.43 -14.22 3.88
C ARG A 169 3.33 -13.06 2.90
N ARG A 170 4.46 -12.60 2.36
CA ARG A 170 4.45 -11.55 1.35
C ARG A 170 3.62 -11.95 0.14
N TYR A 171 3.87 -13.16 -0.38
CA TYR A 171 3.17 -13.62 -1.57
C TYR A 171 1.68 -13.81 -1.30
N LEU A 172 1.34 -14.43 -0.18
CA LEU A 172 -0.07 -14.66 0.15
C LEU A 172 -0.84 -13.35 0.27
N GLU A 173 -0.16 -12.27 0.67
CA GLU A 173 -0.81 -10.96 0.74
C GLU A 173 -0.93 -10.33 -0.65
N ASN A 174 0.16 -10.35 -1.42
CA ASN A 174 0.14 -9.75 -2.76
C ASN A 174 -0.77 -10.53 -3.70
N GLY A 175 -0.81 -11.86 -3.55
CA GLY A 175 -1.61 -12.72 -4.39
C GLY A 175 -2.90 -13.16 -3.73
N LYS A 176 -3.37 -12.35 -2.78
CA LYS A 176 -4.49 -12.73 -1.92
C LYS A 176 -5.68 -13.28 -2.69
N GLU A 177 -6.03 -12.65 -3.82
CA GLU A 177 -7.21 -13.10 -4.55
C GLU A 177 -6.98 -14.47 -5.17
N THR A 178 -5.79 -14.69 -5.75
CA THR A 178 -5.49 -15.97 -6.37
C THR A 178 -5.10 -17.03 -5.34
N LEU A 179 -4.24 -16.66 -4.40
CA LEU A 179 -3.62 -17.66 -3.53
C LEU A 179 -4.53 -18.11 -2.39
N GLN A 180 -5.31 -17.20 -1.81
CA GLN A 180 -6.08 -17.53 -0.62
C GLN A 180 -7.47 -18.06 -0.94
N ARG A 181 -7.79 -18.26 -2.21
CA ARG A 181 -9.07 -18.84 -2.60
C ARG A 181 -9.09 -20.34 -2.37
N ALA A 182 -10.29 -20.86 -2.14
CA ALA A 182 -10.56 -22.28 -2.26
C ALA A 182 -11.82 -22.42 -3.10
N ASP A 183 -11.66 -22.95 -4.31
CA ASP A 183 -12.80 -23.15 -5.20
C ASP A 183 -13.32 -24.58 -5.04
N PRO A 184 -14.55 -24.78 -4.61
CA PRO A 184 -15.05 -26.14 -4.44
C PRO A 184 -15.24 -26.82 -5.78
N PRO A 185 -15.24 -28.15 -5.82
CA PRO A 185 -15.45 -28.85 -7.08
C PRO A 185 -16.91 -28.81 -7.51
N LYS A 186 -17.12 -28.83 -8.82
CA LYS A 186 -18.41 -29.11 -9.41
C LYS A 186 -18.43 -30.58 -9.79
N ALA A 187 -19.31 -31.35 -9.15
CA ALA A 187 -19.26 -32.80 -9.21
C ALA A 187 -20.51 -33.38 -9.83
N HIS A 188 -20.34 -34.43 -10.64
CA HIS A 188 -21.46 -35.15 -11.22
C HIS A 188 -20.99 -36.56 -11.58
N VAL A 189 -21.97 -37.45 -11.81
CA VAL A 189 -21.72 -38.84 -12.14
C VAL A 189 -22.18 -39.10 -13.56
N ALA A 190 -21.32 -39.72 -14.36
CA ALA A 190 -21.63 -40.10 -15.74
C ALA A 190 -21.79 -41.62 -15.85
N HIS A 191 -22.70 -42.04 -16.73
CA HIS A 191 -23.03 -43.45 -16.90
C HIS A 191 -22.73 -43.86 -18.33
N HIS A 192 -21.84 -44.84 -18.49
CA HIS A 192 -21.39 -45.31 -19.80
C HIS A 192 -21.46 -46.83 -19.89
N PRO A 193 -22.54 -47.38 -20.44
CA PRO A 193 -22.61 -48.84 -20.62
C PRO A 193 -21.45 -49.36 -21.46
N ILE A 194 -20.73 -50.34 -20.92
CA ILE A 194 -19.63 -50.99 -21.64
C ILE A 194 -20.06 -52.27 -22.34
N SER A 195 -21.26 -52.78 -22.06
CA SER A 195 -21.74 -54.06 -22.57
C SER A 195 -23.24 -54.12 -22.27
N ASP A 196 -23.85 -55.26 -22.56
CA ASP A 196 -25.24 -55.46 -22.17
C ASP A 196 -25.40 -55.65 -20.67
N HIS A 197 -24.44 -56.31 -20.01
CA HIS A 197 -24.52 -56.57 -18.58
C HIS A 197 -23.64 -55.67 -17.71
N GLU A 198 -22.95 -54.69 -18.28
CA GLU A 198 -22.06 -53.88 -17.46
C GLU A 198 -22.03 -52.43 -17.95
N ALA A 199 -21.69 -51.53 -17.03
CA ALA A 199 -21.64 -50.11 -17.31
C ALA A 199 -20.60 -49.44 -16.41
N THR A 200 -20.08 -48.31 -16.89
CA THR A 200 -19.09 -47.53 -16.15
C THR A 200 -19.74 -46.35 -15.46
N LEU A 201 -19.49 -46.19 -14.17
CA LEU A 201 -19.89 -45.02 -13.40
C LEU A 201 -18.64 -44.19 -13.15
N ARG A 202 -18.58 -43.01 -13.75
CA ARG A 202 -17.44 -42.11 -13.60
C ARG A 202 -17.87 -40.88 -12.81
N CYS A 203 -17.14 -40.59 -11.74
CA CYS A 203 -17.42 -39.46 -10.86
C CYS A 203 -16.50 -38.31 -11.20
N TRP A 204 -17.07 -37.20 -11.65
CA TRP A 204 -16.29 -36.07 -12.12
C TRP A 204 -16.20 -34.98 -11.05
N ALA A 205 -15.02 -34.35 -10.97
CA ALA A 205 -14.80 -33.18 -10.14
C ALA A 205 -14.10 -32.13 -10.98
N LEU A 206 -14.72 -30.94 -11.09
CA LEU A 206 -14.24 -29.92 -12.00
C LEU A 206 -14.15 -28.57 -11.30
N GLY A 207 -13.20 -27.76 -11.74
CA GLY A 207 -13.10 -26.38 -11.32
C GLY A 207 -12.66 -26.16 -9.88
N PHE A 208 -11.94 -27.10 -9.28
CA PHE A 208 -11.58 -27.00 -7.88
C PHE A 208 -10.13 -26.54 -7.70
N TYR A 209 -9.90 -25.75 -6.66
CA TYR A 209 -8.57 -25.36 -6.24
C TYR A 209 -8.53 -25.32 -4.71
N PRO A 210 -7.40 -25.75 -4.10
CA PRO A 210 -6.20 -26.31 -4.72
C PRO A 210 -6.39 -27.73 -5.29
N ALA A 211 -5.29 -28.32 -5.76
CA ALA A 211 -5.39 -29.57 -6.53
C ALA A 211 -5.72 -30.77 -5.67
N GLU A 212 -5.41 -30.73 -4.37
CA GLU A 212 -5.66 -31.88 -3.50
C GLU A 212 -7.15 -32.17 -3.41
N ILE A 213 -7.52 -33.43 -3.66
CA ILE A 213 -8.91 -33.85 -3.63
C ILE A 213 -8.93 -35.36 -3.40
N THR A 214 -10.07 -35.86 -2.91
CA THR A 214 -10.26 -37.29 -2.72
C THR A 214 -11.63 -37.68 -3.27
N LEU A 215 -11.63 -38.54 -4.28
CA LEU A 215 -12.84 -39.08 -4.88
C LEU A 215 -12.84 -40.59 -4.64
N THR A 216 -13.88 -41.10 -3.99
CA THR A 216 -13.98 -42.51 -3.69
C THR A 216 -15.35 -43.03 -4.07
N TRP A 217 -15.41 -44.32 -4.37
CA TRP A 217 -16.65 -45.02 -4.68
C TRP A 217 -16.96 -46.03 -3.59
N GLN A 218 -18.23 -46.10 -3.20
CA GLN A 218 -18.71 -47.06 -2.24
C GLN A 218 -19.85 -47.86 -2.85
N ARG A 219 -19.91 -49.14 -2.48
CA ARG A 219 -21.01 -50.03 -2.85
C ARG A 219 -21.69 -50.49 -1.57
N ASP A 220 -22.94 -50.05 -1.37
CA ASP A 220 -23.69 -50.33 -0.15
C ASP A 220 -22.91 -49.90 1.09
N GLY A 221 -22.21 -48.77 0.97
CA GLY A 221 -21.45 -48.21 2.07
C GLY A 221 -20.02 -48.69 2.17
N GLU A 222 -19.69 -49.83 1.58
CA GLU A 222 -18.34 -50.35 1.60
C GLU A 222 -17.54 -49.79 0.43
N GLU A 223 -16.39 -49.19 0.73
CA GLU A 223 -15.59 -48.55 -0.31
C GLU A 223 -14.99 -49.59 -1.23
N GLN A 224 -14.98 -49.28 -2.54
CA GLN A 224 -14.37 -50.18 -3.51
C GLN A 224 -13.00 -49.58 -3.83
N THR A 225 -12.00 -50.01 -3.07
CA THR A 225 -10.65 -49.46 -3.22
C THR A 225 -9.93 -50.02 -4.44
N GLN A 226 -9.96 -51.34 -4.60
CA GLN A 226 -9.21 -52.02 -5.64
C GLN A 226 -9.87 -51.91 -7.00
N ASP A 227 -11.18 -51.69 -7.06
CA ASP A 227 -11.92 -51.66 -8.31
C ASP A 227 -12.10 -50.25 -8.87
N THR A 228 -11.53 -49.24 -8.24
CA THR A 228 -11.73 -47.86 -8.68
C THR A 228 -10.56 -47.41 -9.55
N GLU A 229 -10.87 -46.93 -10.76
CA GLU A 229 -9.88 -46.33 -11.63
C GLU A 229 -9.85 -44.82 -11.40
N LEU A 230 -8.65 -44.28 -11.16
CA LEU A 230 -8.44 -42.85 -10.99
C LEU A 230 -7.54 -42.34 -12.11
N VAL A 231 -7.69 -41.06 -12.42
CA VAL A 231 -6.77 -40.37 -13.32
C VAL A 231 -6.00 -39.34 -12.53
N GLU A 232 -4.78 -39.08 -12.98
CA GLU A 232 -3.97 -38.03 -12.40
C GLU A 232 -4.71 -36.70 -12.46
N THR A 233 -4.73 -35.99 -11.34
CA THR A 233 -5.37 -34.68 -11.30
C THR A 233 -4.74 -33.78 -12.36
N ARG A 234 -5.58 -33.13 -13.15
CA ARG A 234 -5.04 -32.41 -14.29
C ARG A 234 -5.45 -30.95 -14.25
N PRO A 235 -4.59 -30.03 -14.68
CA PRO A 235 -4.96 -28.62 -14.72
C PRO A 235 -5.89 -28.31 -15.88
N ALA A 236 -6.87 -27.44 -15.62
CA ALA A 236 -7.74 -26.97 -16.69
C ALA A 236 -7.07 -25.89 -17.52
N GLY A 237 -6.09 -25.19 -16.98
CA GLY A 237 -5.44 -24.09 -17.66
C GLY A 237 -5.86 -22.71 -17.18
N ASP A 238 -6.99 -22.60 -16.51
CA ASP A 238 -7.48 -21.34 -15.96
C ASP A 238 -7.12 -21.15 -14.49
N GLY A 239 -6.36 -22.07 -13.91
CA GLY A 239 -6.06 -22.02 -12.49
C GLY A 239 -6.80 -23.02 -11.64
N THR A 240 -7.68 -23.84 -12.22
CA THR A 240 -8.40 -24.87 -11.50
C THR A 240 -7.94 -26.24 -12.00
N PHE A 241 -8.49 -27.29 -11.39
CA PHE A 241 -8.05 -28.66 -11.64
C PHE A 241 -9.25 -29.56 -11.89
N GLN A 242 -8.97 -30.71 -12.48
CA GLN A 242 -9.98 -31.71 -12.82
C GLN A 242 -9.49 -33.09 -12.41
N LYS A 243 -10.43 -33.93 -12.00
CA LYS A 243 -10.13 -35.32 -11.71
C LYS A 243 -11.40 -36.13 -11.86
N TRP A 244 -11.25 -37.42 -12.15
CA TRP A 244 -12.40 -38.32 -12.09
C TRP A 244 -11.98 -39.68 -11.55
N ALA A 245 -12.97 -40.38 -11.01
CA ALA A 245 -12.84 -41.75 -10.53
C ALA A 245 -13.95 -42.59 -11.12
N ALA A 246 -13.61 -43.77 -11.61
CA ALA A 246 -14.56 -44.63 -12.28
C ALA A 246 -14.55 -46.02 -11.67
N VAL A 247 -15.69 -46.69 -11.76
CA VAL A 247 -15.86 -48.06 -11.30
C VAL A 247 -16.79 -48.79 -12.27
N VAL A 248 -16.50 -50.05 -12.53
CA VAL A 248 -17.32 -50.88 -13.41
C VAL A 248 -18.33 -51.63 -12.58
N VAL A 249 -19.60 -51.47 -12.89
CA VAL A 249 -20.68 -52.00 -12.06
C VAL A 249 -21.60 -52.86 -12.91
N PRO A 250 -22.31 -53.81 -12.29
CA PRO A 250 -23.30 -54.59 -13.05
C PRO A 250 -24.47 -53.71 -13.47
N SER A 251 -24.97 -53.95 -14.68
CA SER A 251 -26.12 -53.18 -15.17
C SER A 251 -27.35 -53.48 -14.34
N GLY A 252 -28.03 -52.42 -13.89
CA GLY A 252 -29.18 -52.53 -13.02
C GLY A 252 -28.87 -52.44 -11.54
N GLU A 253 -27.60 -52.56 -11.15
CA GLU A 253 -27.16 -52.40 -9.78
C GLU A 253 -26.62 -51.01 -9.48
N GLU A 254 -26.72 -50.07 -10.43
CA GLU A 254 -26.07 -48.76 -10.29
C GLU A 254 -26.42 -48.06 -8.99
N GLN A 255 -27.64 -48.24 -8.50
CA GLN A 255 -28.09 -47.51 -7.31
C GLN A 255 -27.39 -47.96 -6.03
N ARG A 256 -26.73 -49.12 -6.04
CA ARG A 256 -25.99 -49.53 -4.86
C ARG A 256 -24.70 -48.71 -4.66
N TYR A 257 -24.33 -47.89 -5.63
CA TYR A 257 -23.05 -47.20 -5.64
C TYR A 257 -23.23 -45.72 -5.38
N THR A 258 -22.32 -45.16 -4.58
CA THR A 258 -22.31 -43.73 -4.26
C THR A 258 -20.90 -43.20 -4.38
N CYS A 259 -20.76 -42.01 -4.96
CA CYS A 259 -19.48 -41.32 -5.02
C CYS A 259 -19.36 -40.36 -3.85
N HIS A 260 -18.14 -40.22 -3.33
CA HIS A 260 -17.86 -39.36 -2.19
C HIS A 260 -16.74 -38.41 -2.56
N VAL A 261 -16.97 -37.12 -2.36
CA VAL A 261 -16.06 -36.06 -2.80
C VAL A 261 -15.59 -35.32 -1.56
N GLN A 262 -14.27 -35.26 -1.36
CA GLN A 262 -13.66 -34.54 -0.27
C GLN A 262 -12.70 -33.50 -0.83
N HIS A 263 -12.95 -32.23 -0.52
CA HIS A 263 -12.10 -31.14 -0.97
C HIS A 263 -12.19 -30.02 0.06
N GLU A 264 -11.08 -29.31 0.25
CA GLU A 264 -11.04 -28.30 1.30
C GLU A 264 -11.94 -27.10 0.99
N GLY A 265 -12.34 -26.93 -0.26
CA GLY A 265 -13.26 -25.85 -0.62
C GLY A 265 -14.71 -26.11 -0.30
N LEU A 266 -15.05 -27.34 0.10
CA LEU A 266 -16.40 -27.73 0.45
C LEU A 266 -16.65 -27.52 1.94
N PRO A 267 -17.84 -27.05 2.32
CA PRO A 267 -18.17 -27.03 3.76
C PRO A 267 -18.10 -28.39 4.42
N GLN A 268 -18.37 -29.46 3.67
CA GLN A 268 -18.21 -30.81 4.15
C GLN A 268 -18.15 -31.74 2.94
N PRO A 269 -17.87 -33.02 3.14
CA PRO A 269 -17.85 -33.95 1.99
C PRO A 269 -19.23 -34.09 1.35
N LEU A 270 -19.22 -34.39 0.06
CA LEU A 270 -20.43 -34.56 -0.74
C LEU A 270 -20.62 -36.03 -1.09
N ILE A 271 -21.87 -36.43 -1.27
CA ILE A 271 -22.22 -37.77 -1.73
C ILE A 271 -23.06 -37.64 -2.99
N LEU A 272 -22.76 -38.48 -3.99
CA LEU A 272 -23.45 -38.45 -5.27
C LEU A 272 -23.92 -39.83 -5.66
N ARG A 273 -25.06 -39.88 -6.33
CA ARG A 273 -25.56 -41.06 -7.00
C ARG A 273 -25.72 -40.73 -8.48
N TRP A 274 -25.72 -41.76 -9.31
CA TRP A 274 -26.11 -41.57 -10.70
C TRP A 274 -27.62 -41.37 -10.76
N GLU A 275 -28.05 -40.24 -11.31
CA GLU A 275 -29.45 -39.87 -11.36
C GLU A 275 -29.99 -40.17 -12.75
N GLN A 276 -30.85 -41.19 -12.84
CA GLN A 276 -31.40 -41.60 -14.13
C GLN A 276 -32.77 -40.97 -14.36
N PRO B 69 19.84 -45.44 -15.86
CA PRO B 69 18.84 -44.51 -15.31
C PRO B 69 17.43 -45.08 -15.35
N ILE B 70 16.62 -44.77 -14.34
CA ILE B 70 15.24 -45.26 -14.35
C ILE B 70 14.47 -44.53 -15.44
N GLN B 71 13.40 -45.17 -15.92
CA GLN B 71 12.57 -44.60 -16.98
C GLN B 71 11.11 -44.76 -16.59
N ARG B 72 10.34 -43.69 -16.77
CA ARG B 72 8.91 -43.71 -16.50
C ARG B 72 8.16 -43.25 -17.74
N THR B 73 7.11 -44.00 -18.08
CA THR B 73 6.31 -43.72 -19.27
C THR B 73 5.32 -42.59 -18.99
N PRO B 74 5.18 -41.64 -19.92
CA PRO B 74 4.21 -40.56 -19.71
C PRO B 74 2.78 -41.07 -19.72
N LYS B 75 1.96 -40.49 -18.85
CA LYS B 75 0.51 -40.67 -18.90
C LYS B 75 -0.08 -39.48 -19.65
N ILE B 76 -1.00 -39.74 -20.56
CA ILE B 76 -1.49 -38.73 -21.50
C ILE B 76 -2.98 -38.57 -21.30
N GLN B 77 -3.42 -37.32 -21.18
CA GLN B 77 -4.83 -36.97 -21.11
C GLN B 77 -5.11 -35.85 -22.10
N VAL B 78 -6.12 -36.04 -22.94
CA VAL B 78 -6.52 -35.05 -23.93
C VAL B 78 -7.95 -34.63 -23.60
N TYR B 79 -8.13 -33.34 -23.34
CA TYR B 79 -9.41 -32.85 -22.82
C TYR B 79 -9.53 -31.36 -23.12
N SER B 80 -10.74 -30.85 -22.94
CA SER B 80 -11.02 -29.43 -23.08
C SER B 80 -11.11 -28.77 -21.70
N ARG B 81 -10.68 -27.51 -21.63
CA ARG B 81 -10.73 -26.77 -20.37
C ARG B 81 -12.15 -26.65 -19.85
N HIS B 82 -13.11 -26.39 -20.72
CA HIS B 82 -14.51 -26.28 -20.39
C HIS B 82 -15.28 -27.36 -21.14
N PRO B 83 -16.49 -27.70 -20.69
CA PRO B 83 -17.31 -28.66 -21.45
C PRO B 83 -17.47 -28.21 -22.89
N ALA B 84 -17.20 -29.12 -23.81
CA ALA B 84 -17.14 -28.76 -25.23
C ALA B 84 -18.53 -28.47 -25.77
N GLU B 85 -18.65 -27.35 -26.49
CA GLU B 85 -19.87 -26.99 -27.19
C GLU B 85 -19.49 -26.52 -28.58
N ASN B 86 -20.07 -27.14 -29.60
CA ASN B 86 -19.77 -26.77 -30.98
C ASN B 86 -20.07 -25.29 -31.20
N GLY B 87 -19.09 -24.56 -31.74
CA GLY B 87 -19.23 -23.16 -32.02
C GLY B 87 -18.78 -22.22 -30.92
N LYS B 88 -18.50 -22.73 -29.72
CA LYS B 88 -18.09 -21.91 -28.59
C LYS B 88 -16.59 -22.07 -28.35
N SER B 89 -15.87 -20.96 -28.28
CA SER B 89 -14.43 -20.99 -28.11
C SER B 89 -14.05 -21.67 -26.80
N ASN B 90 -12.92 -22.37 -26.82
CA ASN B 90 -12.51 -23.21 -25.71
C ASN B 90 -10.99 -23.35 -25.74
N PHE B 91 -10.46 -24.23 -24.90
CA PHE B 91 -9.04 -24.57 -24.90
C PHE B 91 -8.88 -26.09 -24.93
N LEU B 92 -7.97 -26.56 -25.77
CA LEU B 92 -7.66 -27.98 -25.90
C LEU B 92 -6.38 -28.27 -25.13
N ASN B 93 -6.45 -29.20 -24.19
CA ASN B 93 -5.34 -29.52 -23.31
C ASN B 93 -4.82 -30.92 -23.59
N CYS B 94 -3.49 -31.05 -23.59
CA CYS B 94 -2.82 -32.35 -23.52
C CYS B 94 -1.95 -32.31 -22.27
N TYR B 95 -2.32 -33.11 -21.26
CA TYR B 95 -1.58 -33.16 -20.01
C TYR B 95 -0.73 -34.42 -20.00
N VAL B 96 0.58 -34.24 -19.87
CA VAL B 96 1.55 -35.33 -19.87
C VAL B 96 2.23 -35.33 -18.51
N SER B 97 2.13 -36.44 -17.80
CA SER B 97 2.58 -36.49 -16.41
C SER B 97 3.21 -37.84 -16.11
N GLY B 98 4.03 -37.86 -15.06
CA GLY B 98 4.59 -39.09 -14.54
C GLY B 98 5.74 -39.69 -15.33
N PHE B 99 6.45 -38.89 -16.12
CA PHE B 99 7.47 -39.43 -17.01
C PHE B 99 8.87 -39.00 -16.58
N HIS B 100 9.83 -39.89 -16.85
CA HIS B 100 11.25 -39.61 -16.68
C HIS B 100 11.99 -40.32 -17.80
N PRO B 101 13.05 -39.68 -18.35
CA PRO B 101 13.51 -38.32 -18.09
C PRO B 101 12.65 -37.23 -18.74
N SER B 102 13.14 -35.99 -18.70
CA SER B 102 12.31 -34.83 -19.02
C SER B 102 12.13 -34.62 -20.51
N ASP B 103 13.07 -35.08 -21.34
CA ASP B 103 12.97 -34.85 -22.78
C ASP B 103 11.73 -35.53 -23.34
N ILE B 104 10.87 -34.75 -23.99
CA ILE B 104 9.62 -35.25 -24.52
C ILE B 104 9.19 -34.37 -25.68
N GLU B 105 8.42 -34.95 -26.60
CA GLU B 105 7.89 -34.24 -27.75
C GLU B 105 6.38 -34.33 -27.70
N VAL B 106 5.70 -33.19 -27.61
CA VAL B 106 4.25 -33.14 -27.51
C VAL B 106 3.72 -32.21 -28.59
N ASP B 107 2.87 -32.74 -29.46
CA ASP B 107 2.21 -31.96 -30.50
C ASP B 107 0.71 -32.16 -30.43
N LEU B 108 -0.04 -31.10 -30.71
CA LEU B 108 -1.50 -31.18 -30.83
C LEU B 108 -1.87 -31.29 -32.29
N LEU B 109 -2.69 -32.29 -32.61
CA LEU B 109 -3.06 -32.59 -33.99
C LEU B 109 -4.51 -32.19 -34.24
N LYS B 110 -4.74 -31.55 -35.39
CA LYS B 110 -6.08 -31.25 -35.88
C LYS B 110 -6.27 -31.96 -37.21
N ASN B 111 -7.15 -32.97 -37.22
CA ASN B 111 -7.40 -33.79 -38.40
C ASN B 111 -6.10 -34.42 -38.92
N GLY B 112 -5.22 -34.79 -37.99
CA GLY B 112 -3.97 -35.44 -38.31
C GLY B 112 -2.80 -34.51 -38.59
N GLU B 113 -3.01 -33.19 -38.60
CA GLU B 113 -1.95 -32.24 -38.90
C GLU B 113 -1.57 -31.47 -37.63
N ARG B 114 -0.29 -31.13 -37.55
CA ARG B 114 0.22 -30.39 -36.40
C ARG B 114 -0.40 -29.01 -36.32
N ILE B 115 -0.77 -28.60 -35.11
CA ILE B 115 -1.29 -27.27 -34.85
C ILE B 115 -0.10 -26.35 -34.60
N GLU B 116 -0.05 -25.23 -35.34
CA GLU B 116 1.15 -24.41 -35.36
C GLU B 116 1.33 -23.63 -34.07
N LYS B 117 0.28 -22.95 -33.61
CA LYS B 117 0.37 -22.14 -32.40
C LYS B 117 -0.07 -22.99 -31.22
N VAL B 118 0.90 -23.39 -30.40
CA VAL B 118 0.66 -24.23 -29.22
C VAL B 118 1.63 -23.77 -28.14
N GLU B 119 1.13 -23.64 -26.92
CA GLU B 119 1.95 -23.23 -25.79
C GLU B 119 1.99 -24.35 -24.76
N HIS B 120 3.03 -24.34 -23.93
CA HIS B 120 3.19 -25.35 -22.89
C HIS B 120 3.59 -24.68 -21.59
N SER B 121 3.34 -25.38 -20.49
CA SER B 121 3.72 -24.88 -19.18
C SER B 121 5.21 -25.04 -18.97
N ASP B 122 5.70 -24.54 -17.83
CA ASP B 122 7.10 -24.71 -17.46
C ASP B 122 7.32 -26.06 -16.81
N LEU B 123 8.50 -26.63 -17.05
CA LEU B 123 8.82 -27.95 -16.54
C LEU B 123 8.84 -27.97 -15.03
N SER B 124 8.05 -28.87 -14.43
CA SER B 124 8.02 -29.11 -13.00
C SER B 124 7.87 -30.60 -12.78
N PHE B 125 7.85 -31.02 -11.51
CA PHE B 125 7.76 -32.45 -11.22
C PHE B 125 7.06 -32.66 -9.89
N SER B 126 6.64 -33.90 -9.67
CA SER B 126 5.83 -34.29 -8.52
C SER B 126 6.71 -34.80 -7.39
N LYS B 127 6.07 -35.30 -6.33
CA LYS B 127 6.80 -35.76 -5.14
C LYS B 127 7.74 -36.92 -5.46
N ASP B 128 7.40 -37.75 -6.44
CA ASP B 128 8.21 -38.90 -6.81
C ASP B 128 9.27 -38.56 -7.85
N TRP B 129 9.42 -37.28 -8.19
CA TRP B 129 10.41 -36.70 -9.10
C TRP B 129 10.01 -36.83 -10.57
N SER B 130 8.89 -37.48 -10.87
CA SER B 130 8.46 -37.58 -12.26
C SER B 130 7.89 -36.26 -12.75
N PHE B 131 8.19 -35.92 -14.00
CA PHE B 131 7.83 -34.65 -14.61
C PHE B 131 6.38 -34.64 -15.08
N TYR B 132 5.82 -33.44 -15.20
CA TYR B 132 4.52 -33.23 -15.81
C TYR B 132 4.55 -31.94 -16.61
N LEU B 133 3.78 -31.93 -17.71
CA LEU B 133 3.70 -30.78 -18.60
C LEU B 133 2.27 -30.65 -19.13
N LEU B 134 1.85 -29.42 -19.38
CA LEU B 134 0.56 -29.13 -20.00
C LEU B 134 0.78 -28.42 -21.33
N TYR B 135 0.32 -29.04 -22.41
CA TYR B 135 0.31 -28.43 -23.73
C TYR B 135 -1.12 -28.03 -24.07
N TYR B 136 -1.30 -26.81 -24.56
CA TYR B 136 -2.64 -26.27 -24.73
C TYR B 136 -2.67 -25.30 -25.90
N THR B 137 -3.84 -25.19 -26.52
CA THR B 137 -4.07 -24.23 -27.58
C THR B 137 -5.53 -23.81 -27.56
N GLU B 138 -5.79 -22.57 -27.92
CA GLU B 138 -7.16 -22.08 -28.02
C GLU B 138 -7.78 -22.60 -29.32
N PHE B 139 -9.01 -23.08 -29.24
CA PHE B 139 -9.68 -23.61 -30.42
C PHE B 139 -11.19 -23.51 -30.23
N THR B 140 -11.91 -23.60 -31.34
CA THR B 140 -13.36 -23.69 -31.31
C THR B 140 -13.76 -25.05 -31.85
N PRO B 141 -14.32 -25.95 -31.02
CA PRO B 141 -14.65 -27.28 -31.52
C PRO B 141 -15.85 -27.24 -32.46
N THR B 142 -15.83 -28.16 -33.42
CA THR B 142 -16.90 -28.36 -34.38
C THR B 142 -17.28 -29.83 -34.39
N GLU B 143 -18.29 -30.15 -35.20
CA GLU B 143 -18.77 -31.53 -35.30
C GLU B 143 -17.77 -32.41 -36.06
N LYS B 144 -17.29 -31.94 -37.21
CA LYS B 144 -16.45 -32.76 -38.08
C LYS B 144 -14.99 -32.80 -37.69
N ASP B 145 -14.52 -31.86 -36.87
CA ASP B 145 -13.08 -31.74 -36.59
C ASP B 145 -12.66 -32.71 -35.48
N GLU B 146 -11.67 -33.55 -35.78
CA GLU B 146 -11.09 -34.48 -34.83
C GLU B 146 -9.75 -33.95 -34.33
N TYR B 147 -9.54 -34.03 -33.02
CA TYR B 147 -8.32 -33.56 -32.39
C TYR B 147 -7.64 -34.70 -31.64
N ALA B 148 -6.32 -34.60 -31.54
CA ALA B 148 -5.52 -35.64 -30.90
C ALA B 148 -4.22 -35.03 -30.41
N CYS B 149 -3.54 -35.77 -29.52
CA CYS B 149 -2.23 -35.40 -29.00
C CYS B 149 -1.22 -36.48 -29.36
N ARG B 150 -0.10 -36.07 -29.95
CA ARG B 150 0.99 -36.97 -30.31
C ARG B 150 2.14 -36.76 -29.34
N VAL B 151 2.54 -37.83 -28.66
CA VAL B 151 3.60 -37.78 -27.64
C VAL B 151 4.69 -38.76 -28.04
N ASN B 152 5.94 -38.30 -27.98
CA ASN B 152 7.10 -39.14 -28.23
C ASN B 152 8.04 -39.03 -27.04
N HIS B 153 8.47 -40.18 -26.51
CA HIS B 153 9.29 -40.22 -25.32
C HIS B 153 10.22 -41.44 -25.43
N VAL B 154 11.34 -41.37 -24.72
CA VAL B 154 12.35 -42.43 -24.82
C VAL B 154 11.77 -43.78 -24.42
N THR B 155 10.75 -43.79 -23.56
CA THR B 155 10.12 -45.04 -23.13
C THR B 155 9.15 -45.60 -24.17
N LEU B 156 8.87 -44.86 -25.24
CA LEU B 156 7.92 -45.29 -26.26
C LEU B 156 8.68 -45.76 -27.50
N SER B 157 8.41 -47.00 -27.92
CA SER B 157 9.06 -47.52 -29.12
C SER B 157 8.56 -46.81 -30.37
N GLN B 158 7.36 -46.25 -30.33
CA GLN B 158 6.79 -45.46 -31.42
C GLN B 158 5.97 -44.34 -30.82
N PRO B 159 5.87 -43.20 -31.50
CA PRO B 159 5.06 -42.09 -30.98
C PRO B 159 3.62 -42.51 -30.72
N LYS B 160 3.07 -42.03 -29.60
CA LYS B 160 1.73 -42.40 -29.16
C LYS B 160 0.76 -41.25 -29.43
N ILE B 161 -0.31 -41.56 -30.15
CA ILE B 161 -1.38 -40.61 -30.44
C ILE B 161 -2.60 -40.96 -29.60
N VAL B 162 -3.12 -39.99 -28.86
CA VAL B 162 -4.32 -40.16 -28.05
C VAL B 162 -5.40 -39.24 -28.60
N LYS B 163 -6.46 -39.83 -29.14
CA LYS B 163 -7.56 -39.05 -29.67
C LYS B 163 -8.29 -38.32 -28.55
N TRP B 164 -8.79 -37.12 -28.85
CA TRP B 164 -9.63 -36.39 -27.93
C TRP B 164 -11.02 -37.01 -27.93
N ASP B 165 -11.45 -37.49 -26.76
CA ASP B 165 -12.74 -38.15 -26.61
C ASP B 165 -13.70 -37.11 -26.05
N ARG B 166 -14.72 -36.74 -26.85
CA ARG B 166 -15.62 -35.67 -26.44
C ARG B 166 -16.63 -36.07 -25.39
N ASP B 167 -16.99 -37.35 -25.29
CA ASP B 167 -17.92 -37.77 -24.24
C ASP B 167 -17.10 -38.12 -23.01
N MET B 168 -17.23 -37.30 -21.97
CA MET B 168 -16.39 -37.37 -20.79
C MET B 168 -16.86 -36.32 -19.78
N SER C 2 2.63 36.94 11.78
CA SER C 2 3.57 36.07 11.09
C SER C 2 3.12 34.61 11.12
N HIS C 3 2.00 34.35 11.78
CA HIS C 3 1.43 33.01 11.82
C HIS C 3 -0.08 33.08 11.60
N SER C 4 -0.67 31.94 11.28
CA SER C 4 -2.09 31.87 10.96
C SER C 4 -2.69 30.57 11.49
N LEU C 5 -3.94 30.66 11.94
CA LEU C 5 -4.76 29.50 12.29
C LEU C 5 -6.01 29.55 11.42
N ARG C 6 -6.34 28.44 10.77
CA ARG C 6 -7.43 28.45 9.81
C ARG C 6 -8.30 27.21 9.96
N TYR C 7 -9.60 27.39 9.73
CA TYR C 7 -10.57 26.32 9.66
C TYR C 7 -11.24 26.36 8.29
N PHE C 8 -11.17 25.25 7.56
CA PHE C 8 -11.78 25.14 6.24
C PHE C 8 -12.84 24.05 6.27
N SER C 9 -13.97 24.31 5.62
CA SER C 9 -15.05 23.33 5.57
C SER C 9 -15.66 23.30 4.19
N THR C 10 -16.09 22.12 3.77
CA THR C 10 -16.77 21.91 2.50
C THR C 10 -17.99 21.04 2.73
N ALA C 11 -19.16 21.56 2.39
CA ALA C 11 -20.42 20.83 2.52
C ALA C 11 -20.99 20.65 1.12
N VAL C 12 -21.18 19.40 0.71
CA VAL C 12 -21.59 19.07 -0.65
C VAL C 12 -22.86 18.23 -0.57
N SER C 13 -23.93 18.71 -1.18
CA SER C 13 -25.17 17.97 -1.23
C SER C 13 -25.11 16.93 -2.33
N ARG C 14 -25.75 15.79 -2.09
CA ARG C 14 -25.79 14.68 -3.03
C ARG C 14 -27.25 14.30 -3.23
N PRO C 15 -27.92 14.84 -4.26
CA PRO C 15 -29.36 14.56 -4.41
C PRO C 15 -29.55 13.05 -4.48
N GLY C 16 -30.23 12.54 -3.47
CA GLY C 16 -30.10 11.17 -3.06
C GLY C 16 -30.21 11.56 -1.60
N ARG C 17 -29.46 10.90 -0.72
CA ARG C 17 -28.74 9.67 -1.01
C ARG C 17 -29.02 8.77 0.20
N GLY C 18 -28.65 9.15 1.43
CA GLY C 18 -27.65 10.16 1.81
C GLY C 18 -28.02 11.62 2.06
N GLU C 19 -27.34 12.21 3.07
CA GLU C 19 -27.26 13.59 3.52
C GLU C 19 -26.04 14.28 2.92
N PRO C 20 -26.01 15.63 2.91
CA PRO C 20 -24.79 16.33 2.49
C PRO C 20 -23.59 15.92 3.32
N ARG C 21 -22.44 15.81 2.65
CA ARG C 21 -21.19 15.46 3.31
C ARG C 21 -20.46 16.71 3.78
N TYR C 22 -19.89 16.63 4.98
CA TYR C 22 -19.19 17.76 5.59
C TYR C 22 -17.76 17.35 5.92
N ILE C 23 -16.80 18.01 5.26
CA ILE C 23 -15.37 17.76 5.49
C ILE C 23 -14.76 19.05 5.99
N ALA C 24 -14.10 18.97 7.15
CA ALA C 24 -13.47 20.13 7.77
C ALA C 24 -12.03 19.82 8.12
N VAL C 25 -11.14 20.80 7.92
CA VAL C 25 -9.73 20.69 8.24
C VAL C 25 -9.27 21.98 8.90
N GLU C 26 -8.24 21.86 9.73
CA GLU C 26 -7.65 23.02 10.38
C GLU C 26 -6.15 23.09 10.08
N TYR C 27 -5.66 24.30 9.84
CA TYR C 27 -4.27 24.55 9.50
C TYR C 27 -3.65 25.53 10.49
N VAL C 28 -2.41 25.28 10.86
CA VAL C 28 -1.50 26.30 11.38
C VAL C 28 -0.51 26.60 10.27
N ASP C 29 -0.59 27.80 9.70
CA ASP C 29 0.19 28.17 8.52
C ASP C 29 -0.05 27.15 7.41
N ASP C 30 1.02 26.52 6.92
CA ASP C 30 0.92 25.54 5.84
C ASP C 30 0.82 24.10 6.34
N THR C 31 0.69 23.89 7.65
CA THR C 31 0.59 22.57 8.24
C THR C 31 -0.85 22.30 8.68
N GLN C 32 -1.43 21.21 8.17
CA GLN C 32 -2.79 20.80 8.54
C GLN C 32 -2.72 19.82 9.70
N PHE C 33 -3.21 20.24 10.87
CA PHE C 33 -3.18 19.39 12.06
C PHE C 33 -4.52 18.72 12.41
N LEU C 34 -5.60 18.99 11.68
CA LEU C 34 -6.90 18.45 12.06
C LEU C 34 -7.73 18.12 10.83
N ARG C 35 -8.63 17.15 10.99
CA ARG C 35 -9.59 16.80 9.96
C ARG C 35 -10.87 16.26 10.60
N PHE C 36 -11.99 16.44 9.90
CA PHE C 36 -13.28 15.87 10.28
C PHE C 36 -14.04 15.46 9.02
N ASP C 37 -14.58 14.25 9.02
CA ASP C 37 -15.35 13.73 7.89
C ASP C 37 -16.65 13.14 8.41
N SER C 38 -17.78 13.70 7.98
CA SER C 38 -19.08 13.20 8.42
C SER C 38 -19.41 11.82 7.86
N ASP C 39 -18.71 11.38 6.81
CA ASP C 39 -18.95 10.06 6.25
C ASP C 39 -18.16 8.95 6.95
N ALA C 40 -17.16 9.31 7.73
CA ALA C 40 -16.38 8.30 8.44
C ALA C 40 -17.25 7.62 9.50
N ALA C 41 -16.95 6.35 9.77
CA ALA C 41 -17.60 5.65 10.86
C ALA C 41 -17.26 6.32 12.18
N ILE C 42 -18.28 6.69 12.95
CA ILE C 42 -18.12 7.44 14.19
C ILE C 42 -17.32 8.70 13.91
N PRO C 43 -17.91 9.71 13.27
CA PRO C 43 -17.14 10.92 12.92
C PRO C 43 -16.67 11.66 14.17
N ARG C 44 -15.40 12.04 14.17
CA ARG C 44 -14.81 12.82 15.24
C ARG C 44 -13.65 13.62 14.68
N MET C 45 -13.33 14.73 15.33
CA MET C 45 -12.15 15.50 14.95
C MET C 45 -10.90 14.66 15.20
N GLU C 46 -10.03 14.56 14.19
CA GLU C 46 -8.91 13.65 14.29
C GLU C 46 -7.59 14.36 14.07
N PRO C 47 -6.56 14.01 14.83
CA PRO C 47 -5.24 14.64 14.64
C PRO C 47 -4.58 14.19 13.34
N ARG C 48 -4.11 15.16 12.57
CA ARG C 48 -3.25 14.88 11.41
C ARG C 48 -1.77 15.15 11.67
N GLU C 49 -1.42 15.56 12.89
CA GLU C 49 -0.04 15.86 13.24
C GLU C 49 0.23 15.33 14.64
N PRO C 50 1.46 14.87 14.90
CA PRO C 50 1.74 14.23 16.20
C PRO C 50 1.58 15.17 17.39
N TRP C 51 1.91 16.45 17.23
CA TRP C 51 1.98 17.34 18.38
C TRP C 51 0.60 17.68 18.96
N VAL C 52 -0.47 17.46 18.22
CA VAL C 52 -1.81 17.68 18.76
C VAL C 52 -2.45 16.39 19.27
N GLU C 53 -1.78 15.24 19.09
CA GLU C 53 -2.31 13.98 19.60
C GLU C 53 -2.29 13.92 21.12
N GLN C 54 -1.45 14.74 21.76
CA GLN C 54 -1.31 14.74 23.21
C GLN C 54 -2.48 15.38 23.93
N GLU C 55 -3.38 16.02 23.20
CA GLU C 55 -4.47 16.77 23.83
C GLU C 55 -5.40 15.82 24.57
N GLY C 56 -5.90 16.28 25.72
CA GLY C 56 -6.71 15.45 26.57
C GLY C 56 -8.10 15.22 26.00
N PRO C 57 -8.92 14.48 26.75
CA PRO C 57 -10.27 14.15 26.25
C PRO C 57 -11.15 15.37 26.09
N GLN C 58 -11.00 16.38 26.95
CA GLN C 58 -11.83 17.57 26.84
C GLN C 58 -11.59 18.31 25.53
N TYR C 59 -10.36 18.30 25.04
CA TYR C 59 -10.06 18.94 23.77
C TYR C 59 -10.79 18.25 22.62
N TRP C 60 -10.78 16.92 22.59
CA TRP C 60 -11.35 16.20 21.46
C TRP C 60 -12.86 16.22 21.49
N GLU C 61 -13.47 16.24 22.67
CA GLU C 61 -14.92 16.46 22.75
C GLU C 61 -15.29 17.86 22.30
N TRP C 62 -14.43 18.84 22.60
CA TRP C 62 -14.69 20.22 22.21
C TRP C 62 -14.56 20.40 20.69
N THR C 63 -13.49 19.88 20.10
CA THR C 63 -13.29 20.03 18.66
C THR C 63 -14.33 19.24 17.88
N THR C 64 -14.54 17.96 18.25
CA THR C 64 -15.62 17.20 17.65
C THR C 64 -16.96 17.88 17.88
N GLY C 65 -17.10 18.59 19.00
CA GLY C 65 -18.31 19.32 19.30
C GLY C 65 -18.67 20.34 18.24
N TYR C 66 -17.76 21.26 17.92
CA TYR C 66 -18.08 22.28 16.93
C TYR C 66 -17.97 21.78 15.50
N ALA C 67 -17.24 20.69 15.26
CA ALA C 67 -17.25 20.08 13.94
C ALA C 67 -18.62 19.50 13.60
N LYS C 68 -19.18 18.72 14.52
CA LYS C 68 -20.52 18.15 14.30
C LYS C 68 -21.57 19.24 14.23
N ALA C 69 -21.42 20.30 15.04
CA ALA C 69 -22.41 21.38 15.06
C ALA C 69 -22.39 22.16 13.74
N ASN C 70 -21.19 22.42 13.19
CA ASN C 70 -21.11 23.15 11.93
C ASN C 70 -21.70 22.34 10.79
N ALA C 71 -21.52 21.01 10.80
CA ALA C 71 -22.13 20.16 9.79
C ALA C 71 -23.65 20.32 9.78
N GLN C 72 -24.28 20.26 10.96
CA GLN C 72 -25.72 20.47 11.04
C GLN C 72 -26.09 21.88 10.63
N THR C 73 -25.24 22.86 10.95
CA THR C 73 -25.51 24.24 10.57
C THR C 73 -25.51 24.41 9.06
N ASP C 74 -24.52 23.82 8.38
CA ASP C 74 -24.41 23.98 6.93
C ASP C 74 -25.38 23.10 6.17
N ARG C 75 -25.83 21.98 6.76
CA ARG C 75 -26.87 21.18 6.13
C ARG C 75 -28.18 21.93 6.07
N VAL C 76 -28.53 22.64 7.15
CA VAL C 76 -29.71 23.49 7.12
C VAL C 76 -29.49 24.67 6.16
N ALA C 77 -28.27 25.20 6.13
CA ALA C 77 -27.95 26.30 5.22
C ALA C 77 -28.06 25.85 3.77
N LEU C 78 -27.60 24.64 3.46
CA LEU C 78 -27.72 24.12 2.11
C LEU C 78 -29.19 23.98 1.72
N ARG C 79 -30.04 23.61 2.67
CA ARG C 79 -31.47 23.47 2.39
C ARG C 79 -32.14 24.82 2.19
N ASN C 80 -31.70 25.83 2.95
CA ASN C 80 -32.27 27.17 2.79
C ASN C 80 -31.78 27.84 1.52
N LEU C 81 -30.49 27.69 1.19
CA LEU C 81 -29.95 28.31 0.00
C LEU C 81 -30.57 27.74 -1.27
N LEU C 82 -30.85 26.43 -1.29
CA LEU C 82 -31.50 25.83 -2.44
C LEU C 82 -32.87 26.47 -2.67
N ARG C 83 -33.60 26.75 -1.59
CA ARG C 83 -34.91 27.36 -1.68
C ARG C 83 -34.81 28.83 -2.11
N ARG C 84 -33.92 29.59 -1.47
CA ARG C 84 -33.84 31.02 -1.74
C ARG C 84 -33.38 31.34 -3.16
N TYR C 85 -32.65 30.44 -3.81
CA TYR C 85 -32.20 30.63 -5.18
C TYR C 85 -33.10 29.99 -6.22
N ASN C 86 -34.22 29.37 -5.81
CA ASN C 86 -35.15 28.74 -6.74
C ASN C 86 -34.45 27.67 -7.59
N GLN C 87 -33.74 26.77 -6.91
CA GLN C 87 -32.93 25.77 -7.56
C GLN C 87 -33.53 24.38 -7.37
N SER C 88 -33.29 23.51 -8.34
CA SER C 88 -33.83 22.17 -8.33
C SER C 88 -33.19 21.33 -7.22
N GLU C 89 -33.99 20.45 -6.62
CA GLU C 89 -33.48 19.53 -5.62
C GLU C 89 -32.73 18.36 -6.25
N ALA C 90 -32.74 18.26 -7.57
CA ALA C 90 -31.97 17.24 -8.29
C ALA C 90 -30.50 17.60 -8.41
N GLY C 91 -30.15 18.88 -8.28
CA GLY C 91 -28.76 19.30 -8.46
C GLY C 91 -27.97 19.28 -7.17
N SER C 92 -26.66 19.05 -7.31
CA SER C 92 -25.74 19.05 -6.19
C SER C 92 -25.16 20.45 -6.01
N HIS C 93 -24.96 20.85 -4.76
CA HIS C 93 -24.46 22.18 -4.46
C HIS C 93 -23.41 22.11 -3.36
N THR C 94 -22.57 23.14 -3.31
CA THR C 94 -21.43 23.20 -2.41
C THR C 94 -21.52 24.45 -1.54
N LEU C 95 -21.29 24.27 -0.24
CA LEU C 95 -21.15 25.38 0.69
C LEU C 95 -19.80 25.27 1.37
N GLN C 96 -18.93 26.24 1.13
CA GLN C 96 -17.60 26.27 1.71
C GLN C 96 -17.52 27.43 2.70
N GLY C 97 -16.66 27.29 3.69
CA GLY C 97 -16.45 28.36 4.64
C GLY C 97 -15.06 28.33 5.22
N MET C 98 -14.59 29.49 5.65
CA MET C 98 -13.24 29.65 6.16
C MET C 98 -13.27 30.68 7.28
N ASN C 99 -12.58 30.38 8.38
CA ASN C 99 -12.41 31.34 9.45
C ASN C 99 -11.09 31.10 10.16
N GLY C 100 -10.62 32.12 10.85
CA GLY C 100 -9.38 32.02 11.59
C GLY C 100 -8.73 33.39 11.71
N CYS C 101 -7.53 33.38 12.31
CA CYS C 101 -6.83 34.61 12.65
C CYS C 101 -5.40 34.57 12.12
N ASP C 102 -4.89 35.76 11.79
CA ASP C 102 -3.48 35.98 11.52
C ASP C 102 -2.86 36.75 12.66
N MET C 103 -1.80 36.21 13.26
CA MET C 103 -1.14 36.82 14.40
C MET C 103 0.20 37.40 13.96
N GLY C 104 0.46 38.65 14.36
CA GLY C 104 1.70 39.31 14.05
C GLY C 104 2.80 38.98 15.05
N PRO C 105 4.01 39.47 14.78
CA PRO C 105 5.14 39.18 15.68
C PRO C 105 4.95 39.73 17.09
N ASP C 106 4.11 40.75 17.25
CA ASP C 106 3.85 41.32 18.57
C ASP C 106 2.80 40.54 19.35
N GLY C 107 2.24 39.48 18.77
CA GLY C 107 1.23 38.69 19.43
C GLY C 107 -0.19 39.20 19.25
N ARG C 108 -0.39 40.17 18.37
CA ARG C 108 -1.70 40.77 18.16
C ARG C 108 -2.32 40.28 16.85
N LEU C 109 -3.57 40.70 16.64
CA LEU C 109 -4.33 40.24 15.49
C LEU C 109 -4.02 41.11 14.28
N LEU C 110 -3.44 40.51 13.24
CA LEU C 110 -3.28 41.22 11.96
C LEU C 110 -4.57 41.16 11.13
N ARG C 111 -5.17 39.98 11.02
CA ARG C 111 -6.34 39.78 10.17
C ARG C 111 -7.27 38.76 10.83
N GLY C 112 -8.57 39.07 10.85
CA GLY C 112 -9.59 38.07 11.10
C GLY C 112 -10.25 37.62 9.82
N TYR C 113 -10.89 36.46 9.88
CA TYR C 113 -11.61 35.92 8.72
C TYR C 113 -12.87 35.21 9.19
N HIS C 114 -14.02 35.59 8.62
CA HIS C 114 -15.23 34.79 8.67
C HIS C 114 -15.89 34.92 7.31
N GLN C 115 -15.97 33.83 6.55
CA GLN C 115 -16.52 33.96 5.21
C GLN C 115 -17.04 32.62 4.70
N HIS C 116 -17.98 32.69 3.76
CA HIS C 116 -18.59 31.53 3.15
C HIS C 116 -18.62 31.69 1.63
N ALA C 117 -18.77 30.56 0.94
CA ALA C 117 -18.93 30.55 -0.51
C ALA C 117 -19.96 29.51 -0.88
N TYR C 118 -20.87 29.87 -1.79
CA TYR C 118 -21.90 28.98 -2.29
C TYR C 118 -21.65 28.70 -3.76
N ASP C 119 -21.55 27.42 -4.12
CA ASP C 119 -21.27 26.97 -5.49
C ASP C 119 -20.03 27.65 -6.06
N GLY C 120 -18.98 27.74 -5.24
CA GLY C 120 -17.71 28.28 -5.68
C GLY C 120 -17.65 29.78 -5.86
N LYS C 121 -18.71 30.50 -5.51
CA LYS C 121 -18.75 31.95 -5.59
C LYS C 121 -18.82 32.55 -4.20
N ASP C 122 -18.17 33.71 -4.03
CA ASP C 122 -18.26 34.44 -2.77
C ASP C 122 -19.73 34.63 -2.38
N TYR C 123 -20.03 34.41 -1.11
CA TYR C 123 -21.39 34.57 -0.59
C TYR C 123 -21.44 35.71 0.42
N ILE C 124 -20.77 35.58 1.56
CA ILE C 124 -20.70 36.65 2.54
C ILE C 124 -19.38 36.53 3.28
N SER C 125 -18.84 37.67 3.70
CA SER C 125 -17.53 37.69 4.35
C SER C 125 -17.48 38.82 5.37
N LEU C 126 -16.76 38.56 6.47
CA LEU C 126 -16.52 39.57 7.48
C LEU C 126 -15.44 40.53 7.00
N ASN C 127 -15.71 41.84 7.11
CA ASN C 127 -14.77 42.82 6.59
C ASN C 127 -13.58 42.98 7.54
N GLU C 128 -12.61 43.79 7.11
CA GLU C 128 -11.38 43.93 7.88
C GLU C 128 -11.60 44.69 9.18
N ASP C 129 -12.55 45.63 9.21
CA ASP C 129 -12.84 46.30 10.48
C ASP C 129 -13.44 45.33 11.49
N LEU C 130 -13.90 44.17 11.04
CA LEU C 130 -14.52 43.10 11.84
C LEU C 130 -15.81 43.54 12.50
N ARG C 131 -16.38 44.67 12.08
CA ARG C 131 -17.68 45.12 12.58
C ARG C 131 -18.80 45.00 11.55
N SER C 132 -18.51 44.60 10.32
CA SER C 132 -19.50 44.69 9.25
C SER C 132 -19.25 43.58 8.24
N TRP C 133 -20.26 43.36 7.39
CA TRP C 133 -20.25 42.25 6.45
C TRP C 133 -20.38 42.77 5.02
N THR C 134 -19.90 41.96 4.08
CA THR C 134 -20.08 42.17 2.65
C THR C 134 -20.89 41.02 2.09
N ALA C 135 -22.11 41.31 1.64
CA ALA C 135 -22.94 40.30 1.00
C ALA C 135 -22.67 40.34 -0.50
N ALA C 136 -22.49 39.17 -1.09
CA ALA C 136 -22.08 39.12 -2.49
C ALA C 136 -23.25 39.45 -3.41
N ASP C 137 -24.45 39.00 -3.06
CA ASP C 137 -25.62 39.21 -3.90
C ASP C 137 -26.81 39.54 -3.02
N THR C 138 -27.97 39.70 -3.64
CA THR C 138 -29.18 40.08 -2.91
C THR C 138 -29.60 39.00 -1.93
N VAL C 139 -29.47 37.74 -2.31
CA VAL C 139 -29.83 36.64 -1.42
C VAL C 139 -28.97 36.65 -0.16
N ALA C 140 -27.67 36.93 -0.33
CA ALA C 140 -26.76 36.95 0.81
C ALA C 140 -27.11 38.07 1.80
N GLN C 141 -27.78 39.12 1.33
CA GLN C 141 -28.23 40.18 2.24
C GLN C 141 -29.18 39.66 3.30
N ILE C 142 -29.83 38.51 3.07
CA ILE C 142 -30.64 37.88 4.10
C ILE C 142 -29.75 37.44 5.26
N THR C 143 -28.63 36.79 4.94
CA THR C 143 -27.69 36.37 5.97
C THR C 143 -27.05 37.56 6.66
N GLN C 144 -26.74 38.61 5.90
CA GLN C 144 -26.17 39.82 6.50
C GLN C 144 -27.11 40.42 7.53
N ARG C 145 -28.40 40.56 7.17
CA ARG C 145 -29.36 41.10 8.11
C ARG C 145 -29.52 40.20 9.32
N PHE C 146 -29.40 38.88 9.13
CA PHE C 146 -29.39 37.97 10.27
C PHE C 146 -28.17 38.21 11.16
N TYR C 147 -26.98 38.34 10.55
CA TYR C 147 -25.77 38.61 11.30
C TYR C 147 -25.89 39.88 12.12
N GLU C 148 -26.44 40.93 11.52
CA GLU C 148 -26.54 42.21 12.22
C GLU C 148 -27.55 42.16 13.36
N ALA C 149 -28.65 41.43 13.18
CA ALA C 149 -29.63 41.29 14.24
C ALA C 149 -29.06 40.52 15.43
N GLU C 150 -28.29 39.47 15.15
CA GLU C 150 -27.63 38.69 16.21
C GLU C 150 -26.40 39.38 16.78
N GLU C 151 -25.95 40.48 16.18
CA GLU C 151 -24.67 41.11 16.52
C GLU C 151 -23.53 40.09 16.49
N TYR C 152 -23.51 39.30 15.41
CA TYR C 152 -22.58 38.18 15.33
C TYR C 152 -21.16 38.65 15.06
N ALA C 153 -20.99 39.82 14.42
CA ALA C 153 -19.66 40.36 14.17
C ALA C 153 -18.93 40.62 15.48
N GLU C 154 -19.63 41.17 16.47
CA GLU C 154 -18.99 41.40 17.78
C GLU C 154 -18.63 40.10 18.46
N GLU C 155 -19.50 39.09 18.38
CA GLU C 155 -19.21 37.81 19.00
C GLU C 155 -17.94 37.18 18.41
N PHE C 156 -17.83 37.18 17.09
CA PHE C 156 -16.68 36.57 16.45
C PHE C 156 -15.43 37.43 16.55
N ARG C 157 -15.60 38.76 16.60
CA ARG C 157 -14.44 39.63 16.82
C ARG C 157 -13.82 39.39 18.19
N THR C 158 -14.66 39.16 19.20
CA THR C 158 -14.15 38.82 20.52
C THR C 158 -13.38 37.51 20.50
N TYR C 159 -13.87 36.52 19.74
CA TYR C 159 -13.15 35.27 19.60
C TYR C 159 -11.82 35.49 18.87
N LEU C 160 -11.84 36.27 17.79
CA LEU C 160 -10.63 36.51 17.02
C LEU C 160 -9.57 37.18 17.86
N GLU C 161 -9.96 38.18 18.66
CA GLU C 161 -8.97 38.89 19.46
C GLU C 161 -8.57 38.09 20.70
N GLY C 162 -9.55 37.59 21.47
CA GLY C 162 -9.20 36.82 22.65
C GLY C 162 -8.72 35.39 22.46
N GLU C 163 -9.59 34.50 21.99
CA GLU C 163 -9.28 33.06 22.04
C GLU C 163 -8.49 32.55 20.85
N CYS C 164 -8.78 33.03 19.64
CA CYS C 164 -8.11 32.53 18.44
C CYS C 164 -6.60 32.67 18.56
N LEU C 165 -6.14 33.82 19.05
CA LEU C 165 -4.71 34.01 19.26
C LEU C 165 -4.17 33.08 20.34
N GLU C 166 -4.94 32.86 21.40
CA GLU C 166 -4.48 31.97 22.47
C GLU C 166 -4.33 30.53 21.99
N LEU C 167 -5.26 30.05 21.17
CA LEU C 167 -5.11 28.73 20.59
C LEU C 167 -3.90 28.67 19.66
N LEU C 168 -3.68 29.73 18.87
CA LEU C 168 -2.55 29.73 17.94
C LEU C 168 -1.23 29.68 18.69
N ARG C 169 -1.10 30.44 19.77
CA ARG C 169 0.12 30.36 20.59
C ARG C 169 0.26 28.98 21.21
N ARG C 170 -0.85 28.40 21.66
CA ARG C 170 -0.82 27.04 22.22
C ARG C 170 -0.27 26.04 21.22
N TYR C 171 -0.79 26.08 20.00
CA TYR C 171 -0.33 25.15 18.97
C TYR C 171 1.12 25.40 18.60
N LEU C 172 1.48 26.68 18.42
CA LEU C 172 2.86 27.01 18.04
C LEU C 172 3.86 26.55 19.10
N GLU C 173 3.44 26.48 20.36
CA GLU C 173 4.33 25.98 21.40
C GLU C 173 4.40 24.45 21.36
N ASN C 174 3.25 23.79 21.26
CA ASN C 174 3.24 22.33 21.22
C ASN C 174 3.90 21.80 19.95
N GLY C 175 3.73 22.51 18.84
CA GLY C 175 4.29 22.10 17.57
C GLY C 175 5.56 22.85 17.20
N LYS C 176 6.26 23.36 18.23
CA LYS C 176 7.40 24.25 18.03
C LYS C 176 8.38 23.71 16.99
N GLU C 177 8.69 22.42 17.04
CA GLU C 177 9.66 21.86 16.10
C GLU C 177 9.11 21.86 14.68
N THR C 178 7.84 21.52 14.50
CA THR C 178 7.23 21.48 13.17
C THR C 178 6.83 22.86 12.69
N LEU C 179 6.17 23.64 13.55
CA LEU C 179 5.54 24.87 13.08
C LEU C 179 6.53 26.02 12.97
N GLN C 180 7.49 26.12 13.89
CA GLN C 180 8.41 27.25 13.94
C GLN C 180 9.68 27.02 13.12
N ARG C 181 9.76 25.91 12.39
CA ARG C 181 10.88 25.65 11.50
C ARG C 181 10.75 26.47 10.22
N ALA C 182 11.89 26.78 9.62
CA ALA C 182 11.95 27.25 8.25
C ALA C 182 13.00 26.42 7.53
N ASP C 183 12.57 25.60 6.57
CA ASP C 183 13.49 24.76 5.83
C ASP C 183 13.84 25.45 4.52
N PRO C 184 15.11 25.79 4.28
CA PRO C 184 15.49 26.44 3.03
C PRO C 184 15.36 25.48 1.86
N PRO C 185 15.20 26.00 0.64
CA PRO C 185 15.12 25.11 -0.52
C PRO C 185 16.48 24.54 -0.89
N LYS C 186 16.45 23.34 -1.47
CA LYS C 186 17.61 22.77 -2.15
C LYS C 186 17.45 23.05 -3.63
N ALA C 187 18.37 23.83 -4.19
CA ALA C 187 18.20 24.42 -5.51
C ALA C 187 19.28 23.94 -6.48
N HIS C 188 18.86 23.71 -7.73
CA HIS C 188 19.79 23.36 -8.80
C HIS C 188 19.14 23.73 -10.14
N VAL C 189 19.98 23.80 -11.16
CA VAL C 189 19.57 24.16 -12.52
C VAL C 189 19.73 22.96 -13.43
N ALA C 190 18.68 22.65 -14.21
CA ALA C 190 18.71 21.56 -15.16
C ALA C 190 18.73 22.10 -16.58
N HIS C 191 19.42 21.38 -17.48
CA HIS C 191 19.62 21.79 -18.87
C HIS C 191 19.01 20.74 -19.79
N HIS C 192 18.03 21.14 -20.60
CA HIS C 192 17.31 20.23 -21.49
C HIS C 192 17.24 20.78 -22.92
N PRO C 193 18.14 20.35 -23.80
CA PRO C 193 18.03 20.78 -25.21
C PRO C 193 16.70 20.39 -25.84
N ILE C 194 16.02 21.39 -26.40
CA ILE C 194 14.77 21.15 -27.13
C ILE C 194 14.97 21.04 -28.63
N SER C 195 16.14 21.37 -29.15
CA SER C 195 16.41 21.41 -30.58
C SER C 195 17.92 21.51 -30.77
N ASP C 196 18.36 21.69 -32.01
CA ASP C 196 19.78 21.93 -32.25
C ASP C 196 20.24 23.31 -31.78
N HIS C 197 19.40 24.34 -31.94
CA HIS C 197 19.78 25.70 -31.56
C HIS C 197 19.16 26.21 -30.26
N GLU C 198 18.44 25.38 -29.50
CA GLU C 198 17.78 25.88 -28.31
C GLU C 198 17.76 24.83 -27.20
N ALA C 199 17.66 25.33 -25.96
CA ALA C 199 17.66 24.48 -24.77
C ALA C 199 16.85 25.13 -23.66
N THR C 200 16.35 24.30 -22.75
CA THR C 200 15.58 24.75 -21.59
C THR C 200 16.44 24.75 -20.34
N LEU C 201 16.44 25.87 -19.63
CA LEU C 201 17.07 25.97 -18.31
C LEU C 201 15.97 26.01 -17.26
N ARG C 202 15.88 24.97 -16.44
CA ARG C 202 14.87 24.86 -15.40
C ARG C 202 15.52 24.96 -14.02
N CYS C 203 15.02 25.87 -13.20
CA CYS C 203 15.55 26.10 -11.86
C CYS C 203 14.64 25.43 -10.84
N TRP C 204 15.20 24.48 -10.09
CA TRP C 204 14.44 23.66 -9.16
C TRP C 204 14.61 24.16 -7.73
N ALA C 205 13.53 24.09 -6.95
CA ALA C 205 13.56 24.35 -5.52
C ALA C 205 12.82 23.22 -4.82
N LEU C 206 13.49 22.54 -3.90
CA LEU C 206 12.94 21.34 -3.28
C LEU C 206 13.11 21.39 -1.77
N GLY C 207 12.17 20.77 -1.07
CA GLY C 207 12.28 20.54 0.36
C GLY C 207 12.15 21.78 1.23
N PHE C 208 11.47 22.82 0.78
CA PHE C 208 11.39 24.07 1.52
C PHE C 208 10.05 24.20 2.24
N TYR C 209 10.10 24.80 3.42
CA TYR C 209 8.90 25.17 4.17
C TYR C 209 9.11 26.53 4.82
N PRO C 210 8.06 27.38 4.85
CA PRO C 210 6.73 27.21 4.26
C PRO C 210 6.69 27.31 2.72
N ALA C 211 5.48 27.30 2.16
CA ALA C 211 5.31 27.17 0.71
C ALA C 211 5.68 28.44 -0.05
N GLU C 212 5.63 29.61 0.59
CA GLU C 212 5.94 30.86 -0.08
C GLU C 212 7.38 30.88 -0.57
N ILE C 213 7.56 31.17 -1.86
CA ILE C 213 8.90 31.20 -2.46
C ILE C 213 8.80 32.03 -3.74
N THR C 214 9.95 32.54 -4.20
CA THR C 214 10.02 33.30 -5.44
C THR C 214 11.21 32.82 -6.27
N LEU C 215 10.92 32.31 -7.47
CA LEU C 215 11.95 31.89 -8.42
C LEU C 215 11.86 32.75 -9.67
N THR C 216 12.96 33.41 -10.02
CA THR C 216 13.01 34.25 -11.22
C THR C 216 14.27 33.93 -12.02
N TRP C 217 14.20 34.19 -13.32
CA TRP C 217 15.33 34.04 -14.22
C TRP C 217 15.76 35.41 -14.73
N GLN C 218 17.06 35.62 -14.79
CA GLN C 218 17.63 36.85 -15.33
C GLN C 218 18.59 36.51 -16.46
N ARG C 219 18.62 37.37 -17.47
CA ARG C 219 19.60 37.28 -18.55
C ARG C 219 20.41 38.57 -18.55
N ASP C 220 21.71 38.45 -18.24
CA ASP C 220 22.60 39.61 -18.11
C ASP C 220 22.06 40.62 -17.10
N GLY C 221 21.47 40.12 -16.02
CA GLY C 221 20.96 40.95 -14.95
C GLY C 221 19.52 41.39 -15.10
N GLU C 222 18.98 41.37 -16.31
CA GLU C 222 17.60 41.75 -16.55
C GLU C 222 16.68 40.53 -16.42
N GLU C 223 15.66 40.65 -15.58
CA GLU C 223 14.76 39.53 -15.35
C GLU C 223 13.90 39.25 -16.58
N GLN C 224 13.67 37.98 -16.86
CA GLN C 224 12.81 37.61 -17.98
C GLN C 224 11.46 37.28 -17.37
N THR C 225 10.59 38.28 -17.27
CA THR C 225 9.29 38.09 -16.63
C THR C 225 8.33 37.33 -17.55
N GLN C 226 8.21 37.78 -18.80
CA GLN C 226 7.27 37.22 -19.74
C GLN C 226 7.73 35.90 -20.33
N ASP C 227 9.04 35.65 -20.34
CA ASP C 227 9.61 34.46 -20.96
C ASP C 227 9.86 33.33 -19.97
N THR C 228 9.51 33.50 -18.70
CA THR C 228 9.75 32.49 -17.68
C THR C 228 8.48 31.69 -17.44
N GLU C 229 8.58 30.37 -17.56
CA GLU C 229 7.48 29.47 -17.23
C GLU C 229 7.59 29.07 -15.76
N LEU C 230 6.50 29.25 -15.02
CA LEU C 230 6.42 28.86 -13.62
C LEU C 230 5.36 27.79 -13.46
N VAL C 231 5.54 26.94 -12.45
CA VAL C 231 4.53 25.98 -12.04
C VAL C 231 4.05 26.35 -10.64
N GLU C 232 2.78 26.07 -10.38
CA GLU C 232 2.24 26.28 -9.06
C GLU C 232 3.02 25.47 -8.03
N THR C 233 3.35 26.10 -6.90
CA THR C 233 4.03 25.39 -5.83
C THR C 233 3.20 24.18 -5.39
N ARG C 234 3.87 23.05 -5.27
CA ARG C 234 3.19 21.77 -5.04
C ARG C 234 3.73 21.09 -3.79
N PRO C 235 2.87 20.37 -3.06
CA PRO C 235 3.36 19.65 -1.89
C PRO C 235 4.14 18.41 -2.28
N ALA C 236 5.22 18.15 -1.54
CA ALA C 236 5.98 16.92 -1.73
C ALA C 236 5.33 15.72 -1.06
N GLY C 237 4.50 15.95 -0.05
CA GLY C 237 3.86 14.89 0.70
C GLY C 237 4.48 14.64 2.08
N ASP C 238 5.70 15.09 2.30
CA ASP C 238 6.37 14.94 3.59
C ASP C 238 6.26 16.18 4.46
N GLY C 239 5.52 17.20 4.02
CA GLY C 239 5.43 18.46 4.73
C GLY C 239 6.21 19.60 4.12
N THR C 240 6.92 19.36 3.03
CA THR C 240 7.68 20.38 2.32
C THR C 240 7.04 20.62 0.95
N PHE C 241 7.61 21.55 0.19
CA PHE C 241 7.01 21.98 -1.06
C PHE C 241 8.08 22.02 -2.17
N GLN C 242 7.60 22.04 -3.41
CA GLN C 242 8.44 22.05 -4.59
C GLN C 242 7.97 23.11 -5.56
N LYS C 243 8.92 23.69 -6.30
CA LYS C 243 8.59 24.62 -7.37
C LYS C 243 9.73 24.62 -8.38
N TRP C 244 9.42 24.96 -9.63
CA TRP C 244 10.49 25.21 -10.60
C TRP C 244 10.07 26.34 -11.54
N ALA C 245 11.10 26.97 -12.12
CA ALA C 245 10.95 28.01 -13.12
C ALA C 245 11.85 27.68 -14.29
N ALA C 246 11.32 27.81 -15.51
CA ALA C 246 12.05 27.45 -16.71
C ALA C 246 12.04 28.59 -17.71
N VAL C 247 13.09 28.63 -18.53
CA VAL C 247 13.24 29.61 -19.60
C VAL C 247 13.90 28.92 -20.78
N VAL C 248 13.47 29.28 -21.99
CA VAL C 248 14.03 28.72 -23.21
C VAL C 248 15.09 29.68 -23.72
N VAL C 249 16.31 29.16 -23.90
CA VAL C 249 17.47 29.99 -24.20
C VAL C 249 18.16 29.48 -25.46
N PRO C 250 18.88 30.32 -26.19
CA PRO C 250 19.64 29.82 -27.35
C PRO C 250 20.79 28.93 -26.89
N SER C 251 21.06 27.89 -27.68
CA SER C 251 22.15 26.98 -27.35
C SER C 251 23.50 27.71 -27.40
N GLY C 252 24.24 27.65 -26.31
CA GLY C 252 25.53 28.32 -26.20
C GLY C 252 25.51 29.62 -25.45
N GLU C 253 24.34 30.19 -25.20
CA GLU C 253 24.17 31.41 -24.42
C GLU C 253 23.82 31.16 -22.96
N GLU C 254 23.83 29.90 -22.51
CA GLU C 254 23.33 29.56 -21.19
C GLU C 254 23.98 30.38 -20.07
N GLN C 255 25.26 30.73 -20.21
CA GLN C 255 25.94 31.43 -19.12
C GLN C 255 25.44 32.85 -18.91
N ARG C 256 24.70 33.41 -19.86
CA ARG C 256 24.11 34.72 -19.64
C ARG C 256 22.96 34.69 -18.66
N TYR C 257 22.51 33.51 -18.26
CA TYR C 257 21.30 33.34 -17.47
C TYR C 257 21.65 32.94 -16.04
N THR C 258 20.92 33.51 -15.08
CA THR C 258 21.11 33.19 -13.68
C THR C 258 19.74 33.00 -13.02
N CYS C 259 19.64 31.99 -12.17
CA CYS C 259 18.43 31.78 -11.37
C CYS C 259 18.59 32.44 -10.02
N HIS C 260 17.49 32.99 -9.51
CA HIS C 260 17.50 33.69 -8.24
C HIS C 260 16.40 33.11 -7.36
N VAL C 261 16.76 32.70 -6.15
CA VAL C 261 15.89 31.98 -5.23
C VAL C 261 15.70 32.84 -3.98
N GLN C 262 14.45 33.14 -3.64
CA GLN C 262 14.11 33.90 -2.46
C GLN C 262 13.17 33.08 -1.59
N HIS C 263 13.60 32.81 -0.36
CA HIS C 263 12.78 32.05 0.58
C HIS C 263 13.13 32.49 1.99
N GLU C 264 12.13 32.50 2.87
CA GLU C 264 12.34 33.01 4.22
C GLU C 264 13.24 32.11 5.04
N GLY C 265 13.45 30.86 4.62
CA GLY C 265 14.37 29.97 5.31
C GLY C 265 15.83 30.20 4.98
N LEU C 266 16.12 31.05 3.98
CA LEU C 266 17.46 31.39 3.56
C LEU C 266 17.96 32.62 4.29
N PRO C 267 19.23 32.64 4.69
CA PRO C 267 19.81 33.89 5.23
C PRO C 267 19.76 35.03 4.23
N GLN C 268 19.83 34.75 2.94
CA GLN C 268 19.67 35.77 1.90
C GLN C 268 19.32 35.06 0.60
N PRO C 269 19.02 35.80 -0.47
CA PRO C 269 18.73 35.15 -1.75
C PRO C 269 19.94 34.41 -2.32
N LEU C 270 19.66 33.37 -3.10
CA LEU C 270 20.67 32.54 -3.74
C LEU C 270 20.69 32.82 -5.23
N ILE C 271 21.85 32.64 -5.84
CA ILE C 271 22.03 32.77 -7.28
C ILE C 271 22.62 31.47 -7.82
N LEU C 272 22.08 30.97 -8.92
CA LEU C 272 22.53 29.74 -9.54
C LEU C 272 22.70 29.92 -11.05
N ARG C 273 23.78 29.37 -11.57
CA ARG C 273 23.99 29.21 -13.00
C ARG C 273 24.02 27.73 -13.34
N TRP C 274 23.73 27.40 -14.59
CA TRP C 274 23.87 26.01 -15.01
C TRP C 274 25.35 25.65 -15.04
N GLU C 275 25.72 24.62 -14.30
CA GLU C 275 27.11 24.22 -14.15
C GLU C 275 27.43 23.13 -15.17
N GLN C 276 28.39 23.41 -16.05
CA GLN C 276 28.78 22.47 -17.09
C GLN C 276 30.29 22.25 -17.10
N ILE D 70 -20.32 27.98 -10.64
CA ILE D 70 -19.16 28.11 -11.50
C ILE D 70 -18.40 26.78 -11.55
N GLN D 71 -17.62 26.59 -12.62
CA GLN D 71 -16.85 25.37 -12.78
C GLN D 71 -15.43 25.72 -13.22
N ARG D 72 -14.45 25.10 -12.58
CA ARG D 72 -13.03 25.28 -12.90
C ARG D 72 -12.38 23.95 -13.20
N THR D 73 -11.55 23.92 -14.25
CA THR D 73 -10.86 22.71 -14.69
C THR D 73 -9.64 22.46 -13.80
N PRO D 74 -9.42 21.22 -13.37
CA PRO D 74 -8.26 20.93 -12.52
C PRO D 74 -6.94 21.09 -13.26
N LYS D 75 -5.94 21.60 -12.53
CA LYS D 75 -4.55 21.59 -12.98
C LYS D 75 -3.85 20.38 -12.37
N ILE D 76 -3.07 19.68 -13.18
CA ILE D 76 -2.50 18.38 -12.82
C ILE D 76 -0.98 18.45 -12.88
N GLN D 77 -0.33 17.96 -11.84
CA GLN D 77 1.12 17.81 -11.82
C GLN D 77 1.46 16.41 -11.33
N VAL D 78 2.32 15.70 -12.08
CA VAL D 78 2.73 14.35 -11.74
C VAL D 78 4.23 14.38 -11.49
N TYR D 79 4.64 13.99 -10.29
CA TYR D 79 6.02 14.14 -9.86
C TYR D 79 6.30 13.16 -8.74
N SER D 80 7.59 13.00 -8.43
CA SER D 80 8.03 12.18 -7.31
C SER D 80 8.40 13.08 -6.13
N ARG D 81 8.17 12.55 -4.92
CA ARG D 81 8.52 13.30 -3.71
C ARG D 81 10.00 13.64 -3.67
N HIS D 82 10.85 12.71 -4.05
CA HIS D 82 12.29 12.87 -4.09
C HIS D 82 12.77 12.71 -5.52
N PRO D 83 13.96 13.22 -5.86
CA PRO D 83 14.51 12.98 -7.19
C PRO D 83 14.55 11.49 -7.51
N ALA D 84 14.03 11.13 -8.69
CA ALA D 84 13.84 9.73 -9.02
C ALA D 84 15.19 9.05 -9.23
N GLU D 85 15.35 7.87 -8.62
CA GLU D 85 16.53 7.05 -8.82
C GLU D 85 16.06 5.61 -9.01
N ASN D 86 16.47 5.00 -10.13
CA ASN D 86 16.07 3.63 -10.40
C ASN D 86 16.51 2.70 -9.27
N GLY D 87 15.56 1.94 -8.73
CA GLY D 87 15.84 1.02 -7.66
C GLY D 87 15.66 1.56 -6.26
N LYS D 88 15.48 2.86 -6.09
CA LYS D 88 15.35 3.48 -4.79
C LYS D 88 13.90 3.85 -4.51
N SER D 89 13.39 3.41 -3.36
CA SER D 89 12.00 3.64 -3.02
C SER D 89 11.71 5.14 -2.94
N ASN D 90 10.51 5.51 -3.35
CA ASN D 90 10.12 6.91 -3.49
C ASN D 90 8.61 6.99 -3.38
N PHE D 91 8.06 8.17 -3.66
CA PHE D 91 6.61 8.36 -3.68
C PHE D 91 6.21 9.04 -4.98
N LEU D 92 5.14 8.53 -5.60
CA LEU D 92 4.62 9.09 -6.83
C LEU D 92 3.43 9.98 -6.50
N ASN D 93 3.50 11.24 -6.90
CA ASN D 93 2.50 12.24 -6.56
C ASN D 93 1.73 12.67 -7.79
N CYS D 94 0.41 12.79 -7.64
CA CYS D 94 -0.43 13.50 -8.59
C CYS D 94 -1.12 14.61 -7.81
N TYR D 95 -0.77 15.85 -8.13
CA TYR D 95 -1.32 17.02 -7.46
C TYR D 95 -2.38 17.63 -8.36
N VAL D 96 -3.61 17.70 -7.85
CA VAL D 96 -4.76 18.23 -8.57
C VAL D 96 -5.27 19.42 -7.81
N SER D 97 -5.27 20.59 -8.46
CA SER D 97 -5.57 21.84 -7.78
C SER D 97 -6.37 22.76 -8.70
N GLY D 98 -7.06 23.72 -8.09
CA GLY D 98 -7.73 24.77 -8.83
C GLY D 98 -9.04 24.38 -9.48
N PHE D 99 -9.71 23.34 -9.00
CA PHE D 99 -10.90 22.82 -9.66
C PHE D 99 -12.15 23.04 -8.81
N HIS D 100 -13.27 23.21 -9.50
CA HIS D 100 -14.58 23.28 -8.86
C HIS D 100 -15.59 22.61 -9.80
N PRO D 101 -16.56 21.88 -9.23
CA PRO D 101 -16.73 21.51 -7.82
C PRO D 101 -15.77 20.43 -7.33
N SER D 102 -16.02 19.92 -6.12
CA SER D 102 -15.05 19.10 -5.42
C SER D 102 -14.98 17.67 -5.94
N ASP D 103 -16.07 17.16 -6.51
CA ASP D 103 -16.08 15.78 -6.97
C ASP D 103 -15.05 15.58 -8.08
N ILE D 104 -14.16 14.61 -7.89
CA ILE D 104 -13.10 14.36 -8.84
C ILE D 104 -12.66 12.91 -8.71
N GLU D 105 -12.17 12.36 -9.81
CA GLU D 105 -11.70 10.97 -9.87
C GLU D 105 -10.24 10.99 -10.29
N VAL D 106 -9.37 10.49 -9.41
CA VAL D 106 -7.92 10.50 -9.64
C VAL D 106 -7.39 9.09 -9.44
N ASP D 107 -6.77 8.54 -10.48
CA ASP D 107 -6.12 7.24 -10.39
C ASP D 107 -4.68 7.37 -10.87
N LEU D 108 -3.78 6.64 -10.21
CA LEU D 108 -2.39 6.56 -10.63
C LEU D 108 -2.19 5.30 -11.46
N LEU D 109 -1.60 5.47 -12.64
CA LEU D 109 -1.45 4.38 -13.60
C LEU D 109 0.00 3.93 -13.66
N LYS D 110 0.20 2.62 -13.68
CA LYS D 110 1.52 2.02 -13.92
C LYS D 110 1.42 1.24 -15.22
N ASN D 111 2.11 1.72 -16.25
CA ASN D 111 2.07 1.13 -17.59
C ASN D 111 0.63 1.06 -18.11
N GLY D 112 -0.17 2.07 -17.76
CA GLY D 112 -1.55 2.16 -18.20
C GLY D 112 -2.58 1.49 -17.30
N GLU D 113 -2.16 0.81 -16.24
CA GLU D 113 -3.07 0.09 -15.37
C GLU D 113 -3.16 0.78 -14.01
N ARG D 114 -4.36 0.76 -13.43
CA ARG D 114 -4.59 1.43 -12.16
C ARG D 114 -3.79 0.77 -11.04
N ILE D 115 -3.20 1.60 -10.18
CA ILE D 115 -2.49 1.13 -9.00
C ILE D 115 -3.49 0.93 -7.88
N GLU D 116 -3.45 -0.24 -7.25
CA GLU D 116 -4.50 -0.63 -6.31
C GLU D 116 -4.44 0.18 -5.02
N LYS D 117 -3.26 0.28 -4.42
CA LYS D 117 -3.10 0.99 -3.16
C LYS D 117 -2.68 2.43 -3.47
N VAL D 118 -3.61 3.37 -3.27
CA VAL D 118 -3.37 4.80 -3.50
C VAL D 118 -4.13 5.58 -2.44
N GLU D 119 -3.46 6.56 -1.83
CA GLU D 119 -4.06 7.40 -0.81
C GLU D 119 -4.04 8.86 -1.25
N HIS D 120 -4.93 9.65 -0.65
CA HIS D 120 -5.02 11.07 -0.97
C HIS D 120 -5.14 11.87 0.32
N SER D 121 -4.81 13.16 0.23
CA SER D 121 -4.91 14.07 1.36
C SER D 121 -6.38 14.42 1.63
N ASP D 122 -6.59 15.23 2.68
CA ASP D 122 -7.92 15.70 3.00
C ASP D 122 -8.32 16.87 2.12
N LEU D 123 -9.60 16.94 1.80
CA LEU D 123 -10.11 17.97 0.91
C LEU D 123 -9.91 19.35 1.53
N SER D 124 -9.25 20.23 0.79
CA SER D 124 -9.04 21.62 1.19
C SER D 124 -9.17 22.50 -0.04
N PHE D 125 -9.05 23.82 0.14
CA PHE D 125 -9.21 24.73 -0.98
C PHE D 125 -8.36 25.96 -0.75
N SER D 126 -8.17 26.72 -1.82
CA SER D 126 -7.30 27.88 -1.84
C SER D 126 -8.07 29.17 -1.56
N LYS D 127 -7.37 30.30 -1.68
CA LYS D 127 -7.96 31.60 -1.39
C LYS D 127 -9.14 31.92 -2.31
N ASP D 128 -9.12 31.39 -3.53
CA ASP D 128 -10.17 31.62 -4.51
C ASP D 128 -11.29 30.59 -4.42
N TRP D 129 -11.25 29.71 -3.42
CA TRP D 129 -12.24 28.67 -3.08
C TRP D 129 -12.06 27.42 -3.92
N SER D 130 -11.13 27.40 -4.88
CA SER D 130 -10.91 26.20 -5.68
C SER D 130 -10.21 25.13 -4.87
N PHE D 131 -10.61 23.88 -5.07
CA PHE D 131 -10.12 22.76 -4.29
C PHE D 131 -8.75 22.31 -4.80
N TYR D 132 -8.01 21.66 -3.90
CA TYR D 132 -6.78 20.98 -4.28
C TYR D 132 -6.66 19.69 -3.47
N LEU D 133 -6.06 18.68 -4.10
CA LEU D 133 -5.87 17.37 -3.51
C LEU D 133 -4.53 16.81 -3.95
N LEU D 134 -3.91 16.02 -3.08
CA LEU D 134 -2.67 15.33 -3.40
C LEU D 134 -2.93 13.83 -3.34
N TYR D 135 -2.74 13.15 -4.45
CA TYR D 135 -2.83 11.70 -4.53
C TYR D 135 -1.42 11.14 -4.62
N TYR D 136 -1.14 10.11 -3.82
CA TYR D 136 0.22 9.63 -3.68
C TYR D 136 0.23 8.13 -3.39
N THR D 137 1.30 7.48 -3.84
CA THR D 137 1.53 6.07 -3.53
C THR D 137 3.04 5.83 -3.50
N GLU D 138 3.45 4.91 -2.66
CA GLU D 138 4.86 4.53 -2.59
C GLU D 138 5.18 3.62 -3.77
N PHE D 139 6.33 3.88 -4.41
CA PHE D 139 6.73 3.10 -5.58
C PHE D 139 8.26 3.10 -5.68
N THR D 140 8.75 2.15 -6.46
CA THR D 140 10.17 2.11 -6.83
C THR D 140 10.29 2.32 -8.32
N PRO D 141 10.84 3.45 -8.78
CA PRO D 141 10.93 3.69 -10.22
C PRO D 141 11.96 2.81 -10.88
N THR D 142 11.69 2.45 -12.14
CA THR D 142 12.62 1.72 -12.97
C THR D 142 12.76 2.46 -14.30
N GLU D 143 13.65 1.95 -15.16
CA GLU D 143 13.83 2.56 -16.47
C GLU D 143 12.66 2.23 -17.39
N LYS D 144 12.20 0.98 -17.38
CA LYS D 144 11.17 0.54 -18.32
C LYS D 144 9.75 0.89 -17.89
N ASP D 145 9.51 1.17 -16.62
CA ASP D 145 8.16 1.39 -16.12
C ASP D 145 7.73 2.84 -16.32
N GLU D 146 6.59 3.02 -17.00
CA GLU D 146 6.00 4.32 -17.22
C GLU D 146 4.84 4.52 -16.25
N TYR D 147 4.78 5.70 -15.64
CA TYR D 147 3.73 6.04 -14.69
C TYR D 147 2.96 7.25 -15.19
N ALA D 148 1.69 7.33 -14.82
CA ALA D 148 0.83 8.41 -15.28
C ALA D 148 -0.30 8.62 -14.28
N CYS D 149 -0.97 9.76 -14.40
CA CYS D 149 -2.12 10.10 -13.58
C CYS D 149 -3.34 10.31 -14.47
N ARG D 150 -4.44 9.65 -14.12
CA ARG D 150 -5.72 9.79 -14.81
C ARG D 150 -6.67 10.61 -13.95
N VAL D 151 -7.17 11.71 -14.50
CA VAL D 151 -8.07 12.62 -13.79
C VAL D 151 -9.36 12.74 -14.57
N ASN D 152 -10.49 12.60 -13.87
CA ASN D 152 -11.80 12.78 -14.47
C ASN D 152 -12.58 13.80 -13.65
N HIS D 153 -13.14 14.80 -14.33
CA HIS D 153 -13.86 15.88 -13.68
C HIS D 153 -14.96 16.35 -14.61
N VAL D 154 -15.99 16.96 -14.02
CA VAL D 154 -17.15 17.40 -14.80
C VAL D 154 -16.76 18.38 -15.89
N THR D 155 -15.69 19.14 -15.69
CA THR D 155 -15.23 20.11 -16.68
C THR D 155 -14.48 19.48 -17.85
N LEU D 156 -14.17 18.19 -17.78
CA LEU D 156 -13.41 17.50 -18.82
C LEU D 156 -14.34 16.66 -19.67
N SER D 157 -14.33 16.90 -20.98
CA SER D 157 -15.17 16.11 -21.87
C SER D 157 -14.69 14.67 -21.94
N GLN D 158 -13.41 14.43 -21.67
CA GLN D 158 -12.83 13.10 -21.60
C GLN D 158 -11.78 13.10 -20.50
N PRO D 159 -11.58 11.97 -19.83
CA PRO D 159 -10.55 11.90 -18.79
C PRO D 159 -9.17 12.26 -19.33
N LYS D 160 -8.42 12.99 -18.52
CA LYS D 160 -7.12 13.51 -18.91
C LYS D 160 -6.01 12.67 -18.29
N ILE D 161 -5.11 12.16 -19.12
CA ILE D 161 -3.97 11.37 -18.69
C ILE D 161 -2.73 12.24 -18.77
N VAL D 162 -1.99 12.33 -17.66
CA VAL D 162 -0.73 13.07 -17.61
C VAL D 162 0.37 12.08 -17.26
N LYS D 163 1.27 11.82 -18.21
CA LYS D 163 2.37 10.92 -17.94
C LYS D 163 3.33 11.54 -16.94
N TRP D 164 4.01 10.70 -16.17
CA TRP D 164 5.04 11.18 -15.28
C TRP D 164 6.29 11.47 -16.10
N ASP D 165 6.68 12.73 -16.14
CA ASP D 165 7.83 13.16 -16.92
C ASP D 165 9.01 13.41 -16.00
N ARG D 166 10.05 12.60 -16.16
CA ARG D 166 11.26 12.76 -15.39
C ARG D 166 12.02 13.94 -15.97
N ASP D 167 12.42 14.89 -15.12
CA ASP D 167 12.82 16.29 -15.39
C ASP D 167 11.67 17.30 -15.27
N MET D 168 10.43 16.88 -15.05
CA MET D 168 9.36 17.83 -14.81
C MET D 168 8.30 17.25 -13.87
N SER E 2 35.58 7.66 0.08
CA SER E 2 34.29 8.25 0.42
C SER E 2 34.14 8.40 1.94
N HIS E 3 34.67 7.44 2.68
CA HIS E 3 34.63 7.49 4.14
C HIS E 3 35.99 7.08 4.70
N SER E 4 36.18 7.40 5.98
CA SER E 4 37.45 7.14 6.65
C SER E 4 37.21 6.73 8.10
N LEU E 5 38.06 5.82 8.58
CA LEU E 5 38.11 5.44 9.99
C LEU E 5 39.52 5.73 10.48
N ARG E 6 39.62 6.42 11.62
CA ARG E 6 40.92 6.89 12.09
C ARG E 6 41.08 6.64 13.59
N TYR E 7 42.31 6.35 13.97
CA TYR E 7 42.72 6.25 15.36
C TYR E 7 43.86 7.25 15.57
N PHE E 8 43.69 8.16 16.53
CA PHE E 8 44.70 9.16 16.87
C PHE E 8 45.14 8.94 18.30
N SER E 9 46.44 9.07 18.55
CA SER E 9 46.99 8.87 19.87
C SER E 9 48.02 9.95 20.18
N THR E 10 48.06 10.39 21.43
CA THR E 10 49.01 11.38 21.90
C THR E 10 49.57 10.89 23.22
N ALA E 11 50.89 10.71 23.28
CA ALA E 11 51.58 10.27 24.49
C ALA E 11 52.54 11.37 24.92
N VAL E 12 52.34 11.89 26.13
CA VAL E 12 53.11 13.03 26.63
C VAL E 12 53.75 12.63 27.96
N SER E 13 55.08 12.66 28.00
CA SER E 13 55.81 12.38 29.23
C SER E 13 55.86 13.61 30.11
N ARG E 14 55.87 13.38 31.43
CA ARG E 14 55.93 14.43 32.44
C ARG E 14 57.08 14.14 33.37
N PRO E 15 58.27 14.71 33.10
CA PRO E 15 59.48 14.39 33.88
C PRO E 15 59.36 14.79 35.34
N GLY E 16 58.63 13.96 36.05
CA GLY E 16 58.14 14.21 37.38
C GLY E 16 56.82 13.50 37.47
N ARG E 17 55.94 13.93 38.36
CA ARG E 17 54.52 13.99 38.01
C ARG E 17 53.87 12.66 37.63
N GLY E 18 54.64 11.60 37.48
CA GLY E 18 54.11 10.29 37.14
C GLY E 18 54.38 9.88 35.69
N GLU E 19 53.81 8.72 35.35
CA GLU E 19 54.02 8.09 34.06
C GLU E 19 53.45 8.94 32.91
N PRO E 20 53.87 8.68 31.67
CA PRO E 20 53.33 9.47 30.54
C PRO E 20 51.83 9.29 30.40
N ARG E 21 51.17 10.37 29.98
CA ARG E 21 49.73 10.37 29.74
C ARG E 21 49.44 9.96 28.31
N TYR E 22 48.42 9.12 28.14
CA TYR E 22 48.03 8.60 26.84
C TYR E 22 46.57 8.95 26.57
N ILE E 23 46.35 9.77 25.55
CA ILE E 23 45.01 10.16 25.12
C ILE E 23 44.82 9.66 23.70
N ALA E 24 43.77 8.87 23.49
CA ALA E 24 43.47 8.31 22.18
C ALA E 24 42.03 8.58 21.81
N VAL E 25 41.80 8.89 20.53
CA VAL E 25 40.46 9.16 20.02
C VAL E 25 40.31 8.46 18.67
N GLU E 26 39.08 8.12 18.33
CA GLU E 26 38.76 7.50 17.05
C GLU E 26 37.70 8.31 16.33
N TYR E 27 37.86 8.44 15.02
CA TYR E 27 36.96 9.20 14.17
C TYR E 27 36.43 8.33 13.05
N VAL E 28 35.15 8.48 12.74
CA VAL E 28 34.61 8.13 11.43
C VAL E 28 34.38 9.44 10.71
N ASP E 29 35.16 9.69 9.65
CA ASP E 29 35.18 10.98 8.98
C ASP E 29 35.44 12.10 9.98
N ASP E 30 34.53 13.07 10.08
CA ASP E 30 34.69 14.20 10.99
C ASP E 30 33.97 14.01 12.32
N THR E 31 33.43 12.82 12.58
CA THR E 31 32.73 12.52 13.83
C THR E 31 33.60 11.64 14.71
N GLN E 32 33.89 12.11 15.92
CA GLN E 32 34.68 11.35 16.91
C GLN E 32 33.73 10.54 17.78
N PHE E 33 33.79 9.21 17.66
CA PHE E 33 32.92 8.32 18.42
C PHE E 33 33.60 7.64 19.61
N LEU E 34 34.90 7.84 19.83
CA LEU E 34 35.60 7.13 20.90
C LEU E 34 36.68 8.00 21.51
N ARG E 35 36.98 7.74 22.78
CA ARG E 35 38.07 8.41 23.47
C ARG E 35 38.64 7.48 24.53
N PHE E 36 39.93 7.69 24.84
CA PHE E 36 40.60 7.01 25.94
C PHE E 36 41.57 7.98 26.58
N ASP E 37 41.52 8.07 27.91
CA ASP E 37 42.44 8.92 28.66
C ASP E 37 42.99 8.12 29.82
N SER E 38 44.32 7.95 29.85
CA SER E 38 44.95 7.17 30.91
C SER E 38 44.86 7.86 32.27
N ASP E 39 44.56 9.16 32.31
CA ASP E 39 44.43 9.88 33.57
C ASP E 39 43.04 9.76 34.19
N ALA E 40 42.04 9.33 33.43
CA ALA E 40 40.71 9.17 33.99
C ALA E 40 40.68 8.07 35.04
N ALA E 41 39.81 8.23 36.03
CA ALA E 41 39.59 7.17 37.00
C ALA E 41 39.04 5.94 36.29
N ILE E 42 39.71 4.80 36.49
CA ILE E 42 39.38 3.56 35.79
C ILE E 42 39.46 3.83 34.29
N PRO E 43 40.66 3.96 33.73
CA PRO E 43 40.77 4.29 32.30
C PRO E 43 40.18 3.19 31.42
N ARG E 44 39.33 3.59 30.50
CA ARG E 44 38.67 2.65 29.60
C ARG E 44 38.27 3.39 28.34
N MET E 45 38.10 2.64 27.25
CA MET E 45 37.56 3.23 26.03
C MET E 45 36.11 3.61 26.25
N GLU E 46 35.75 4.84 25.91
CA GLU E 46 34.44 5.37 26.24
C GLU E 46 33.72 5.88 24.99
N PRO E 47 32.41 5.67 24.91
CA PRO E 47 31.66 6.16 23.74
C PRO E 47 31.57 7.68 23.75
N ARG E 48 31.91 8.29 22.62
CA ARG E 48 31.71 9.72 22.41
C ARG E 48 30.47 10.03 21.54
N GLU E 49 29.75 9.02 21.08
CA GLU E 49 28.59 9.23 20.22
C GLU E 49 27.54 8.19 20.58
N PRO E 50 26.25 8.53 20.46
CA PRO E 50 25.20 7.59 20.90
C PRO E 50 25.17 6.28 20.13
N TRP E 51 25.47 6.28 18.82
CA TRP E 51 25.27 5.05 18.06
C TRP E 51 26.29 3.97 18.40
N VAL E 52 27.40 4.32 19.07
CA VAL E 52 28.36 3.32 19.50
C VAL E 52 28.15 2.89 20.94
N GLU E 53 27.21 3.50 21.66
CA GLU E 53 26.94 3.10 23.04
C GLU E 53 26.28 1.73 23.12
N GLN E 54 25.64 1.27 22.04
CA GLN E 54 24.92 0.00 22.04
C GLN E 54 25.84 -1.21 22.00
N GLU E 55 27.15 -1.01 21.80
CA GLU E 55 28.06 -2.13 21.63
C GLU E 55 28.12 -2.99 22.90
N GLY E 56 28.24 -4.31 22.69
CA GLY E 56 28.19 -5.25 23.78
C GLY E 56 29.44 -5.23 24.63
N PRO E 57 29.47 -6.11 25.64
CA PRO E 57 30.61 -6.12 26.57
C PRO E 57 31.92 -6.53 25.92
N GLN E 58 31.88 -7.44 24.94
CA GLN E 58 33.11 -7.87 24.28
C GLN E 58 33.76 -6.72 23.52
N TYR E 59 32.94 -5.82 22.95
CA TYR E 59 33.49 -4.67 22.24
C TYR E 59 34.31 -3.77 23.15
N TRP E 60 33.80 -3.50 24.36
CA TRP E 60 34.47 -2.56 25.24
C TRP E 60 35.73 -3.16 25.86
N GLU E 61 35.72 -4.47 26.12
CA GLU E 61 36.96 -5.12 26.54
C GLU E 61 37.98 -5.15 25.41
N TRP E 62 37.51 -5.30 24.17
CA TRP E 62 38.41 -5.30 23.02
C TRP E 62 38.99 -3.92 22.78
N THR E 63 38.14 -2.88 22.78
CA THR E 63 38.63 -1.53 22.52
C THR E 63 39.52 -1.03 23.65
N THR E 64 39.06 -1.17 24.90
CA THR E 64 39.92 -0.84 26.03
C THR E 64 41.18 -1.69 26.02
N GLY E 65 41.11 -2.91 25.50
CA GLY E 65 42.25 -3.79 25.41
C GLY E 65 43.42 -3.21 24.65
N TYR E 66 43.21 -2.81 23.39
CA TYR E 66 44.33 -2.27 22.63
C TYR E 66 44.63 -0.82 22.98
N ALA E 67 43.68 -0.10 23.55
CA ALA E 67 43.97 1.24 24.06
C ALA E 67 44.97 1.18 25.20
N LYS E 68 44.72 0.30 26.18
CA LYS E 68 45.65 0.14 27.29
C LYS E 68 46.99 -0.39 26.79
N ALA E 69 46.96 -1.28 25.80
CA ALA E 69 48.19 -1.85 25.27
C ALA E 69 49.03 -0.80 24.53
N ASN E 70 48.36 0.05 23.74
CA ASN E 70 49.08 1.08 23.00
C ASN E 70 49.73 2.10 23.95
N ALA E 71 49.05 2.40 25.06
CA ALA E 71 49.62 3.31 26.06
C ALA E 71 50.97 2.80 26.55
N GLN E 72 51.01 1.54 27.02
CA GLN E 72 52.26 0.98 27.50
C GLN E 72 53.29 0.86 26.38
N THR E 73 52.83 0.67 25.14
CA THR E 73 53.76 0.61 24.02
C THR E 73 54.43 1.95 23.78
N ASP E 74 53.65 3.03 23.79
CA ASP E 74 54.20 4.35 23.51
C ASP E 74 54.95 4.92 24.71
N ARG E 75 54.62 4.49 25.93
CA ARG E 75 55.40 4.90 27.09
C ARG E 75 56.80 4.30 27.04
N VAL E 76 56.91 3.03 26.63
CA VAL E 76 58.23 2.41 26.47
C VAL E 76 58.97 3.06 25.30
N ALA E 77 58.25 3.41 24.23
CA ALA E 77 58.88 4.07 23.10
C ALA E 77 59.43 5.43 23.50
N LEU E 78 58.71 6.17 24.34
CA LEU E 78 59.18 7.47 24.80
C LEU E 78 60.48 7.34 25.58
N ARG E 79 60.64 6.27 26.36
CA ARG E 79 61.88 6.10 27.11
C ARG E 79 63.03 5.73 26.18
N ASN E 80 62.76 4.94 25.13
CA ASN E 80 63.80 4.60 24.18
C ASN E 80 64.16 5.79 23.30
N LEU E 81 63.16 6.57 22.89
CA LEU E 81 63.43 7.74 22.05
C LEU E 81 64.24 8.78 22.80
N LEU E 82 63.97 8.95 24.10
CA LEU E 82 64.76 9.88 24.90
C LEU E 82 66.22 9.46 24.96
N ARG E 83 66.48 8.16 25.10
CA ARG E 83 67.85 7.66 25.16
C ARG E 83 68.53 7.71 23.80
N ARG E 84 67.85 7.22 22.76
CA ARG E 84 68.46 7.15 21.43
C ARG E 84 68.74 8.52 20.84
N TYR E 85 68.02 9.56 21.26
CA TYR E 85 68.25 10.91 20.76
C TYR E 85 69.17 11.73 21.67
N ASN E 86 69.66 11.14 22.75
CA ASN E 86 70.59 11.83 23.67
C ASN E 86 69.97 13.11 24.21
N GLN E 87 68.76 12.99 24.76
CA GLN E 87 68.00 14.14 25.23
C GLN E 87 67.91 14.11 26.76
N SER E 88 67.80 15.31 27.34
CA SER E 88 67.75 15.45 28.78
C SER E 88 66.48 14.84 29.36
N GLU E 89 66.61 14.25 30.54
CA GLU E 89 65.47 13.68 31.24
C GLU E 89 64.62 14.73 31.95
N ALA E 90 65.07 15.99 31.97
CA ALA E 90 64.28 17.08 32.55
C ALA E 90 63.19 17.57 31.61
N GLY E 91 63.32 17.33 30.31
CA GLY E 91 62.36 17.83 29.35
C GLY E 91 61.23 16.86 29.04
N SER E 92 60.08 17.42 28.68
CA SER E 92 58.92 16.64 28.27
C SER E 92 58.94 16.48 26.76
N HIS E 93 58.48 15.32 26.29
CA HIS E 93 58.49 15.01 24.87
C HIS E 93 57.17 14.39 24.47
N THR E 94 56.87 14.45 23.18
CA THR E 94 55.57 14.05 22.64
C THR E 94 55.75 12.94 21.62
N LEU E 95 54.91 11.91 21.73
CA LEU E 95 54.81 10.85 20.73
C LEU E 95 53.37 10.76 20.26
N GLN E 96 53.15 11.06 18.98
CA GLN E 96 51.84 10.99 18.35
C GLN E 96 51.85 9.87 17.31
N GLY E 97 50.68 9.29 17.07
CA GLY E 97 50.56 8.27 16.05
C GLY E 97 49.17 8.25 15.47
N MET E 98 49.06 7.76 14.23
CA MET E 98 47.81 7.76 13.50
C MET E 98 47.76 6.52 12.62
N ASN E 99 46.59 5.89 12.56
CA ASN E 99 46.36 4.78 11.65
C ASN E 99 44.89 4.74 11.27
N GLY E 100 44.61 4.09 10.15
CA GLY E 100 43.25 3.93 9.69
C GLY E 100 43.20 3.75 8.19
N CYS E 101 41.97 3.66 7.68
CA CYS E 101 41.72 3.35 6.29
C CYS E 101 40.75 4.35 5.68
N ASP E 102 40.89 4.58 4.38
CA ASP E 102 39.91 5.32 3.59
C ASP E 102 39.19 4.34 2.69
N MET E 103 37.86 4.29 2.79
CA MET E 103 37.04 3.38 2.02
C MET E 103 36.24 4.15 0.97
N GLY E 104 36.26 3.64 -0.26
CA GLY E 104 35.52 4.24 -1.35
C GLY E 104 34.08 3.76 -1.39
N PRO E 105 33.29 4.33 -2.30
CA PRO E 105 31.88 3.91 -2.42
C PRO E 105 31.70 2.45 -2.76
N ASP E 106 32.72 1.81 -3.36
CA ASP E 106 32.64 0.40 -3.69
C ASP E 106 32.98 -0.52 -2.52
N GLY E 107 33.31 0.03 -1.35
CA GLY E 107 33.63 -0.77 -0.20
C GLY E 107 35.07 -1.22 -0.11
N ARG E 108 35.96 -0.66 -0.93
CA ARG E 108 37.34 -1.09 -1.00
C ARG E 108 38.26 -0.02 -0.44
N LEU E 109 39.50 -0.41 -0.15
CA LEU E 109 40.45 0.47 0.50
C LEU E 109 41.11 1.38 -0.52
N LEU E 110 40.91 2.69 -0.35
CA LEU E 110 41.61 3.68 -1.16
C LEU E 110 43.02 3.94 -0.63
N ARG E 111 43.14 4.21 0.67
CA ARG E 111 44.41 4.55 1.29
C ARG E 111 44.48 3.96 2.69
N GLY E 112 45.60 3.33 3.02
CA GLY E 112 45.91 2.99 4.40
C GLY E 112 46.90 3.97 4.99
N TYR E 113 46.96 4.00 6.33
CA TYR E 113 47.88 4.87 7.04
C TYR E 113 48.39 4.18 8.29
N HIS E 114 49.72 4.16 8.46
CA HIS E 114 50.34 3.86 9.73
C HIS E 114 51.54 4.78 9.89
N GLN E 115 51.50 5.67 10.89
CA GLN E 115 52.58 6.65 11.02
C GLN E 115 52.65 7.18 12.44
N HIS E 116 53.85 7.64 12.80
CA HIS E 116 54.14 8.23 14.10
C HIS E 116 54.90 9.53 13.92
N ALA E 117 54.86 10.36 14.97
CA ALA E 117 55.61 11.60 15.00
C ALA E 117 56.19 11.80 16.39
N TYR E 118 57.46 12.20 16.45
CA TYR E 118 58.15 12.47 17.69
C TYR E 118 58.46 13.96 17.79
N ASP E 119 58.03 14.58 18.90
CA ASP E 119 58.21 16.01 19.12
C ASP E 119 57.66 16.83 17.95
N GLY E 120 56.51 16.41 17.43
CA GLY E 120 55.86 17.12 16.35
C GLY E 120 56.49 16.97 14.99
N LYS E 121 57.51 16.13 14.86
CA LYS E 121 58.19 15.91 13.59
C LYS E 121 57.92 14.50 13.10
N ASP E 122 57.76 14.35 11.78
CA ASP E 122 57.59 13.03 11.18
C ASP E 122 58.73 12.11 11.60
N TYR E 123 58.37 10.90 12.01
CA TYR E 123 59.33 9.90 12.47
C TYR E 123 59.37 8.70 11.52
N ILE E 124 58.26 7.97 11.40
CA ILE E 124 58.16 6.86 10.47
C ILE E 124 56.73 6.79 9.97
N SER E 125 56.56 6.35 8.72
CA SER E 125 55.24 6.30 8.13
C SER E 125 55.18 5.14 7.14
N LEU E 126 54.02 4.48 7.09
CA LEU E 126 53.78 3.43 6.11
C LEU E 126 53.48 4.05 4.75
N ASN E 127 54.15 3.56 3.72
CA ASN E 127 53.99 4.13 2.39
C ASN E 127 52.65 3.69 1.79
N GLU E 128 52.35 4.21 0.61
CA GLU E 128 51.05 3.95 0.00
C GLU E 128 50.90 2.49 -0.42
N ASP E 129 52.00 1.85 -0.86
CA ASP E 129 51.97 0.45 -1.24
C ASP E 129 51.73 -0.49 -0.05
N LEU E 130 51.87 0.02 1.18
CA LEU E 130 51.72 -0.73 2.42
C LEU E 130 52.80 -1.80 2.61
N ARG E 131 53.72 -1.97 1.67
CA ARG E 131 54.83 -2.90 1.81
C ARG E 131 56.12 -2.26 2.30
N SER E 132 56.15 -0.94 2.47
CA SER E 132 57.41 -0.26 2.79
C SER E 132 57.16 0.90 3.74
N TRP E 133 58.26 1.37 4.34
CA TRP E 133 58.23 2.42 5.34
C TRP E 133 59.12 3.58 4.91
N THR E 134 58.84 4.76 5.44
CA THR E 134 59.70 5.94 5.26
C THR E 134 60.19 6.37 6.64
N ALA E 135 61.48 6.20 6.89
CA ALA E 135 62.12 6.62 8.14
C ALA E 135 62.74 8.00 7.97
N ALA E 136 62.53 8.87 8.96
CA ALA E 136 62.98 10.25 8.84
C ALA E 136 64.50 10.37 9.05
N ASP E 137 65.06 9.63 9.99
CA ASP E 137 66.48 9.74 10.31
C ASP E 137 67.03 8.35 10.64
N THR E 138 68.31 8.32 11.05
CA THR E 138 68.95 7.06 11.37
C THR E 138 68.31 6.39 12.58
N VAL E 139 67.89 7.20 13.56
CA VAL E 139 67.24 6.64 14.74
C VAL E 139 65.94 5.94 14.36
N ALA E 140 65.16 6.55 13.48
CA ALA E 140 63.91 5.92 13.05
C ALA E 140 64.14 4.68 12.23
N GLN E 141 65.28 4.58 11.54
CA GLN E 141 65.61 3.38 10.78
C GLN E 141 65.76 2.15 11.66
N ILE E 142 66.03 2.34 12.96
CA ILE E 142 66.01 1.21 13.89
C ILE E 142 64.59 0.65 14.00
N THR E 143 63.61 1.55 14.13
CA THR E 143 62.22 1.12 14.17
C THR E 143 61.81 0.50 12.82
N GLN E 144 62.31 1.06 11.72
CA GLN E 144 62.03 0.49 10.41
C GLN E 144 62.51 -0.95 10.32
N ARG E 145 63.77 -1.19 10.74
CA ARG E 145 64.31 -2.54 10.70
C ARG E 145 63.54 -3.49 11.62
N PHE E 146 63.05 -2.98 12.75
CA PHE E 146 62.18 -3.79 13.60
C PHE E 146 60.90 -4.16 12.88
N TYR E 147 60.28 -3.18 12.20
CA TYR E 147 59.09 -3.46 11.41
C TYR E 147 59.37 -4.50 10.33
N GLU E 148 60.51 -4.37 9.64
CA GLU E 148 60.83 -5.30 8.56
C GLU E 148 61.15 -6.69 9.10
N ALA E 149 61.86 -6.76 10.23
CA ALA E 149 62.18 -8.06 10.82
C ALA E 149 60.92 -8.77 11.29
N GLU E 150 59.99 -8.03 11.89
CA GLU E 150 58.71 -8.60 12.28
C GLU E 150 57.76 -8.76 11.10
N GLU E 151 58.13 -8.26 9.93
CA GLU E 151 57.25 -8.19 8.77
C GLU E 151 55.93 -7.53 9.14
N TYR E 152 56.04 -6.39 9.82
CA TYR E 152 54.88 -5.72 10.39
C TYR E 152 54.03 -5.04 9.32
N ALA E 153 54.64 -4.66 8.20
CA ALA E 153 53.87 -4.06 7.11
C ALA E 153 52.83 -5.04 6.59
N GLU E 154 53.20 -6.31 6.45
CA GLU E 154 52.24 -7.32 6.02
C GLU E 154 51.15 -7.54 7.05
N GLU E 155 51.51 -7.56 8.34
CA GLU E 155 50.52 -7.76 9.40
C GLU E 155 49.47 -6.66 9.38
N PHE E 156 49.90 -5.40 9.31
CA PHE E 156 48.95 -4.29 9.37
C PHE E 156 48.21 -4.11 8.05
N ARG E 157 48.81 -4.49 6.93
CA ARG E 157 48.10 -4.45 5.66
C ARG E 157 46.90 -5.39 5.66
N THR E 158 47.05 -6.56 6.29
CA THR E 158 45.92 -7.48 6.40
C THR E 158 44.79 -6.85 7.22
N TYR E 159 45.14 -6.12 8.28
CA TYR E 159 44.14 -5.40 9.04
C TYR E 159 43.48 -4.32 8.20
N LEU E 160 44.29 -3.54 7.47
CA LEU E 160 43.73 -2.47 6.65
C LEU E 160 42.77 -3.00 5.61
N GLU E 161 43.12 -4.10 4.96
CA GLU E 161 42.23 -4.64 3.93
C GLU E 161 41.06 -5.39 4.55
N GLY E 162 41.32 -6.31 5.47
CA GLY E 162 40.24 -7.05 6.10
C GLY E 162 39.40 -6.35 7.15
N GLU E 163 40.00 -6.00 8.30
CA GLU E 163 39.18 -5.59 9.43
C GLU E 163 38.83 -4.10 9.42
N CYS E 164 39.77 -3.24 9.03
CA CYS E 164 39.52 -1.80 9.06
C CYS E 164 38.30 -1.43 8.24
N LEU E 165 38.18 -2.00 7.04
CA LEU E 165 37.00 -1.75 6.22
C LEU E 165 35.74 -2.34 6.86
N GLU E 166 35.86 -3.53 7.46
CA GLU E 166 34.71 -4.15 8.10
C GLU E 166 34.25 -3.35 9.31
N LEU E 167 35.19 -2.83 10.10
CA LEU E 167 34.83 -1.97 11.22
C LEU E 167 34.14 -0.69 10.73
N LEU E 168 34.64 -0.11 9.65
CA LEU E 168 34.05 1.11 9.12
C LEU E 168 32.63 0.88 8.64
N ARG E 169 32.39 -0.24 7.95
CA ARG E 169 31.03 -0.56 7.52
C ARG E 169 30.10 -0.74 8.71
N ARG E 170 30.61 -1.37 9.77
CA ARG E 170 29.84 -1.53 10.99
C ARG E 170 29.42 -0.19 11.58
N TYR E 171 30.38 0.74 11.70
CA TYR E 171 30.07 2.05 12.26
C TYR E 171 29.14 2.85 11.35
N LEU E 172 29.42 2.85 10.05
CA LEU E 172 28.57 3.60 9.11
C LEU E 172 27.13 3.11 9.12
N GLU E 173 26.91 1.82 9.39
CA GLU E 173 25.54 1.32 9.46
C GLU E 173 24.86 1.69 10.77
N ASN E 174 25.56 1.50 11.89
CA ASN E 174 24.98 1.84 13.19
C ASN E 174 24.77 3.35 13.32
N GLY E 175 25.66 4.14 12.74
CA GLY E 175 25.57 5.58 12.82
C GLY E 175 24.99 6.19 11.56
N LYS E 176 24.19 5.40 10.84
CA LYS E 176 23.68 5.80 9.52
C LYS E 176 23.08 7.20 9.54
N GLU E 177 22.31 7.52 10.58
CA GLU E 177 21.70 8.84 10.65
C GLU E 177 22.75 9.92 10.87
N THR E 178 23.74 9.66 11.73
CA THR E 178 24.78 10.65 12.02
C THR E 178 25.84 10.68 10.93
N LEU E 179 26.35 9.51 10.52
CA LEU E 179 27.54 9.48 9.69
C LEU E 179 27.24 9.73 8.22
N GLN E 180 26.12 9.23 7.71
CA GLN E 180 25.82 9.28 6.29
C GLN E 180 25.06 10.54 5.89
N ARG E 181 24.88 11.48 6.81
CA ARG E 181 24.25 12.74 6.46
C ARG E 181 25.24 13.65 5.75
N ALA E 182 24.71 14.54 4.92
CA ALA E 182 25.45 15.69 4.41
C ALA E 182 24.60 16.93 4.65
N ASP E 183 25.07 17.80 5.54
CA ASP E 183 24.34 19.02 5.84
C ASP E 183 24.87 20.15 4.97
N PRO E 184 24.06 20.74 4.10
CA PRO E 184 24.56 21.83 3.25
C PRO E 184 24.82 23.07 4.09
N PRO E 185 25.70 23.95 3.63
CA PRO E 185 25.95 25.18 4.37
C PRO E 185 24.82 26.18 4.21
N LYS E 186 24.62 26.97 5.27
CA LYS E 186 23.79 28.16 5.21
C LYS E 186 24.72 29.35 4.97
N ALA E 187 24.58 30.00 3.82
CA ALA E 187 25.57 30.95 3.35
C ALA E 187 24.94 32.33 3.16
N HIS E 188 25.70 33.37 3.51
CA HIS E 188 25.28 34.74 3.29
C HIS E 188 26.52 35.62 3.22
N VAL E 189 26.34 36.83 2.69
CA VAL E 189 27.41 37.80 2.52
C VAL E 189 27.16 38.97 3.46
N ALA E 190 28.18 39.34 4.23
CA ALA E 190 28.12 40.48 5.14
C ALA E 190 28.94 41.64 4.59
N HIS E 191 28.46 42.85 4.84
CA HIS E 191 29.07 44.08 4.33
C HIS E 191 29.52 44.94 5.50
N HIS E 192 30.83 45.22 5.55
CA HIS E 192 31.42 46.01 6.62
C HIS E 192 32.26 47.10 5.97
N PRO E 193 31.70 48.30 5.79
CA PRO E 193 32.52 49.41 5.29
C PRO E 193 33.64 49.69 6.26
N ILE E 194 34.88 49.69 5.76
CA ILE E 194 36.03 49.99 6.60
C ILE E 194 36.46 51.44 6.52
N SER E 195 36.00 52.19 5.52
CA SER E 195 36.39 53.58 5.33
C SER E 195 35.55 54.16 4.20
N ASP E 196 35.83 55.41 3.87
CA ASP E 196 35.38 55.97 2.61
C ASP E 196 36.27 55.41 1.51
N HIS E 197 35.66 54.90 0.43
CA HIS E 197 36.30 54.32 -0.75
C HIS E 197 36.71 52.85 -0.57
N GLU E 198 36.44 52.22 0.58
CA GLU E 198 36.78 50.81 0.76
C GLU E 198 35.73 50.13 1.64
N ALA E 199 35.56 48.83 1.43
CA ALA E 199 34.61 48.04 2.19
C ALA E 199 35.06 46.59 2.22
N THR E 200 34.66 45.87 3.27
CA THR E 200 34.94 44.45 3.41
C THR E 200 33.70 43.63 3.07
N LEU E 201 33.87 42.66 2.17
CA LEU E 201 32.84 41.66 1.87
C LEU E 201 33.27 40.32 2.44
N ARG E 202 32.53 39.83 3.43
CA ARG E 202 32.81 38.55 4.07
C ARG E 202 31.71 37.56 3.74
N CYS E 203 32.11 36.40 3.21
CA CYS E 203 31.18 35.35 2.81
C CYS E 203 31.15 34.27 3.89
N TRP E 204 29.98 34.06 4.49
CA TRP E 204 29.82 33.15 5.61
C TRP E 204 29.26 31.82 5.15
N ALA E 205 29.75 30.74 5.77
CA ALA E 205 29.20 29.40 5.59
C ALA E 205 29.03 28.78 6.97
N LEU E 206 27.80 28.40 7.31
CA LEU E 206 27.48 27.95 8.66
C LEU E 206 26.67 26.65 8.62
N GLY E 207 26.86 25.83 9.66
CA GLY E 207 26.03 24.66 9.86
C GLY E 207 26.22 23.53 8.89
N PHE E 208 27.40 23.40 8.28
CA PHE E 208 27.63 22.40 7.26
C PHE E 208 28.40 21.21 7.79
N TYR E 209 28.07 20.03 7.28
CA TYR E 209 28.83 18.80 7.53
C TYR E 209 28.89 18.00 6.24
N PRO E 210 30.04 17.37 5.95
CA PRO E 210 31.30 17.39 6.71
C PRO E 210 32.07 18.71 6.60
N ALA E 211 33.28 18.74 7.16
CA ALA E 211 34.00 20.01 7.28
C ALA E 211 34.56 20.49 5.96
N GLU E 212 34.79 19.58 5.00
CA GLU E 212 35.38 19.98 3.73
C GLU E 212 34.44 20.92 2.97
N ILE E 213 34.98 22.06 2.56
CA ILE E 213 34.19 23.09 1.87
C ILE E 213 35.17 23.95 1.09
N THR E 214 34.65 24.66 0.09
CA THR E 214 35.44 25.61 -0.70
C THR E 214 34.67 26.90 -0.84
N LEU E 215 35.24 27.99 -0.32
CA LEU E 215 34.67 29.33 -0.45
C LEU E 215 35.65 30.19 -1.24
N THR E 216 35.16 30.75 -2.34
CA THR E 216 36.00 31.59 -3.20
C THR E 216 35.25 32.87 -3.54
N TRP E 217 36.03 33.92 -3.81
CA TRP E 217 35.50 35.20 -4.27
C TRP E 217 35.94 35.44 -5.70
N GLN E 218 35.03 35.96 -6.52
CA GLN E 218 35.32 36.31 -7.90
C GLN E 218 34.96 37.77 -8.13
N ARG E 219 35.74 38.43 -8.97
CA ARG E 219 35.45 39.79 -9.44
C ARG E 219 35.28 39.73 -10.95
N ASP E 220 34.05 39.95 -11.42
CA ASP E 220 33.70 39.85 -12.84
C ASP E 220 34.11 38.49 -13.41
N GLY E 221 33.97 37.44 -12.60
CA GLY E 221 34.26 36.09 -13.01
C GLY E 221 35.68 35.63 -12.79
N GLU E 222 36.63 36.56 -12.62
CA GLU E 222 38.02 36.20 -12.38
C GLU E 222 38.25 36.04 -10.88
N GLU E 223 38.80 34.89 -10.50
CA GLU E 223 38.95 34.58 -9.08
C GLU E 223 40.01 35.48 -8.42
N GLN E 224 39.70 35.88 -7.19
CA GLN E 224 40.52 36.76 -6.35
C GLN E 224 41.40 36.01 -5.38
N THR E 225 41.68 34.72 -5.63
CA THR E 225 42.37 33.81 -4.72
C THR E 225 43.52 34.45 -3.94
N GLN E 226 44.34 35.29 -4.59
CA GLN E 226 45.48 35.85 -3.87
C GLN E 226 45.05 36.95 -2.89
N ASP E 227 43.92 37.59 -3.13
CA ASP E 227 43.42 38.67 -2.28
C ASP E 227 42.39 38.22 -1.26
N THR E 228 42.08 36.94 -1.17
CA THR E 228 41.02 36.43 -0.31
C THR E 228 41.59 35.95 1.01
N GLU E 229 41.03 36.46 2.11
CA GLU E 229 41.37 35.99 3.45
C GLU E 229 40.44 34.88 3.87
N LEU E 230 41.02 33.76 4.31
CA LEU E 230 40.26 32.61 4.80
C LEU E 230 40.58 32.38 6.27
N VAL E 231 39.63 31.79 6.98
CA VAL E 231 39.86 31.32 8.34
C VAL E 231 39.79 29.80 8.36
N GLU E 232 40.52 29.20 9.30
CA GLU E 232 40.42 27.76 9.52
C GLU E 232 38.97 27.38 9.79
N THR E 233 38.54 26.28 9.17
CA THR E 233 37.22 25.76 9.44
C THR E 233 37.10 25.37 10.91
N ARG E 234 36.03 25.83 11.56
CA ARG E 234 35.92 25.66 12.99
C ARG E 234 34.64 24.93 13.34
N PRO E 235 34.66 24.08 14.38
CA PRO E 235 33.45 23.38 14.76
C PRO E 235 32.46 24.30 15.47
N ALA E 236 31.18 24.09 15.18
CA ALA E 236 30.13 24.81 15.89
C ALA E 236 29.86 24.22 17.26
N GLY E 237 30.21 22.96 17.49
CA GLY E 237 29.95 22.27 18.73
C GLY E 237 28.77 21.31 18.68
N ASP E 238 27.88 21.47 17.71
CA ASP E 238 26.72 20.59 17.52
C ASP E 238 26.98 19.50 16.49
N GLY E 239 28.19 19.42 15.95
CA GLY E 239 28.49 18.47 14.89
C GLY E 239 28.59 19.08 13.51
N THR E 240 28.41 20.38 13.37
CA THR E 240 28.56 21.09 12.11
C THR E 240 29.77 22.02 12.21
N PHE E 241 30.06 22.71 11.10
CA PHE E 241 31.26 23.51 11.00
C PHE E 241 30.95 24.89 10.44
N GLN E 242 31.89 25.81 10.62
CA GLN E 242 31.76 27.18 10.17
C GLN E 242 33.04 27.59 9.46
N LYS E 243 32.88 28.46 8.45
CA LYS E 243 34.02 29.04 7.77
C LYS E 243 33.57 30.35 7.14
N TRP E 244 34.52 31.27 6.94
CA TRP E 244 34.22 32.46 6.15
C TRP E 244 35.43 32.87 5.32
N ALA E 245 35.14 33.59 4.24
CA ALA E 245 36.14 34.17 3.35
C ALA E 245 35.82 35.64 3.12
N ALA E 246 36.84 36.49 3.16
CA ALA E 246 36.65 37.93 3.07
C ALA E 246 37.54 38.52 1.99
N VAL E 247 37.06 39.62 1.41
CA VAL E 247 37.80 40.39 0.41
C VAL E 247 37.50 41.87 0.62
N VAL E 248 38.51 42.71 0.40
CA VAL E 248 38.38 44.17 0.53
C VAL E 248 38.09 44.75 -0.84
N VAL E 249 37.06 45.58 -0.95
CA VAL E 249 36.53 46.02 -2.23
C VAL E 249 36.57 47.55 -2.27
N PRO E 250 36.60 48.11 -3.49
CA PRO E 250 36.68 49.57 -3.67
C PRO E 250 35.47 50.40 -3.20
N SER E 251 34.38 49.81 -2.71
CA SER E 251 33.25 50.61 -2.24
C SER E 251 32.53 51.38 -3.35
N GLY E 252 31.60 50.69 -3.99
CA GLY E 252 31.00 51.07 -5.26
C GLY E 252 31.31 50.07 -6.36
N GLU E 253 32.28 49.19 -6.13
CA GLU E 253 32.55 48.06 -6.99
C GLU E 253 31.94 46.76 -6.45
N GLU E 254 31.17 46.84 -5.36
CA GLU E 254 30.69 45.63 -4.68
C GLU E 254 29.94 44.70 -5.63
N GLN E 255 29.19 45.26 -6.57
CA GLN E 255 28.38 44.41 -7.45
C GLN E 255 29.23 43.59 -8.40
N ARG E 256 30.51 43.95 -8.57
CA ARG E 256 31.43 43.18 -9.39
C ARG E 256 31.88 41.88 -8.72
N TYR E 257 31.57 41.69 -7.44
CA TYR E 257 32.09 40.58 -6.67
C TYR E 257 30.98 39.58 -6.36
N THR E 258 31.32 38.30 -6.47
CA THR E 258 30.40 37.21 -6.19
C THR E 258 31.12 36.14 -5.37
N CYS E 259 30.41 35.62 -4.36
CA CYS E 259 30.92 34.51 -3.57
C CYS E 259 30.43 33.19 -4.13
N HIS E 260 31.27 32.17 -4.05
CA HIS E 260 30.95 30.85 -4.59
C HIS E 260 31.20 29.79 -3.51
N VAL E 261 30.19 28.96 -3.28
CA VAL E 261 30.18 27.99 -2.19
C VAL E 261 30.09 26.60 -2.80
N GLN E 262 31.06 25.73 -2.48
CA GLN E 262 31.06 24.35 -2.94
C GLN E 262 31.10 23.43 -1.73
N HIS E 263 30.08 22.57 -1.62
CA HIS E 263 30.00 21.61 -0.52
C HIS E 263 29.23 20.40 -1.03
N GLU E 264 29.61 19.21 -0.52
CA GLU E 264 29.00 17.99 -1.02
C GLU E 264 27.55 17.84 -0.62
N GLY E 265 27.08 18.61 0.37
CA GLY E 265 25.69 18.58 0.75
C GLY E 265 24.77 19.37 -0.17
N LEU E 266 25.33 20.14 -1.11
CA LEU E 266 24.62 20.97 -2.07
C LEU E 266 24.34 20.19 -3.35
N PRO E 267 23.16 20.37 -3.95
CA PRO E 267 22.92 19.81 -5.29
C PRO E 267 23.90 20.35 -6.32
N GLN E 268 24.36 21.59 -6.15
CA GLN E 268 25.37 22.18 -7.02
C GLN E 268 25.99 23.35 -6.28
N PRO E 269 27.04 23.96 -6.85
CA PRO E 269 27.62 25.14 -6.19
C PRO E 269 26.64 26.30 -6.14
N LEU E 270 26.83 27.16 -5.14
CA LEU E 270 25.99 28.33 -4.92
C LEU E 270 26.76 29.60 -5.26
N ILE E 271 26.02 30.63 -5.67
CA ILE E 271 26.57 31.95 -5.94
C ILE E 271 25.84 32.96 -5.07
N LEU E 272 26.61 33.87 -4.47
CA LEU E 272 26.06 34.87 -3.57
C LEU E 272 26.59 36.25 -3.92
N ARG E 273 25.74 37.25 -3.68
CA ARG E 273 26.09 38.65 -3.82
C ARG E 273 25.68 39.38 -2.55
N TRP E 274 26.25 40.55 -2.34
CA TRP E 274 25.80 41.39 -1.22
C TRP E 274 24.41 41.93 -1.53
N GLU E 275 23.46 41.63 -0.65
CA GLU E 275 22.05 41.99 -0.82
C GLU E 275 21.54 41.64 -2.22
N PRO F 69 62.47 20.29 20.69
CA PRO F 69 61.15 19.99 20.13
C PRO F 69 60.51 21.22 19.48
N ILE F 70 59.81 20.99 18.36
CA ILE F 70 59.22 22.10 17.63
C ILE F 70 58.08 22.73 18.43
N GLN F 71 57.77 23.97 18.08
CA GLN F 71 56.69 24.72 18.72
C GLN F 71 55.82 25.36 17.65
N ARG F 72 54.51 25.25 17.82
CA ARG F 72 53.57 25.90 16.91
C ARG F 72 52.63 26.76 17.75
N THR F 73 52.40 27.99 17.30
CA THR F 73 51.58 28.92 18.05
C THR F 73 50.10 28.62 17.84
N PRO F 74 49.29 28.60 18.89
CA PRO F 74 47.86 28.34 18.70
C PRO F 74 47.18 29.47 17.95
N LYS F 75 46.25 29.09 17.08
CA LYS F 75 45.30 30.03 16.49
C LYS F 75 44.00 29.96 17.27
N ILE F 76 43.44 31.13 17.57
CA ILE F 76 42.32 31.25 18.50
C ILE F 76 41.16 31.91 17.78
N GLN F 77 39.97 31.32 17.90
CA GLN F 77 38.74 31.89 17.37
C GLN F 77 37.67 31.84 18.47
N VAL F 78 37.01 32.97 18.69
CA VAL F 78 35.95 33.10 19.68
C VAL F 78 34.66 33.42 18.95
N TYR F 79 33.65 32.56 19.10
CA TYR F 79 32.42 32.66 18.32
C TYR F 79 31.32 31.92 19.07
N SER F 80 30.09 32.17 18.63
CA SER F 80 28.91 31.48 19.16
C SER F 80 28.48 30.39 18.18
N ARG F 81 27.93 29.31 18.75
CA ARG F 81 27.43 28.21 17.92
C ARG F 81 26.37 28.67 16.94
N HIS F 82 25.46 29.53 17.39
CA HIS F 82 24.40 30.09 16.58
C HIS F 82 24.55 31.61 16.54
N PRO F 83 23.94 32.28 15.56
CA PRO F 83 23.96 33.75 15.54
C PRO F 83 23.44 34.31 16.86
N ALA F 84 24.20 35.24 17.43
CA ALA F 84 23.91 35.72 18.77
C ALA F 84 22.66 36.59 18.80
N GLU F 85 21.79 36.31 19.76
CA GLU F 85 20.61 37.13 20.02
C GLU F 85 20.47 37.33 21.52
N ASN F 86 20.39 38.58 21.95
CA ASN F 86 20.26 38.88 23.37
C ASN F 86 19.04 38.20 23.97
N GLY F 87 19.25 37.47 25.07
CA GLY F 87 18.19 36.77 25.76
C GLY F 87 17.95 35.34 25.32
N LYS F 88 18.56 34.90 24.23
CA LYS F 88 18.35 33.57 23.71
C LYS F 88 19.55 32.69 24.05
N SER F 89 19.28 31.53 24.65
CA SER F 89 20.35 30.64 25.08
C SER F 89 21.18 30.18 23.89
N ASN F 90 22.47 30.00 24.11
CA ASN F 90 23.42 29.74 23.03
C ASN F 90 24.61 29.00 23.62
N PHE F 91 25.65 28.84 22.81
CA PHE F 91 26.91 28.27 23.24
C PHE F 91 28.04 29.17 22.80
N LEU F 92 28.98 29.42 23.70
CA LEU F 92 30.15 30.24 23.42
C LEU F 92 31.34 29.32 23.17
N ASN F 93 31.97 29.46 22.01
CA ASN F 93 33.05 28.58 21.60
C ASN F 93 34.37 29.35 21.58
N CYS F 94 35.42 28.70 22.08
CA CYS F 94 36.80 29.12 21.87
C CYS F 94 37.51 27.97 21.19
N TYR F 95 37.90 28.17 19.92
CA TYR F 95 38.57 27.14 19.15
C TYR F 95 40.06 27.45 19.12
N VAL F 96 40.86 26.50 19.61
CA VAL F 96 42.31 26.64 19.67
C VAL F 96 42.90 25.54 18.81
N SER F 97 43.64 25.91 17.78
CA SER F 97 44.12 24.94 16.80
C SER F 97 45.52 25.30 16.33
N GLY F 98 46.22 24.30 15.81
CA GLY F 98 47.51 24.50 15.18
C GLY F 98 48.68 24.69 16.12
N PHE F 99 48.60 24.20 17.36
CA PHE F 99 49.63 24.46 18.35
C PHE F 99 50.38 23.18 18.71
N HIS F 100 51.66 23.37 19.05
CA HIS F 100 52.50 22.29 19.57
C HIS F 100 53.44 22.91 20.61
N PRO F 101 53.71 22.21 21.71
CA PRO F 101 53.15 20.92 22.16
C PRO F 101 51.74 21.04 22.76
N SER F 102 51.26 19.94 23.35
CA SER F 102 49.85 19.81 23.66
C SER F 102 49.43 20.57 24.92
N ASP F 103 50.33 20.80 25.87
CA ASP F 103 49.94 21.49 27.10
C ASP F 103 49.48 22.90 26.79
N ILE F 104 48.25 23.21 27.20
CA ILE F 104 47.66 24.52 26.92
C ILE F 104 46.62 24.80 28.00
N GLU F 105 46.44 26.09 28.29
CA GLU F 105 45.49 26.54 29.31
C GLU F 105 44.47 27.47 28.64
N VAL F 106 43.20 27.08 28.69
CA VAL F 106 42.13 27.82 28.04
C VAL F 106 41.02 28.07 29.05
N ASP F 107 40.71 29.34 29.29
CA ASP F 107 39.61 29.75 30.15
C ASP F 107 38.70 30.69 29.39
N LEU F 108 37.40 30.58 29.64
CA LEU F 108 36.42 31.50 29.08
C LEU F 108 36.08 32.55 30.13
N LEU F 109 36.17 33.82 29.75
CA LEU F 109 35.98 34.93 30.66
C LEU F 109 34.64 35.61 30.39
N LYS F 110 33.92 35.92 31.46
CA LYS F 110 32.70 36.74 31.41
C LYS F 110 32.95 37.99 32.25
N ASN F 111 33.02 39.15 31.58
CA ASN F 111 33.33 40.42 32.24
C ASN F 111 34.65 40.33 33.00
N GLY F 112 35.60 39.59 32.44
CA GLY F 112 36.91 39.44 33.05
C GLY F 112 37.03 38.33 34.06
N GLU F 113 35.95 37.60 34.33
CA GLU F 113 35.93 36.56 35.36
C GLU F 113 35.90 35.19 34.71
N ARG F 114 36.60 34.24 35.34
CA ARG F 114 36.67 32.88 34.81
C ARG F 114 35.31 32.20 34.95
N ILE F 115 34.79 31.69 33.83
CA ILE F 115 33.54 30.93 33.86
C ILE F 115 33.82 29.56 34.46
N GLU F 116 33.05 29.20 35.49
CA GLU F 116 33.37 27.99 36.26
C GLU F 116 33.04 26.74 35.48
N LYS F 117 31.86 26.68 34.88
CA LYS F 117 31.44 25.50 34.14
C LYS F 117 31.83 25.68 32.68
N VAL F 118 32.86 24.95 32.26
CA VAL F 118 33.38 24.99 30.89
C VAL F 118 33.84 23.59 30.53
N GLU F 119 33.49 23.15 29.33
CA GLU F 119 33.89 21.84 28.84
C GLU F 119 34.75 22.00 27.60
N HIS F 120 35.56 20.98 27.33
CA HIS F 120 36.42 20.98 26.16
C HIS F 120 36.33 19.64 25.46
N SER F 121 36.70 19.64 24.19
CA SER F 121 36.71 18.39 23.44
C SER F 121 37.93 17.55 23.86
N ASP F 122 38.01 16.35 23.31
CA ASP F 122 39.17 15.50 23.56
C ASP F 122 40.32 15.90 22.65
N LEU F 123 41.54 15.77 23.17
CA LEU F 123 42.72 16.20 22.43
C LEU F 123 42.86 15.39 21.14
N SER F 124 42.95 16.10 20.02
CA SER F 124 43.17 15.52 18.70
C SER F 124 44.11 16.42 17.93
N PHE F 125 44.46 16.02 16.71
CA PHE F 125 45.40 16.79 15.91
C PHE F 125 45.08 16.60 14.43
N SER F 126 45.66 17.49 13.61
CA SER F 126 45.43 17.55 12.19
C SER F 126 46.50 16.75 11.44
N LYS F 127 46.47 16.83 10.10
CA LYS F 127 47.40 16.06 9.28
C LYS F 127 48.85 16.44 9.54
N ASP F 128 49.11 17.69 9.92
CA ASP F 128 50.47 18.17 10.17
C ASP F 128 50.93 17.95 11.61
N TRP F 129 50.12 17.26 12.41
CA TRP F 129 50.37 16.83 13.81
C TRP F 129 50.07 17.92 14.83
N SER F 130 49.69 19.13 14.42
CA SER F 130 49.37 20.17 15.38
C SER F 130 48.01 19.90 16.02
N PHE F 131 47.92 20.17 17.32
CA PHE F 131 46.73 19.87 18.11
C PHE F 131 45.64 20.92 17.91
N TYR F 132 44.40 20.52 18.17
CA TYR F 132 43.28 21.44 18.21
C TYR F 132 42.33 21.03 19.33
N LEU F 133 41.68 22.03 19.93
CA LEU F 133 40.73 21.82 21.01
C LEU F 133 39.59 22.81 20.88
N LEU F 134 38.41 22.39 21.31
CA LEU F 134 37.23 23.26 21.38
C LEU F 134 36.81 23.39 22.82
N TYR F 135 36.82 24.62 23.33
CA TYR F 135 36.31 24.93 24.67
C TYR F 135 34.98 25.65 24.52
N TYR F 136 33.99 25.22 25.30
CA TYR F 136 32.64 25.70 25.10
C TYR F 136 31.89 25.72 26.42
N THR F 137 30.92 26.62 26.52
CA THR F 137 30.03 26.71 27.67
C THR F 137 28.68 27.23 27.20
N GLU F 138 27.63 26.77 27.86
CA GLU F 138 26.29 27.26 27.57
C GLU F 138 26.08 28.62 28.21
N PHE F 139 25.51 29.55 27.44
CA PHE F 139 25.23 30.89 27.95
C PHE F 139 24.08 31.49 27.14
N THR F 140 23.46 32.50 27.71
CA THR F 140 22.50 33.34 26.99
C THR F 140 23.10 34.73 26.94
N PRO F 141 23.50 35.24 25.77
CA PRO F 141 24.16 36.54 25.72
C PRO F 141 23.20 37.68 26.00
N THR F 142 23.74 38.73 26.62
CA THR F 142 23.02 39.96 26.86
C THR F 142 23.89 41.13 26.42
N GLU F 143 23.28 42.32 26.40
CA GLU F 143 24.06 43.53 26.16
C GLU F 143 24.85 43.87 27.42
N LYS F 144 25.93 44.63 27.23
CA LYS F 144 26.86 45.04 28.28
C LYS F 144 27.76 43.90 28.76
N ASP F 145 27.39 42.65 28.51
CA ASP F 145 28.19 41.52 28.96
C ASP F 145 29.27 41.25 27.92
N GLU F 146 30.52 41.31 28.34
CA GLU F 146 31.65 41.06 27.46
C GLU F 146 32.20 39.66 27.73
N TYR F 147 32.48 38.93 26.67
CA TYR F 147 33.03 37.59 26.76
C TYR F 147 34.36 37.55 26.03
N ALA F 148 35.25 36.67 26.51
CA ALA F 148 36.59 36.57 25.94
C ALA F 148 37.15 35.19 26.21
N CYS F 149 38.20 34.85 25.49
CA CYS F 149 38.92 33.60 25.69
C CYS F 149 40.36 33.92 26.06
N ARG F 150 40.82 33.33 27.16
CA ARG F 150 42.20 33.49 27.61
C ARG F 150 42.96 32.20 27.35
N VAL F 151 44.03 32.29 26.58
CA VAL F 151 44.84 31.14 26.20
C VAL F 151 46.28 31.39 26.64
N ASN F 152 46.88 30.41 27.29
CA ASN F 152 48.29 30.48 27.66
C ASN F 152 48.99 29.25 27.12
N HIS F 153 50.08 29.47 26.40
CA HIS F 153 50.82 28.40 25.73
C HIS F 153 52.29 28.79 25.73
N VAL F 154 53.15 27.76 25.60
CA VAL F 154 54.58 28.00 25.66
C VAL F 154 55.03 28.99 24.57
N THR F 155 54.31 29.05 23.46
CA THR F 155 54.64 29.97 22.38
C THR F 155 54.21 31.40 22.66
N LEU F 156 53.46 31.64 23.74
CA LEU F 156 52.95 32.96 24.07
C LEU F 156 53.77 33.54 25.21
N SER F 157 54.34 34.73 24.98
CA SER F 157 55.14 35.37 26.02
C SER F 157 54.28 35.81 27.19
N GLN F 158 52.99 36.05 26.95
CA GLN F 158 52.00 36.40 27.95
C GLN F 158 50.69 35.75 27.54
N PRO F 159 49.82 35.42 28.49
CA PRO F 159 48.51 34.87 28.12
C PRO F 159 47.79 35.83 27.17
N LYS F 160 47.17 35.27 26.15
CA LYS F 160 46.53 36.06 25.12
C LYS F 160 45.02 36.07 25.31
N ILE F 161 44.43 37.26 25.34
CA ILE F 161 42.99 37.44 25.47
C ILE F 161 42.42 37.75 24.11
N VAL F 162 41.42 36.98 23.68
CA VAL F 162 40.72 37.20 22.43
C VAL F 162 39.27 37.49 22.78
N LYS F 163 38.83 38.72 22.54
CA LYS F 163 37.47 39.11 22.84
C LYS F 163 36.49 38.53 21.82
N TRP F 164 35.27 38.27 22.28
CA TRP F 164 34.22 37.78 21.40
C TRP F 164 33.64 38.96 20.63
N ASP F 165 33.76 38.92 19.30
CA ASP F 165 33.33 40.00 18.42
C ASP F 165 31.97 39.62 17.83
N ARG F 166 30.93 40.36 18.20
CA ARG F 166 29.58 40.07 17.72
C ARG F 166 29.32 40.59 16.31
N ASP F 167 30.22 41.39 15.75
CA ASP F 167 30.05 41.89 14.39
C ASP F 167 30.47 40.84 13.36
N GLY G 1 -33.11 -21.68 -18.50
CA GLY G 1 -33.28 -20.28 -18.83
C GLY G 1 -33.96 -20.07 -20.18
N SER G 2 -35.29 -19.88 -20.25
CA SER G 2 -36.24 -19.77 -19.14
C SER G 2 -35.96 -18.60 -18.17
N HIS G 3 -36.30 -17.39 -18.61
CA HIS G 3 -36.10 -16.17 -17.83
C HIS G 3 -37.42 -15.40 -17.77
N SER G 4 -37.48 -14.43 -16.85
CA SER G 4 -38.71 -13.70 -16.60
C SER G 4 -38.43 -12.22 -16.36
N LEU G 5 -39.36 -11.39 -16.81
CA LEU G 5 -39.37 -9.95 -16.55
C LEU G 5 -40.65 -9.59 -15.81
N ARG G 6 -40.52 -8.83 -14.73
CA ARG G 6 -41.66 -8.55 -13.87
C ARG G 6 -41.68 -7.09 -13.45
N TYR G 7 -42.90 -6.56 -13.32
CA TYR G 7 -43.15 -5.24 -12.76
C TYR G 7 -44.09 -5.41 -11.57
N PHE G 8 -43.67 -4.92 -10.40
CA PHE G 8 -44.48 -4.99 -9.19
C PHE G 8 -44.78 -3.57 -8.71
N SER G 9 -46.01 -3.34 -8.24
CA SER G 9 -46.41 -2.02 -7.77
C SER G 9 -47.26 -2.17 -6.52
N THR G 10 -47.11 -1.21 -5.61
CA THR G 10 -47.90 -1.16 -4.38
C THR G 10 -48.40 0.27 -4.17
N ALA G 11 -49.71 0.43 -4.09
CA ALA G 11 -50.34 1.72 -3.86
C ALA G 11 -51.08 1.68 -2.53
N VAL G 12 -50.69 2.56 -1.61
CA VAL G 12 -51.21 2.56 -0.24
C VAL G 12 -51.75 3.95 0.05
N SER G 13 -53.04 4.03 0.38
CA SER G 13 -53.64 5.30 0.75
C SER G 13 -53.36 5.63 2.21
N ARG G 14 -53.19 6.91 2.50
CA ARG G 14 -52.95 7.42 3.85
C ARG G 14 -53.95 8.52 4.14
N PRO G 15 -55.12 8.16 4.66
CA PRO G 15 -56.19 9.15 4.88
C PRO G 15 -55.78 10.24 5.86
N GLY G 16 -55.86 11.50 5.40
CA GLY G 16 -55.39 12.64 6.15
C GLY G 16 -53.90 12.91 6.07
N ARG G 17 -53.10 11.93 5.66
CA ARG G 17 -51.66 12.10 5.55
C ARG G 17 -51.20 12.48 4.16
N GLY G 18 -52.13 12.77 3.26
CA GLY G 18 -51.81 13.11 1.88
C GLY G 18 -52.19 12.01 0.92
N GLU G 19 -51.84 12.24 -0.35
CA GLU G 19 -52.24 11.36 -1.43
C GLU G 19 -51.54 10.00 -1.31
N PRO G 20 -52.09 8.95 -1.92
CA PRO G 20 -51.53 7.61 -1.76
C PRO G 20 -50.10 7.50 -2.24
N ARG G 21 -49.33 6.65 -1.56
CA ARG G 21 -47.95 6.37 -1.91
C ARG G 21 -47.88 5.23 -2.92
N TYR G 22 -47.02 5.39 -3.92
CA TYR G 22 -46.85 4.42 -5.00
C TYR G 22 -45.39 3.99 -5.08
N ILE G 23 -45.13 2.72 -4.81
CA ILE G 23 -43.80 2.14 -4.92
C ILE G 23 -43.85 1.03 -5.97
N ALA G 24 -42.97 1.13 -6.96
CA ALA G 24 -42.91 0.16 -8.05
C ALA G 24 -41.49 -0.35 -8.22
N VAL G 25 -41.36 -1.65 -8.49
CA VAL G 25 -40.06 -2.29 -8.68
C VAL G 25 -40.15 -3.23 -9.87
N GLU G 26 -39.01 -3.45 -10.52
CA GLU G 26 -38.92 -4.36 -11.65
C GLU G 26 -37.83 -5.40 -11.40
N TYR G 27 -38.11 -6.64 -11.80
CA TYR G 27 -37.20 -7.77 -11.64
C TYR G 27 -36.92 -8.42 -12.98
N VAL G 28 -35.68 -8.82 -13.19
CA VAL G 28 -35.33 -9.87 -14.14
C VAL G 28 -35.01 -11.10 -13.32
N ASP G 29 -35.86 -12.12 -13.42
CA ASP G 29 -35.79 -13.28 -12.54
C ASP G 29 -35.80 -12.81 -11.08
N ASP G 30 -34.76 -13.18 -10.33
CA ASP G 30 -34.65 -12.82 -8.92
C ASP G 30 -33.80 -11.57 -8.68
N THR G 31 -33.41 -10.86 -9.73
CA THR G 31 -32.60 -9.65 -9.60
C THR G 31 -33.48 -8.43 -9.88
N GLN G 32 -33.54 -7.52 -8.91
CA GLN G 32 -34.31 -6.27 -9.05
C GLN G 32 -33.40 -5.17 -9.58
N PHE G 33 -33.67 -4.72 -10.80
CA PHE G 33 -32.88 -3.68 -11.44
C PHE G 33 -33.51 -2.29 -11.44
N LEU G 34 -34.74 -2.12 -10.95
CA LEU G 34 -35.41 -0.83 -11.05
C LEU G 34 -36.26 -0.56 -9.82
N ARG G 35 -36.45 0.73 -9.51
CA ARG G 35 -37.33 1.15 -8.43
C ARG G 35 -37.92 2.52 -8.73
N PHE G 36 -39.11 2.77 -8.18
CA PHE G 36 -39.76 4.07 -8.20
C PHE G 36 -40.50 4.27 -6.89
N ASP G 37 -40.32 5.43 -6.26
CA ASP G 37 -41.01 5.77 -5.02
C ASP G 37 -41.60 7.16 -5.18
N SER G 38 -42.92 7.27 -5.09
CA SER G 38 -43.58 8.56 -5.23
C SER G 38 -43.29 9.49 -4.06
N ASP G 39 -42.83 8.98 -2.93
CA ASP G 39 -42.50 9.84 -1.80
C ASP G 39 -41.08 10.41 -1.86
N ALA G 40 -40.22 9.85 -2.70
CA ALA G 40 -38.87 10.37 -2.82
C ALA G 40 -38.87 11.75 -3.46
N ALA G 41 -37.90 12.58 -3.06
CA ALA G 41 -37.70 13.86 -3.72
C ALA G 41 -37.31 13.63 -5.17
N ILE G 42 -37.91 14.41 -6.06
CA ILE G 42 -37.73 14.25 -7.51
C ILE G 42 -38.05 12.81 -7.89
N PRO G 43 -39.33 12.41 -7.88
CA PRO G 43 -39.65 11.01 -8.19
C PRO G 43 -39.25 10.65 -9.62
N ARG G 44 -38.48 9.57 -9.74
CA ARG G 44 -37.97 9.09 -11.01
C ARG G 44 -37.76 7.59 -10.89
N MET G 45 -37.67 6.92 -12.04
CA MET G 45 -37.23 5.54 -12.06
C MET G 45 -35.71 5.50 -11.90
N GLU G 46 -35.23 4.66 -10.99
CA GLU G 46 -33.81 4.68 -10.68
C GLU G 46 -33.19 3.30 -10.85
N PRO G 47 -31.97 3.23 -11.36
CA PRO G 47 -31.30 1.94 -11.53
C PRO G 47 -30.90 1.33 -10.19
N ARG G 48 -31.24 0.07 -9.99
CA ARG G 48 -30.74 -0.70 -8.85
C ARG G 48 -29.61 -1.65 -9.23
N GLU G 49 -29.19 -1.68 -10.49
CA GLU G 49 -28.15 -2.60 -10.95
C GLU G 49 -27.24 -1.89 -11.93
N PRO G 50 -25.95 -2.24 -11.94
CA PRO G 50 -25.00 -1.51 -12.80
C PRO G 50 -25.28 -1.61 -14.28
N TRP G 51 -25.75 -2.77 -14.76
CA TRP G 51 -25.89 -2.97 -16.19
C TRP G 51 -27.03 -2.15 -16.79
N VAL G 52 -27.96 -1.66 -15.97
CA VAL G 52 -29.01 -0.78 -16.46
C VAL G 52 -28.68 0.70 -16.23
N GLU G 53 -27.56 1.00 -15.56
CA GLU G 53 -27.19 2.40 -15.35
C GLU G 53 -26.74 3.07 -16.64
N GLN G 54 -26.31 2.28 -17.63
CA GLN G 54 -25.82 2.80 -18.90
C GLN G 54 -26.92 3.34 -19.81
N GLU G 55 -28.18 3.14 -19.45
CA GLU G 55 -29.29 3.49 -20.34
C GLU G 55 -29.36 5.00 -20.57
N GLY G 56 -29.70 5.39 -21.80
CA GLY G 56 -29.70 6.77 -22.18
C GLY G 56 -30.89 7.53 -21.59
N PRO G 57 -30.96 8.82 -21.91
CA PRO G 57 -32.03 9.65 -21.34
C PRO G 57 -33.44 9.25 -21.77
N GLN G 58 -33.60 8.79 -23.02
CA GLN G 58 -34.93 8.39 -23.48
C GLN G 58 -35.47 7.20 -22.70
N TYR G 59 -34.59 6.28 -22.31
CA TYR G 59 -35.03 5.13 -21.51
C TYR G 59 -35.59 5.57 -20.17
N TRP G 60 -34.91 6.51 -19.50
CA TRP G 60 -35.33 6.91 -18.16
C TRP G 60 -36.56 7.80 -18.17
N GLU G 61 -36.75 8.61 -19.22
CA GLU G 61 -38.01 9.31 -19.38
C GLU G 61 -39.13 8.33 -19.68
N TRP G 62 -38.84 7.28 -20.43
CA TRP G 62 -39.84 6.25 -20.73
C TRP G 62 -40.23 5.47 -19.48
N THR G 63 -39.23 5.04 -18.71
CA THR G 63 -39.52 4.27 -17.49
C THR G 63 -40.18 5.15 -16.43
N THR G 64 -39.62 6.32 -16.16
CA THR G 64 -40.27 7.26 -15.25
C THR G 64 -41.64 7.67 -15.77
N GLY G 65 -41.83 7.69 -17.09
CA GLY G 65 -43.10 8.02 -17.69
C GLY G 65 -44.23 7.13 -17.23
N TYR G 66 -44.08 5.82 -17.38
CA TYR G 66 -45.17 4.92 -16.99
C TYR G 66 -45.21 4.66 -15.49
N ALA G 67 -44.12 4.90 -14.76
CA ALA G 67 -44.18 4.83 -13.31
C ALA G 67 -45.08 5.93 -12.75
N LYS G 68 -44.87 7.17 -13.18
CA LYS G 68 -45.71 8.27 -12.73
C LYS G 68 -47.15 8.11 -13.21
N ALA G 69 -47.33 7.62 -14.44
CA ALA G 69 -48.67 7.45 -14.98
C ALA G 69 -49.43 6.36 -14.24
N ASN G 70 -48.76 5.24 -13.93
CA ASN G 70 -49.42 4.19 -13.16
C ASN G 70 -49.77 4.67 -11.76
N ALA G 71 -48.90 5.48 -11.16
CA ALA G 71 -49.20 6.07 -9.86
C ALA G 71 -50.48 6.87 -9.90
N GLN G 72 -50.63 7.72 -10.92
CA GLN G 72 -51.88 8.47 -11.07
C GLN G 72 -53.04 7.54 -11.38
N THR G 73 -52.78 6.47 -12.13
CA THR G 73 -53.84 5.52 -12.44
C THR G 73 -54.31 4.78 -11.19
N ASP G 74 -53.37 4.33 -10.36
CA ASP G 74 -53.74 3.58 -9.16
C ASP G 74 -54.25 4.48 -8.05
N ARG G 75 -53.86 5.76 -8.04
CA ARG G 75 -54.44 6.69 -7.08
C ARG G 75 -55.92 6.91 -7.37
N VAL G 76 -56.27 7.02 -8.66
CA VAL G 76 -57.67 7.14 -9.04
C VAL G 76 -58.42 5.84 -8.75
N ALA G 77 -57.76 4.70 -8.99
CA ALA G 77 -58.41 3.41 -8.73
C ALA G 77 -58.71 3.22 -7.25
N LEU G 78 -57.77 3.59 -6.38
CA LEU G 78 -58.02 3.50 -4.95
C LEU G 78 -59.20 4.36 -4.54
N ARG G 79 -59.33 5.52 -5.18
CA ARG G 79 -60.44 6.42 -4.90
C ARG G 79 -61.75 5.87 -5.44
N ASN G 80 -61.70 5.19 -6.59
CA ASN G 80 -62.91 4.57 -7.13
C ASN G 80 -63.28 3.31 -6.36
N LEU G 81 -62.29 2.49 -5.99
CA LEU G 81 -62.56 1.26 -5.26
C LEU G 81 -63.12 1.54 -3.87
N LEU G 82 -62.67 2.62 -3.22
CA LEU G 82 -63.23 2.97 -1.92
C LEU G 82 -64.72 3.24 -2.02
N ARG G 83 -65.14 3.91 -3.08
CA ARG G 83 -66.57 4.22 -3.26
C ARG G 83 -67.36 2.97 -3.63
N ARG G 84 -66.86 2.20 -4.61
CA ARG G 84 -67.63 1.06 -5.10
C ARG G 84 -67.78 -0.03 -4.05
N TYR G 85 -66.87 -0.11 -3.09
CA TYR G 85 -66.97 -1.08 -2.00
C TYR G 85 -67.61 -0.51 -0.75
N ASN G 86 -68.05 0.74 -0.77
CA ASN G 86 -68.75 1.38 0.35
C ASN G 86 -67.90 1.36 1.62
N GLN G 87 -66.67 1.84 1.52
CA GLN G 87 -65.72 1.77 2.63
C GLN G 87 -65.48 3.16 3.19
N SER G 88 -65.17 3.20 4.50
CA SER G 88 -64.95 4.46 5.19
C SER G 88 -63.67 5.12 4.70
N GLU G 89 -63.70 6.46 4.65
CA GLU G 89 -62.52 7.24 4.26
C GLU G 89 -61.50 7.37 5.39
N ALA G 90 -61.81 6.90 6.60
CA ALA G 90 -60.83 6.91 7.68
C ALA G 90 -59.80 5.79 7.55
N GLY G 91 -60.13 4.72 6.84
CA GLY G 91 -59.25 3.57 6.74
C GLY G 91 -58.31 3.62 5.55
N SER G 92 -57.16 2.99 5.72
CA SER G 92 -56.16 2.84 4.67
C SER G 92 -56.39 1.56 3.88
N HIS G 93 -56.13 1.63 2.57
CA HIS G 93 -56.33 0.49 1.70
C HIS G 93 -55.17 0.35 0.72
N THR G 94 -55.00 -0.85 0.19
CA THR G 94 -53.85 -1.22 -0.63
C THR G 94 -54.30 -1.72 -1.99
N LEU G 95 -53.64 -1.25 -3.05
CA LEU G 95 -53.83 -1.75 -4.40
C LEU G 95 -52.48 -2.19 -4.96
N GLN G 96 -52.35 -3.49 -5.22
CA GLN G 96 -51.14 -4.07 -5.77
C GLN G 96 -51.40 -4.56 -7.19
N GLY G 97 -50.35 -4.58 -8.00
CA GLY G 97 -50.45 -5.11 -9.35
C GLY G 97 -49.13 -5.66 -9.82
N MET G 98 -49.21 -6.59 -10.78
CA MET G 98 -48.04 -7.29 -11.29
C MET G 98 -48.25 -7.60 -12.76
N ASN G 99 -47.20 -7.41 -13.57
CA ASN G 99 -47.27 -7.80 -14.96
C ASN G 99 -45.88 -8.15 -15.46
N GLY G 100 -45.84 -8.92 -16.54
CA GLY G 100 -44.58 -9.31 -17.14
C GLY G 100 -44.73 -10.62 -17.90
N CYS G 101 -43.61 -11.09 -18.43
CA CYS G 101 -43.57 -12.24 -19.31
C CYS G 101 -42.56 -13.27 -18.84
N ASP G 102 -42.83 -14.54 -19.13
CA ASP G 102 -41.87 -15.62 -19.00
C ASP G 102 -41.43 -16.06 -20.38
N MET G 103 -40.12 -16.02 -20.64
CA MET G 103 -39.57 -16.38 -21.93
C MET G 103 -38.82 -17.70 -21.81
N GLY G 104 -39.08 -18.61 -22.76
CA GLY G 104 -38.41 -19.89 -22.77
C GLY G 104 -37.08 -19.82 -23.48
N PRO G 105 -36.34 -20.94 -23.44
CA PRO G 105 -35.02 -20.98 -24.08
C PRO G 105 -35.05 -20.75 -25.58
N ASP G 106 -36.17 -21.03 -26.24
CA ASP G 106 -36.28 -20.79 -27.68
C ASP G 106 -36.63 -19.35 -28.01
N GLY G 107 -36.80 -18.49 -27.01
CA GLY G 107 -37.11 -17.10 -27.22
C GLY G 107 -38.58 -16.74 -27.32
N ARG G 108 -39.49 -17.67 -27.01
CA ARG G 108 -40.92 -17.39 -27.12
C ARG G 108 -41.54 -17.17 -25.75
N LEU G 109 -42.81 -16.81 -25.78
CA LEU G 109 -43.55 -16.49 -24.57
C LEU G 109 -44.09 -17.77 -23.95
N LEU G 110 -43.64 -18.08 -22.74
CA LEU G 110 -44.21 -19.20 -22.00
C LEU G 110 -45.52 -18.80 -21.31
N ARG G 111 -45.51 -17.69 -20.59
CA ARG G 111 -46.69 -17.24 -19.87
C ARG G 111 -46.65 -15.72 -19.73
N GLY G 112 -47.81 -15.09 -19.89
CA GLY G 112 -47.96 -13.67 -19.59
C GLY G 112 -48.67 -13.43 -18.28
N TYR G 113 -48.57 -12.22 -17.72
CA TYR G 113 -49.26 -11.89 -16.48
C TYR G 113 -49.74 -10.45 -16.51
N HIS G 114 -51.02 -10.25 -16.21
CA HIS G 114 -51.56 -8.93 -15.86
C HIS G 114 -52.57 -9.15 -14.74
N GLN G 115 -52.31 -8.61 -13.55
CA GLN G 115 -53.22 -8.87 -12.45
C GLN G 115 -53.10 -7.78 -11.39
N HIS G 116 -54.17 -7.62 -10.62
CA HIS G 116 -54.25 -6.65 -9.53
C HIS G 116 -54.82 -7.32 -8.29
N ALA G 117 -54.56 -6.71 -7.14
CA ALA G 117 -55.14 -7.15 -5.88
C ALA G 117 -55.51 -5.92 -5.04
N TYR G 118 -56.70 -5.96 -4.44
CA TYR G 118 -57.17 -4.90 -3.56
C TYR G 118 -57.24 -5.44 -2.15
N ASP G 119 -56.56 -4.76 -1.22
CA ASP G 119 -56.48 -5.17 0.18
C ASP G 119 -56.02 -6.63 0.31
N GLY G 120 -55.03 -7.00 -0.48
CA GLY G 120 -54.45 -8.33 -0.39
C GLY G 120 -55.29 -9.44 -0.96
N LYS G 121 -56.43 -9.13 -1.58
CA LYS G 121 -57.31 -10.12 -2.17
C LYS G 121 -57.28 -9.98 -3.68
N ASP G 122 -57.31 -11.13 -4.37
CA ASP G 122 -57.35 -11.12 -5.83
C ASP G 122 -58.52 -10.28 -6.32
N TYR G 123 -58.26 -9.43 -7.30
CA TYR G 123 -59.27 -8.53 -7.85
C TYR G 123 -59.59 -8.89 -9.30
N ILE G 124 -58.62 -8.74 -10.20
CA ILE G 124 -58.77 -9.13 -11.59
C ILE G 124 -57.42 -9.59 -12.11
N SER G 125 -57.45 -10.56 -13.02
CA SER G 125 -56.23 -11.13 -13.56
C SER G 125 -56.46 -11.58 -15.00
N LEU G 126 -55.43 -11.41 -15.83
CA LEU G 126 -55.47 -11.92 -17.19
C LEU G 126 -55.23 -13.42 -17.19
N ASN G 127 -56.08 -14.17 -17.89
CA ASN G 127 -55.99 -15.63 -17.89
C ASN G 127 -54.82 -16.08 -18.75
N GLU G 128 -54.58 -17.40 -18.77
CA GLU G 128 -53.41 -17.93 -19.45
C GLU G 128 -53.50 -17.75 -20.97
N ASP G 129 -54.71 -17.85 -21.53
CA ASP G 129 -54.87 -17.64 -22.97
C ASP G 129 -54.61 -16.20 -23.38
N LEU G 130 -54.60 -15.27 -22.41
CA LEU G 130 -54.38 -13.85 -22.60
C LEU G 130 -55.44 -13.22 -23.50
N ARG G 131 -56.57 -13.90 -23.70
CA ARG G 131 -57.73 -13.31 -24.36
C ARG G 131 -58.87 -12.97 -23.41
N SER G 132 -58.73 -13.26 -22.12
CA SER G 132 -59.86 -13.14 -21.20
C SER G 132 -59.36 -12.86 -19.79
N TRP G 133 -60.29 -12.42 -18.94
CA TRP G 133 -60.00 -11.97 -17.60
C TRP G 133 -60.81 -12.77 -16.58
N THR G 134 -60.31 -12.81 -15.35
CA THR G 134 -61.04 -13.38 -14.22
C THR G 134 -61.29 -12.27 -13.20
N ALA G 135 -62.56 -11.89 -13.04
CA ALA G 135 -62.96 -10.90 -12.06
C ALA G 135 -63.41 -11.58 -10.77
N ALA G 136 -62.94 -11.05 -9.64
CA ALA G 136 -63.22 -11.71 -8.37
C ALA G 136 -64.65 -11.49 -7.89
N ASP G 137 -65.19 -10.29 -8.08
CA ASP G 137 -66.52 -9.97 -7.59
C ASP G 137 -67.22 -9.08 -8.61
N THR G 138 -68.42 -8.61 -8.25
CA THR G 138 -69.20 -7.76 -9.16
C THR G 138 -68.49 -6.44 -9.40
N VAL G 139 -67.83 -5.90 -8.37
CA VAL G 139 -67.10 -4.64 -8.54
C VAL G 139 -65.98 -4.83 -9.57
N ALA G 140 -65.26 -5.95 -9.49
CA ALA G 140 -64.20 -6.21 -10.45
C ALA G 140 -64.75 -6.47 -11.84
N GLN G 141 -65.99 -6.98 -11.94
CA GLN G 141 -66.61 -7.17 -13.25
C GLN G 141 -66.81 -5.86 -14.00
N ILE G 142 -66.88 -4.74 -13.28
CA ILE G 142 -66.92 -3.44 -13.95
C ILE G 142 -65.62 -3.18 -14.68
N THR G 143 -64.49 -3.46 -14.02
CA THR G 143 -63.18 -3.31 -14.66
C THR G 143 -63.02 -4.27 -15.84
N GLN G 144 -63.52 -5.50 -15.70
CA GLN G 144 -63.44 -6.46 -16.79
C GLN G 144 -64.17 -5.94 -18.02
N ARG G 145 -65.39 -5.42 -17.83
CA ARG G 145 -66.14 -4.86 -18.96
C ARG G 145 -65.43 -3.65 -19.55
N PHE G 146 -64.73 -2.88 -18.72
CA PHE G 146 -63.89 -1.81 -19.23
C PHE G 146 -62.75 -2.37 -20.07
N TYR G 147 -62.09 -3.42 -19.58
CA TYR G 147 -61.02 -4.06 -20.34
C TYR G 147 -61.52 -4.58 -21.68
N GLU G 148 -62.70 -5.20 -21.70
CA GLU G 148 -63.22 -5.79 -22.93
C GLU G 148 -63.61 -4.72 -23.95
N ALA G 149 -64.19 -3.61 -23.48
CA ALA G 149 -64.56 -2.54 -24.39
C ALA G 149 -63.33 -1.89 -25.02
N GLU G 150 -62.26 -1.73 -24.22
CA GLU G 150 -61.00 -1.20 -24.73
C GLU G 150 -60.21 -2.22 -25.53
N GLU G 151 -60.66 -3.48 -25.55
CA GLU G 151 -59.88 -4.59 -26.10
C GLU G 151 -58.45 -4.58 -25.53
N TYR G 152 -58.39 -4.42 -24.21
CA TYR G 152 -57.09 -4.23 -23.55
C TYR G 152 -56.31 -5.54 -23.46
N ALA G 153 -57.01 -6.68 -23.46
CA ALA G 153 -56.30 -7.96 -23.48
C ALA G 153 -55.47 -8.10 -24.75
N GLU G 154 -56.03 -7.68 -25.89
CA GLU G 154 -55.28 -7.74 -27.14
C GLU G 154 -54.10 -6.78 -27.12
N GLU G 155 -54.29 -5.58 -26.59
CA GLU G 155 -53.20 -4.60 -26.53
C GLU G 155 -52.03 -5.13 -25.70
N PHE G 156 -52.33 -5.69 -24.52
CA PHE G 156 -51.27 -6.17 -23.64
C PHE G 156 -50.69 -7.48 -24.14
N ARG G 157 -51.48 -8.30 -24.82
CA ARG G 157 -50.95 -9.50 -25.45
C ARG G 157 -49.94 -9.14 -26.53
N THR G 158 -50.18 -8.06 -27.27
CA THR G 158 -49.20 -7.59 -28.24
C THR G 158 -47.91 -7.14 -27.56
N TYR G 159 -48.03 -6.46 -26.41
CA TYR G 159 -46.86 -6.06 -25.66
C TYR G 159 -46.10 -7.26 -25.11
N LEU G 160 -46.81 -8.23 -24.54
CA LEU G 160 -46.17 -9.40 -23.96
C LEU G 160 -45.36 -10.16 -25.00
N GLU G 161 -45.92 -10.34 -26.19
CA GLU G 161 -45.22 -11.11 -27.21
C GLU G 161 -44.12 -10.27 -27.88
N GLY G 162 -44.45 -9.07 -28.33
CA GLY G 162 -43.43 -8.25 -28.96
C GLY G 162 -42.40 -7.58 -28.07
N GLU G 163 -42.82 -6.62 -27.23
CA GLU G 163 -41.84 -5.77 -26.55
C GLU G 163 -41.32 -6.39 -25.26
N CYS G 164 -42.19 -7.05 -24.49
CA CYS G 164 -41.76 -7.63 -23.23
C CYS G 164 -40.59 -8.57 -23.42
N LEU G 165 -40.68 -9.43 -24.45
CA LEU G 165 -39.57 -10.32 -24.77
C LEU G 165 -38.35 -9.54 -25.26
N GLU G 166 -38.57 -8.49 -26.06
CA GLU G 166 -37.44 -7.69 -26.55
C GLU G 166 -36.72 -7.00 -25.41
N LEU G 167 -37.49 -6.47 -24.44
CA LEU G 167 -36.88 -5.86 -23.26
C LEU G 167 -36.13 -6.90 -22.44
N LEU G 168 -36.72 -8.08 -22.27
CA LEU G 168 -36.07 -9.12 -21.47
C LEU G 168 -34.78 -9.58 -22.11
N ARG G 169 -34.77 -9.76 -23.44
CA ARG G 169 -33.55 -10.12 -24.13
C ARG G 169 -32.50 -9.02 -24.00
N ARG G 170 -32.93 -7.76 -24.10
CA ARG G 170 -31.99 -6.64 -23.92
C ARG G 170 -31.34 -6.69 -22.54
N TYR G 171 -32.16 -6.88 -21.51
CA TYR G 171 -31.64 -6.89 -20.14
C TYR G 171 -30.71 -8.08 -19.94
N LEU G 172 -31.12 -9.26 -20.43
CA LEU G 172 -30.29 -10.45 -20.29
C LEU G 172 -28.95 -10.29 -20.98
N GLU G 173 -28.89 -9.50 -22.06
CA GLU G 173 -27.62 -9.26 -22.74
C GLU G 173 -26.75 -8.26 -21.99
N ASN G 174 -27.34 -7.13 -21.59
CA ASN G 174 -26.57 -6.12 -20.86
C ASN G 174 -26.13 -6.63 -19.49
N GLY G 175 -26.95 -7.45 -18.85
CA GLY G 175 -26.66 -7.98 -17.54
C GLY G 175 -26.13 -9.41 -17.60
N LYS G 176 -25.53 -9.77 -18.74
CA LYS G 176 -25.13 -11.15 -19.00
C LYS G 176 -24.36 -11.76 -17.84
N GLU G 177 -23.43 -11.01 -17.25
CA GLU G 177 -22.65 -11.54 -16.14
C GLU G 177 -23.51 -11.73 -14.90
N THR G 178 -24.40 -10.78 -14.62
CA THR G 178 -25.25 -10.86 -13.43
C THR G 178 -26.44 -11.80 -13.65
N LEU G 179 -27.14 -11.66 -14.77
CA LEU G 179 -28.43 -12.33 -14.92
C LEU G 179 -28.27 -13.79 -15.35
N GLN G 180 -27.30 -14.10 -16.19
CA GLN G 180 -27.17 -15.43 -16.77
C GLN G 180 -26.31 -16.37 -15.93
N ARG G 181 -25.90 -15.94 -14.74
CA ARG G 181 -25.18 -16.82 -13.82
C ARG G 181 -26.14 -17.79 -13.14
N ALA G 182 -25.60 -18.94 -12.77
CA ALA G 182 -26.24 -19.85 -11.81
C ALA G 182 -25.20 -20.21 -10.77
N ASP G 183 -25.40 -19.76 -9.53
CA ASP G 183 -24.47 -20.06 -8.46
C ASP G 183 -24.97 -21.26 -7.68
N PRO G 184 -24.24 -22.37 -7.64
CA PRO G 184 -24.70 -23.53 -6.88
C PRO G 184 -24.64 -23.27 -5.40
N PRO G 185 -25.44 -23.98 -4.60
CA PRO G 185 -25.40 -23.79 -3.16
C PRO G 185 -24.18 -24.43 -2.52
N LYS G 186 -23.73 -23.83 -1.43
CA LYS G 186 -22.78 -24.44 -0.52
C LYS G 186 -23.56 -25.06 0.63
N ALA G 187 -23.50 -26.38 0.75
CA ALA G 187 -24.39 -27.13 1.62
C ALA G 187 -23.61 -27.88 2.68
N HIS G 188 -24.16 -27.92 3.89
CA HIS G 188 -23.57 -28.70 4.97
C HIS G 188 -24.66 -29.03 5.98
N VAL G 189 -24.36 -30.01 6.83
CA VAL G 189 -25.29 -30.49 7.85
C VAL G 189 -24.72 -30.11 9.21
N ALA G 190 -25.56 -29.50 10.04
CA ALA G 190 -25.18 -29.12 11.40
C ALA G 190 -25.89 -30.02 12.40
N HIS G 191 -25.19 -30.34 13.49
CA HIS G 191 -25.69 -31.26 14.51
C HIS G 191 -25.78 -30.51 15.84
N HIS G 192 -26.99 -30.42 16.38
CA HIS G 192 -27.26 -29.71 17.62
C HIS G 192 -28.06 -30.59 18.57
N PRO G 193 -27.40 -31.30 19.49
CA PRO G 193 -28.17 -32.05 20.49
C PRO G 193 -29.04 -31.08 21.28
N ILE G 194 -30.35 -31.35 21.30
CA ILE G 194 -31.28 -30.53 22.06
C ILE G 194 -31.59 -31.10 23.43
N SER G 195 -31.23 -32.34 23.68
CA SER G 195 -31.53 -33.03 24.93
C SER G 195 -30.78 -34.36 24.91
N ASP G 196 -31.01 -35.18 25.92
CA ASP G 196 -30.59 -36.57 25.83
C ASP G 196 -31.50 -37.29 24.85
N HIS G 197 -30.94 -38.28 24.16
CA HIS G 197 -31.60 -39.15 23.18
C HIS G 197 -32.25 -38.37 22.03
N GLU G 198 -31.93 -37.10 21.83
CA GLU G 198 -32.47 -36.35 20.71
C GLU G 198 -31.45 -35.33 20.24
N ALA G 199 -31.50 -35.01 18.95
CA ALA G 199 -30.59 -34.06 18.33
C ALA G 199 -31.26 -33.46 17.10
N THR G 200 -30.82 -32.26 16.73
CA THR G 200 -31.31 -31.58 15.55
C THR G 200 -30.28 -31.72 14.41
N LEU G 201 -30.75 -32.19 13.26
CA LEU G 201 -29.96 -32.19 12.03
C LEU G 201 -30.52 -31.10 11.13
N ARG G 202 -29.73 -30.04 10.91
CA ARG G 202 -30.14 -28.93 10.07
C ARG G 202 -29.28 -28.90 8.81
N CYS G 203 -29.93 -28.90 7.65
CA CYS G 203 -29.24 -28.89 6.37
C CYS G 203 -29.24 -27.47 5.82
N TRP G 204 -28.04 -26.91 5.63
CA TRP G 204 -27.87 -25.53 5.22
C TRP G 204 -27.58 -25.45 3.73
N ALA G 205 -28.14 -24.43 3.08
CA ALA G 205 -27.82 -24.10 1.69
C ALA G 205 -27.55 -22.61 1.62
N LEU G 206 -26.36 -22.24 1.17
CA LEU G 206 -25.92 -20.85 1.20
C LEU G 206 -25.33 -20.43 -0.14
N GLY G 207 -25.49 -19.15 -0.46
CA GLY G 207 -24.83 -18.56 -1.60
C GLY G 207 -25.32 -18.98 -2.96
N PHE G 208 -26.57 -19.42 -3.08
CA PHE G 208 -27.07 -19.94 -4.34
C PHE G 208 -27.93 -18.91 -5.05
N TYR G 209 -27.85 -18.92 -6.38
CA TYR G 209 -28.73 -18.13 -7.23
C TYR G 209 -29.09 -18.97 -8.47
N PRO G 210 -30.34 -18.90 -8.93
CA PRO G 210 -31.47 -18.14 -8.39
C PRO G 210 -32.05 -18.70 -7.09
N ALA G 211 -33.16 -18.11 -6.62
CA ALA G 211 -33.67 -18.43 -5.30
C ALA G 211 -34.34 -19.79 -5.24
N GLU G 212 -34.82 -20.30 -6.38
CA GLU G 212 -35.51 -21.58 -6.38
C GLU G 212 -34.57 -22.70 -5.96
N ILE G 213 -35.00 -23.50 -4.98
CA ILE G 213 -34.20 -24.58 -4.45
C ILE G 213 -35.14 -25.58 -3.78
N THR G 214 -34.67 -26.81 -3.62
CA THR G 214 -35.42 -27.86 -2.93
C THR G 214 -34.49 -28.56 -1.95
N LEU G 215 -34.82 -28.47 -0.66
CA LEU G 215 -34.10 -29.14 0.40
C LEU G 215 -35.03 -30.15 1.06
N THR G 216 -34.64 -31.42 1.05
CA THR G 216 -35.46 -32.47 1.64
C THR G 216 -34.60 -33.37 2.51
N TRP G 217 -35.25 -34.00 3.49
CA TRP G 217 -34.63 -34.98 4.36
C TRP G 217 -35.23 -36.35 4.10
N GLN G 218 -34.37 -37.37 4.09
CA GLN G 218 -34.80 -38.75 3.94
C GLN G 218 -34.26 -39.57 5.12
N ARG G 219 -35.06 -40.53 5.57
CA ARG G 219 -34.64 -41.50 6.59
C ARG G 219 -34.73 -42.88 5.98
N ASP G 220 -33.58 -43.53 5.81
CA ASP G 220 -33.48 -44.84 5.15
C ASP G 220 -34.09 -44.79 3.75
N GLY G 221 -33.89 -43.67 3.06
CA GLY G 221 -34.36 -43.48 1.71
C GLY G 221 -35.76 -42.92 1.58
N GLU G 222 -36.57 -43.02 2.64
CA GLU G 222 -37.93 -42.49 2.61
C GLU G 222 -37.92 -41.04 3.09
N GLU G 223 -38.49 -40.15 2.28
CA GLU G 223 -38.48 -38.73 2.58
C GLU G 223 -39.38 -38.42 3.77
N GLN G 224 -38.92 -37.51 4.65
CA GLN G 224 -39.71 -37.09 5.80
C GLN G 224 -40.31 -35.73 5.45
N THR G 225 -41.56 -35.75 4.95
CA THR G 225 -42.20 -34.51 4.54
C THR G 225 -42.77 -33.75 5.73
N GLN G 226 -43.53 -34.44 6.58
CA GLN G 226 -44.24 -33.82 7.69
C GLN G 226 -43.34 -33.49 8.86
N ASP G 227 -42.20 -34.16 8.99
CA ASP G 227 -41.30 -33.96 10.12
C ASP G 227 -40.18 -32.96 9.81
N THR G 228 -40.18 -32.37 8.63
CA THR G 228 -39.11 -31.45 8.21
C THR G 228 -39.57 -30.01 8.42
N GLU G 229 -38.77 -29.24 9.16
CA GLU G 229 -39.00 -27.81 9.33
C GLU G 229 -38.23 -27.04 8.26
N LEU G 230 -38.93 -26.16 7.55
CA LEU G 230 -38.33 -25.32 6.53
C LEU G 230 -38.45 -23.85 6.91
N VAL G 231 -37.51 -23.05 6.42
CA VAL G 231 -37.59 -21.60 6.51
C VAL G 231 -37.73 -21.04 5.11
N GLU G 232 -38.36 -19.87 5.03
CA GLU G 232 -38.47 -19.18 3.74
C GLU G 232 -37.10 -18.82 3.22
N THR G 233 -36.87 -19.06 1.93
CA THR G 233 -35.63 -18.64 1.29
C THR G 233 -35.42 -17.15 1.50
N ARG G 234 -34.22 -16.79 1.96
CA ARG G 234 -33.96 -15.42 2.37
C ARG G 234 -32.77 -14.87 1.58
N PRO G 235 -32.79 -13.58 1.27
CA PRO G 235 -31.66 -12.97 0.56
C PRO G 235 -30.47 -12.77 1.49
N ALA G 236 -29.28 -13.02 0.95
CA ALA G 236 -28.05 -12.73 1.69
C ALA G 236 -27.70 -11.25 1.67
N GLY G 237 -28.16 -10.52 0.67
CA GLY G 237 -27.84 -9.12 0.49
C GLY G 237 -26.79 -8.87 -0.58
N ASP G 238 -26.02 -9.89 -0.94
CA ASP G 238 -25.00 -9.79 -1.98
C ASP G 238 -25.49 -10.30 -3.34
N GLY G 239 -26.76 -10.68 -3.46
CA GLY G 239 -27.28 -11.26 -4.68
C GLY G 239 -27.49 -12.75 -4.65
N THR G 240 -27.19 -13.41 -3.54
CA THR G 240 -27.40 -14.84 -3.37
C THR G 240 -28.47 -15.07 -2.30
N PHE G 241 -28.80 -16.33 -2.07
CA PHE G 241 -29.90 -16.68 -1.18
C PHE G 241 -29.50 -17.78 -0.22
N GLN G 242 -30.28 -17.91 0.85
CA GLN G 242 -30.03 -18.89 1.91
C GLN G 242 -31.32 -19.62 2.25
N LYS G 243 -31.17 -20.88 2.65
CA LYS G 243 -32.29 -21.67 3.15
C LYS G 243 -31.74 -22.79 4.03
N TRP G 244 -32.57 -23.28 4.95
CA TRP G 244 -32.21 -24.49 5.67
C TRP G 244 -33.46 -25.34 5.94
N ALA G 245 -33.21 -26.63 6.13
CA ALA G 245 -34.22 -27.60 6.51
C ALA G 245 -33.71 -28.40 7.69
N ALA G 246 -34.56 -28.61 8.69
CA ALA G 246 -34.16 -29.27 9.92
C ALA G 246 -35.11 -30.40 10.26
N VAL G 247 -34.57 -31.40 10.96
CA VAL G 247 -35.35 -32.52 11.46
C VAL G 247 -34.78 -32.91 12.83
N VAL G 248 -35.67 -33.30 13.74
CA VAL G 248 -35.28 -33.75 15.07
C VAL G 248 -35.21 -35.27 15.04
N VAL G 249 -34.06 -35.82 15.41
CA VAL G 249 -33.82 -37.25 15.24
C VAL G 249 -33.40 -37.88 16.57
N PRO G 250 -33.64 -39.17 16.78
CA PRO G 250 -33.15 -39.82 17.99
C PRO G 250 -31.63 -39.94 17.96
N SER G 251 -31.01 -39.76 19.11
CA SER G 251 -29.57 -39.87 19.20
C SER G 251 -29.13 -41.28 18.81
N GLY G 252 -28.02 -41.37 18.08
CA GLY G 252 -27.54 -42.63 17.55
C GLY G 252 -28.20 -43.07 16.26
N GLU G 253 -29.32 -42.46 15.86
CA GLU G 253 -29.98 -42.74 14.61
C GLU G 253 -29.60 -41.75 13.51
N GLU G 254 -28.67 -40.82 13.79
CA GLU G 254 -28.36 -39.75 12.84
C GLU G 254 -27.95 -40.30 11.48
N GLN G 255 -27.26 -41.45 11.44
CA GLN G 255 -26.75 -41.98 10.18
C GLN G 255 -27.86 -42.49 9.26
N ARG G 256 -29.06 -42.71 9.78
CA ARG G 256 -30.17 -43.11 8.93
C ARG G 256 -30.69 -41.96 8.06
N TYR G 257 -30.23 -40.73 8.30
CA TYR G 257 -30.78 -39.53 7.69
C TYR G 257 -29.83 -38.97 6.65
N THR G 258 -30.40 -38.53 5.53
CA THR G 258 -29.64 -37.92 4.44
C THR G 258 -30.35 -36.66 3.98
N CYS G 259 -29.59 -35.61 3.72
CA CYS G 259 -30.11 -34.38 3.14
C CYS G 259 -29.93 -34.41 1.63
N HIS G 260 -30.90 -33.85 0.91
CA HIS G 260 -30.87 -33.83 -0.55
C HIS G 260 -31.10 -32.41 -1.03
N VAL G 261 -30.20 -31.93 -1.88
CA VAL G 261 -30.18 -30.54 -2.33
C VAL G 261 -30.37 -30.53 -3.84
N GLN G 262 -31.38 -29.80 -4.31
CA GLN G 262 -31.67 -29.66 -5.72
C GLN G 262 -31.62 -28.18 -6.09
N HIS G 263 -30.73 -27.82 -7.01
CA HIS G 263 -30.60 -26.44 -7.47
C HIS G 263 -30.12 -26.45 -8.90
N GLU G 264 -30.60 -25.50 -9.71
CA GLU G 264 -30.28 -25.51 -11.13
C GLU G 264 -28.82 -25.17 -11.40
N GLY G 265 -28.12 -24.59 -10.42
CA GLY G 265 -26.70 -24.31 -10.56
C GLY G 265 -25.80 -25.49 -10.37
N LEU G 266 -26.34 -26.62 -9.92
CA LEU G 266 -25.62 -27.87 -9.68
C LEU G 266 -25.61 -28.73 -10.94
N PRO G 267 -24.49 -29.39 -11.22
CA PRO G 267 -24.48 -30.40 -12.30
C PRO G 267 -25.49 -31.50 -12.07
N GLN G 268 -25.78 -31.84 -10.82
CA GLN G 268 -26.82 -32.80 -10.48
C GLN G 268 -27.16 -32.62 -9.01
N PRO G 269 -28.19 -33.31 -8.51
CA PRO G 269 -28.52 -33.20 -7.09
C PRO G 269 -27.42 -33.73 -6.17
N LEU G 270 -27.38 -33.18 -4.96
CA LEU G 270 -26.38 -33.54 -3.95
C LEU G 270 -27.03 -34.32 -2.81
N ILE G 271 -26.22 -35.18 -2.19
CA ILE G 271 -26.62 -35.93 -0.99
C ILE G 271 -25.60 -35.62 0.11
N LEU G 272 -26.09 -35.38 1.32
CA LEU G 272 -25.23 -35.03 2.45
C LEU G 272 -25.60 -35.84 3.69
N ARG G 273 -24.58 -36.15 4.49
CA ARG G 273 -24.74 -36.75 5.81
C ARG G 273 -24.20 -35.80 6.86
N TRP G 274 -24.31 -36.21 8.11
CA TRP G 274 -23.57 -35.58 9.20
C TRP G 274 -22.27 -36.34 9.38
N GLU G 275 -21.15 -35.65 9.14
CA GLU G 275 -19.84 -36.29 9.18
C GLU G 275 -19.09 -35.92 10.45
N PRO H 69 -60.17 -5.80 4.46
CA PRO H 69 -58.71 -5.69 4.53
C PRO H 69 -58.05 -6.86 5.26
N ILE H 70 -57.44 -7.77 4.50
CA ILE H 70 -56.84 -8.96 5.09
C ILE H 70 -55.54 -8.58 5.81
N GLN H 71 -55.13 -9.44 6.72
CA GLN H 71 -53.89 -9.26 7.48
C GLN H 71 -53.11 -10.58 7.47
N ARG H 72 -51.80 -10.48 7.21
CA ARG H 72 -50.92 -11.63 7.27
C ARG H 72 -49.78 -11.31 8.23
N THR H 73 -49.45 -12.27 9.09
CA THR H 73 -48.42 -12.04 10.10
C THR H 73 -47.03 -12.19 9.51
N PRO H 74 -46.12 -11.25 9.78
CA PRO H 74 -44.76 -11.38 9.25
C PRO H 74 -43.99 -12.52 9.91
N LYS H 75 -43.20 -13.22 9.10
CA LYS H 75 -42.18 -14.13 9.60
C LYS H 75 -40.83 -13.42 9.56
N ILE H 76 -40.05 -13.58 10.64
CA ILE H 76 -38.86 -12.79 10.88
C ILE H 76 -37.65 -13.72 10.96
N GLN H 77 -36.59 -13.36 10.25
CA GLN H 77 -35.32 -14.09 10.31
C GLN H 77 -34.18 -13.09 10.51
N VAL H 78 -33.32 -13.36 11.49
CA VAL H 78 -32.17 -12.52 11.80
C VAL H 78 -30.92 -13.36 11.57
N TYR H 79 -30.05 -12.89 10.67
CA TYR H 79 -28.91 -13.68 10.23
C TYR H 79 -27.85 -12.74 9.67
N SER H 80 -26.65 -13.27 9.48
CA SER H 80 -25.56 -12.55 8.85
C SER H 80 -25.39 -13.00 7.41
N ARG H 81 -24.95 -12.07 6.55
CA ARG H 81 -24.70 -12.39 5.15
C ARG H 81 -23.67 -13.49 5.01
N HIS H 82 -22.59 -13.42 5.78
CA HIS H 82 -21.52 -14.40 5.79
C HIS H 82 -21.43 -15.02 7.18
N PRO H 83 -20.82 -16.21 7.31
CA PRO H 83 -20.59 -16.77 8.64
C PRO H 83 -19.83 -15.78 9.51
N ALA H 84 -20.34 -15.56 10.72
CA ALA H 84 -19.81 -14.52 11.58
C ALA H 84 -18.44 -14.89 12.13
N GLU H 85 -17.51 -13.95 12.05
CA GLU H 85 -16.18 -14.10 12.65
C GLU H 85 -15.85 -12.81 13.38
N ASN H 86 -15.49 -12.92 14.66
CA ASN H 86 -15.14 -11.74 15.45
C ASN H 86 -14.00 -10.99 14.79
N GLY H 87 -14.19 -9.68 14.58
CA GLY H 87 -13.19 -8.84 13.98
C GLY H 87 -13.27 -8.70 12.47
N LYS H 88 -14.06 -9.52 11.80
CA LYS H 88 -14.18 -9.49 10.34
C LYS H 88 -15.50 -8.84 9.94
N SER H 89 -15.41 -7.85 9.05
CA SER H 89 -16.58 -7.10 8.63
C SER H 89 -17.61 -8.01 7.96
N ASN H 90 -18.88 -7.69 8.15
CA ASN H 90 -19.97 -8.53 7.71
C ASN H 90 -21.21 -7.64 7.50
N PHE H 91 -22.35 -8.27 7.26
CA PHE H 91 -23.62 -7.58 7.17
C PHE H 91 -24.64 -8.30 8.04
N LEU H 92 -25.41 -7.54 8.81
CA LEU H 92 -26.46 -8.08 9.65
C LEU H 92 -27.79 -7.86 8.95
N ASN H 93 -28.52 -8.95 8.70
CA ASN H 93 -29.76 -8.90 7.94
C ASN H 93 -30.95 -9.24 8.84
N CYS H 94 -32.04 -8.50 8.66
CA CYS H 94 -33.35 -8.87 9.20
C CYS H 94 -34.30 -9.01 8.04
N TYR H 95 -34.76 -10.23 7.79
CA TYR H 95 -35.66 -10.52 6.69
C TYR H 95 -37.08 -10.69 7.23
N VAL H 96 -38.00 -9.87 6.73
CA VAL H 96 -39.40 -9.87 7.13
C VAL H 96 -40.22 -10.19 5.89
N SER H 97 -41.02 -11.25 5.95
CA SER H 97 -41.72 -11.72 4.77
C SER H 97 -43.11 -12.23 5.13
N GLY H 98 -43.99 -12.24 4.13
CA GLY H 98 -45.30 -12.84 4.27
C GLY H 98 -46.33 -12.02 5.02
N PHE H 99 -46.19 -10.69 5.08
CA PHE H 99 -47.05 -9.87 5.90
C PHE H 99 -47.94 -8.97 5.05
N HIS H 100 -49.14 -8.68 5.57
CA HIS H 100 -50.05 -7.72 4.97
C HIS H 100 -50.81 -6.98 6.07
N PRO H 101 -51.06 -5.68 5.90
CA PRO H 101 -50.60 -4.80 4.81
C PRO H 101 -49.14 -4.38 4.95
N SER H 102 -48.72 -3.42 4.11
CA SER H 102 -47.30 -3.14 3.94
C SER H 102 -46.70 -2.31 5.07
N ASP H 103 -47.49 -1.51 5.77
CA ASP H 103 -46.94 -0.68 6.83
C ASP H 103 -46.33 -1.56 7.92
N ILE H 104 -45.05 -1.34 8.20
CA ILE H 104 -44.33 -2.17 9.16
C ILE H 104 -43.18 -1.34 9.73
N GLU H 105 -42.79 -1.67 10.96
CA GLU H 105 -41.69 -1.00 11.65
C GLU H 105 -40.62 -2.03 11.98
N VAL H 106 -39.43 -1.86 11.42
CA VAL H 106 -38.32 -2.79 11.60
C VAL H 106 -37.10 -2.01 12.06
N ASP H 107 -36.56 -2.37 13.22
CA ASP H 107 -35.32 -1.79 13.72
C ASP H 107 -34.31 -2.89 14.02
N LEU H 108 -33.04 -2.59 13.75
CA LEU H 108 -31.94 -3.46 14.13
C LEU H 108 -31.35 -2.94 15.43
N LEU H 109 -31.25 -3.82 16.42
CA LEU H 109 -30.81 -3.43 17.76
C LEU H 109 -29.39 -3.93 18.01
N LYS H 110 -28.56 -3.06 18.59
CA LYS H 110 -27.23 -3.42 19.05
C LYS H 110 -27.20 -3.20 20.56
N ASN H 111 -27.09 -4.30 21.30
CA ASN H 111 -27.12 -4.28 22.76
C ASN H 111 -28.39 -3.59 23.28
N GLY H 112 -29.50 -3.80 22.56
CA GLY H 112 -30.77 -3.26 22.93
C GLY H 112 -31.08 -1.87 22.41
N GLU H 113 -30.14 -1.23 21.71
CA GLU H 113 -30.32 0.12 21.20
C GLU H 113 -30.45 0.12 19.68
N ARG H 114 -31.18 1.10 19.16
CA ARG H 114 -31.44 1.17 17.74
C ARG H 114 -30.18 1.56 16.97
N ILE H 115 -29.84 0.75 15.97
CA ILE H 115 -28.71 1.08 15.09
C ILE H 115 -29.12 2.20 14.15
N GLU H 116 -28.30 3.26 14.11
CA GLU H 116 -28.71 4.48 13.42
C GLU H 116 -28.67 4.30 11.90
N LYS H 117 -27.57 3.77 11.38
CA LYS H 117 -27.42 3.61 9.93
C LYS H 117 -27.91 2.22 9.55
N VAL H 118 -29.08 2.16 8.92
CA VAL H 118 -29.70 0.92 8.49
C VAL H 118 -30.41 1.18 7.17
N GLU H 119 -30.23 0.29 6.21
CA GLU H 119 -30.88 0.40 4.92
C GLU H 119 -31.80 -0.79 4.71
N HIS H 120 -32.79 -0.62 3.84
CA HIS H 120 -33.73 -1.68 3.54
C HIS H 120 -33.94 -1.76 2.03
N SER H 121 -34.45 -2.92 1.59
CA SER H 121 -34.73 -3.11 0.19
C SER H 121 -36.00 -2.34 -0.21
N ASP H 122 -36.31 -2.37 -1.49
CA ASP H 122 -37.53 -1.75 -1.96
C ASP H 122 -38.71 -2.68 -1.74
N LEU H 123 -39.87 -2.10 -1.45
CA LEU H 123 -41.04 -2.90 -1.14
C LEU H 123 -41.44 -3.75 -2.34
N SER H 124 -41.53 -5.06 -2.13
CA SER H 124 -41.98 -5.99 -3.15
C SER H 124 -42.84 -7.04 -2.47
N PHE H 125 -43.38 -7.96 -3.26
CA PHE H 125 -44.28 -8.97 -2.73
C PHE H 125 -44.17 -10.25 -3.55
N SER H 126 -44.70 -11.32 -2.99
CA SER H 126 -44.63 -12.65 -3.57
C SER H 126 -45.88 -12.95 -4.40
N LYS H 127 -45.96 -14.19 -4.86
CA LYS H 127 -47.05 -14.61 -5.73
C LYS H 127 -48.41 -14.50 -5.04
N ASP H 128 -48.44 -14.66 -3.72
CA ASP H 128 -49.69 -14.57 -2.97
C ASP H 128 -50.01 -13.16 -2.50
N TRP H 129 -49.23 -12.17 -2.94
CA TRP H 129 -49.38 -10.73 -2.70
C TRP H 129 -48.83 -10.29 -1.35
N SER H 130 -48.34 -11.21 -0.51
CA SER H 130 -47.77 -10.81 0.77
C SER H 130 -46.40 -10.18 0.57
N PHE H 131 -46.13 -9.14 1.35
CA PHE H 131 -44.92 -8.34 1.22
C PHE H 131 -43.71 -9.00 1.88
N TYR H 132 -42.53 -8.60 1.41
CA TYR H 132 -41.27 -8.97 2.06
C TYR H 132 -40.31 -7.78 1.98
N LEU H 133 -39.48 -7.66 3.01
CA LEU H 133 -38.49 -6.58 3.09
C LEU H 133 -37.23 -7.12 3.75
N LEU H 134 -36.09 -6.57 3.35
CA LEU H 134 -34.80 -6.89 3.93
C LEU H 134 -34.21 -5.65 4.55
N TYR H 135 -33.96 -5.68 5.86
CA TYR H 135 -33.28 -4.61 6.58
C TYR H 135 -31.86 -5.08 6.90
N TYR H 136 -30.88 -4.21 6.64
CA TYR H 136 -29.49 -4.64 6.72
C TYR H 136 -28.61 -3.47 7.12
N THR H 137 -27.48 -3.80 7.76
CA THR H 137 -26.48 -2.82 8.13
C THR H 137 -25.11 -3.49 8.12
N GLU H 138 -24.09 -2.72 7.77
CA GLU H 138 -22.72 -3.19 7.84
C GLU H 138 -22.25 -3.17 9.29
N PHE H 139 -21.59 -4.25 9.71
CA PHE H 139 -21.10 -4.32 11.08
C PHE H 139 -19.92 -5.27 11.16
N THR H 140 -19.16 -5.13 12.24
CA THR H 140 -18.11 -6.07 12.60
C THR H 140 -18.49 -6.76 13.90
N PRO H 141 -18.80 -8.05 13.88
CA PRO H 141 -19.24 -8.71 15.12
C PRO H 141 -18.10 -8.88 16.10
N THR H 142 -18.44 -8.83 17.38
CA THR H 142 -17.51 -9.10 18.47
C THR H 142 -18.14 -10.12 19.40
N GLU H 143 -17.38 -10.54 20.41
CA GLU H 143 -17.92 -11.49 21.39
C GLU H 143 -18.92 -10.82 22.31
N LYS H 144 -18.71 -9.55 22.65
CA LYS H 144 -19.55 -8.85 23.61
C LYS H 144 -20.82 -8.26 23.00
N ASP H 145 -20.86 -8.03 21.70
CA ASP H 145 -21.96 -7.30 21.07
C ASP H 145 -23.12 -8.23 20.73
N GLU H 146 -24.31 -7.91 21.25
CA GLU H 146 -25.53 -8.64 20.96
C GLU H 146 -26.36 -7.85 19.96
N TYR H 147 -26.90 -8.55 18.96
CA TYR H 147 -27.72 -7.92 17.93
C TYR H 147 -29.09 -8.58 17.89
N ALA H 148 -30.09 -7.79 17.49
CA ALA H 148 -31.47 -8.25 17.46
C ALA H 148 -32.25 -7.42 16.43
N CYS H 149 -33.42 -7.92 16.05
CA CYS H 149 -34.32 -7.21 15.17
C CYS H 149 -35.64 -6.97 15.89
N ARG H 150 -36.09 -5.73 15.88
CA ARG H 150 -37.36 -5.35 16.49
C ARG H 150 -38.35 -5.06 15.37
N VAL H 151 -39.47 -5.78 15.37
CA VAL H 151 -40.50 -5.66 14.33
C VAL H 151 -41.82 -5.31 15.00
N ASN H 152 -42.50 -4.30 14.46
CA ASN H 152 -43.84 -3.94 14.91
C ASN H 152 -44.76 -3.90 13.70
N HIS H 153 -45.88 -4.60 13.79
CA HIS H 153 -46.81 -4.74 12.68
C HIS H 153 -48.22 -4.86 13.24
N VAL H 154 -49.20 -4.53 12.40
CA VAL H 154 -50.60 -4.51 12.86
C VAL H 154 -51.02 -5.86 13.39
N THR H 155 -50.44 -6.95 12.89
CA THR H 155 -50.77 -8.29 13.35
C THR H 155 -50.11 -8.66 14.68
N LEU H 156 -49.20 -7.84 15.19
CA LEU H 156 -48.46 -8.14 16.41
C LEU H 156 -49.04 -7.33 17.57
N SER H 157 -49.46 -8.03 18.63
CA SER H 157 -50.02 -7.36 19.79
C SER H 157 -48.96 -6.55 20.54
N GLN H 158 -47.70 -6.93 20.43
CA GLN H 158 -46.58 -6.23 21.00
C GLN H 158 -45.41 -6.35 20.04
N PRO H 159 -44.49 -5.39 20.03
CA PRO H 159 -43.32 -5.50 19.15
C PRO H 159 -42.58 -6.80 19.43
N LYS H 160 -42.12 -7.44 18.35
CA LYS H 160 -41.46 -8.73 18.45
C LYS H 160 -39.96 -8.55 18.28
N ILE H 161 -39.20 -9.05 19.26
CA ILE H 161 -37.74 -9.00 19.23
C ILE H 161 -37.23 -10.39 18.90
N VAL H 162 -36.41 -10.48 17.86
CA VAL H 162 -35.76 -11.73 17.48
C VAL H 162 -34.26 -11.50 17.63
N LYS H 163 -33.65 -12.17 18.59
CA LYS H 163 -32.22 -12.03 18.81
C LYS H 163 -31.43 -12.74 17.71
N TRP H 164 -30.25 -12.21 17.42
CA TRP H 164 -29.40 -12.82 16.41
C TRP H 164 -28.71 -14.04 17.00
N ASP H 165 -28.99 -15.20 16.45
CA ASP H 165 -28.44 -16.47 16.90
C ASP H 165 -27.31 -16.83 15.95
N ARG H 166 -26.09 -16.93 16.47
CA ARG H 166 -24.94 -17.18 15.61
C ARG H 166 -24.95 -18.65 15.22
N ASP H 167 -25.09 -18.88 13.90
CA ASP H 167 -25.60 -20.14 13.35
C ASP H 167 -26.60 -20.82 14.27
N ILE I 2 23.10 -13.76 -6.21
CA ILE I 2 23.11 -13.72 -4.75
C ILE I 2 23.54 -15.10 -4.22
N LEU I 3 22.66 -15.80 -3.50
CA LEU I 3 23.01 -17.01 -2.78
C LEU I 3 21.80 -17.92 -2.76
N ARG I 4 22.07 -19.23 -2.70
CA ARG I 4 21.06 -20.27 -2.65
C ARG I 4 21.78 -21.58 -2.38
N TRP I 5 21.12 -22.73 -2.56
CA TRP I 5 21.66 -23.96 -2.01
C TRP I 5 23.03 -24.27 -2.59
N GLU I 6 23.71 -25.18 -1.91
CA GLU I 6 25.00 -25.72 -2.33
C GLU I 6 24.90 -27.23 -2.50
N GLN I 7 25.45 -27.71 -3.62
CA GLN I 7 25.49 -29.12 -3.97
C GLN I 7 26.92 -29.51 -4.27
N ASP I 8 27.48 -30.40 -3.46
CA ASP I 8 28.81 -30.94 -3.74
C ASP I 8 28.78 -32.45 -3.85
N ILE J 2 -20.71 22.23 20.81
CA ILE J 2 -19.88 23.42 20.98
C ILE J 2 -20.23 24.47 19.94
N LEU J 3 -20.71 25.63 20.38
CA LEU J 3 -21.21 26.62 19.45
C LEU J 3 -20.07 27.16 18.60
N ARG J 4 -20.24 27.09 17.28
CA ARG J 4 -19.24 27.69 16.40
C ARG J 4 -19.82 28.56 15.29
N TRP J 5 -20.40 27.94 14.27
CA TRP J 5 -20.71 28.60 13.01
C TRP J 5 -22.17 28.97 12.85
N GLU J 6 -22.44 30.26 12.63
CA GLU J 6 -23.72 30.73 12.08
C GLU J 6 -23.26 31.86 11.16
N GLN J 7 -23.64 32.01 9.88
CA GLN J 7 -24.36 31.15 8.93
C GLN J 7 -25.82 30.71 9.18
N ASP J 8 -26.73 31.63 8.92
CA ASP J 8 -28.16 31.33 8.80
C ASP J 8 -28.64 31.77 7.42
N ILE K 2 43.33 -6.70 21.56
CA ILE K 2 44.65 -6.43 22.11
C ILE K 2 45.66 -6.19 21.00
N LEU K 3 46.94 -6.06 21.38
CA LEU K 3 48.01 -5.64 20.48
C LEU K 3 47.62 -4.37 19.75
N ARG K 4 47.98 -4.25 18.47
CA ARG K 4 47.46 -3.17 17.62
C ARG K 4 47.56 -1.78 18.25
N TRP K 5 48.73 -1.13 18.23
CA TRP K 5 49.86 -1.40 17.35
C TRP K 5 51.12 -1.88 18.06
N GLU K 6 52.19 -2.03 17.29
CA GLU K 6 53.54 -2.22 17.80
C GLU K 6 54.47 -1.15 17.24
N GLN K 7 55.26 -0.55 18.12
CA GLN K 7 56.37 0.33 17.71
C GLN K 7 57.53 0.11 18.67
N ASP K 8 58.74 0.24 18.15
CA ASP K 8 59.94 0.18 18.98
C ASP K 8 60.76 1.47 18.86
N LEU L 1 -48.57 8.94 -20.60
CA LEU L 1 -47.15 8.63 -20.76
C LEU L 1 -46.88 7.14 -20.74
N ILE L 2 -46.94 6.50 -21.92
CA ILE L 2 -46.54 5.11 -22.15
C ILE L 2 -47.05 4.24 -21.01
N LEU L 3 -48.33 4.40 -20.66
CA LEU L 3 -48.79 3.86 -19.40
C LEU L 3 -49.10 2.38 -19.53
N ARG L 4 -48.29 1.58 -18.86
CA ARG L 4 -48.48 0.16 -18.67
C ARG L 4 -48.54 0.11 -17.17
N TRP L 5 -49.67 -0.26 -16.57
CA TRP L 5 -50.92 -0.74 -17.14
C TRP L 5 -52.05 0.26 -17.38
N GLU L 6 -53.25 -0.29 -17.57
CA GLU L 6 -54.50 0.43 -17.56
C GLU L 6 -55.40 -0.18 -16.49
N GLN L 7 -55.94 0.65 -15.61
CA GLN L 7 -56.77 0.21 -14.48
C GLN L 7 -57.92 1.18 -14.31
N ASP L 8 -59.15 0.70 -14.46
CA ASP L 8 -60.32 1.52 -14.13
C ASP L 8 -61.20 0.84 -13.09
#